data_5CLW
#
_entry.id   5CLW
#
_cell.length_a   116.689
_cell.length_b   164.536
_cell.length_c   313.208
_cell.angle_alpha   90.00
_cell.angle_beta   90.00
_cell.angle_gamma   90.00
#
_symmetry.space_group_name_H-M   'C 2 2 21'
#
loop_
_entity.id
_entity.type
_entity.pdbx_description
1 polymer '1,4-alpha-glucan-branching enzyme'
2 branched alpha-D-glucopyranose-(1-4)-alpha-D-glucopyranose-(1-4)-alpha-D-glucopyranose-(1-4)-alpha-D-glucopyranose-(1-4)-alpha-D-glucopyranose-(1-4)-alpha-D-glucopyranose-(1-4)-alpha-D-glucopyranose
3 non-polymer 'SODIUM ION'
4 water water
#
_entity_poly.entity_id   1
_entity_poly.type   'polypeptide(L)'
_entity_poly.pdbx_seq_one_letter_code
;YFQSMLKPYAVDFQRRYKQFSQILKNIGENEGGIDKFSRGYESFGVHRCADGGLYCKEWAPGAEGVFLTGDFNGWNPFSY
PYKKLDYGKWELYIPPKQNKSVLVPHGSKLKVVITSKSGEILYRISPWAKYVVREGDNVNYDWIHWDPEHSYEFKHSRPK
KPRSLRIYESHVGISSHEGKVASYKHFTCNVLPRIKGLGYNCIQLMAIMEHAYYASFGYQITSFFAASSRYGSPEELQEL
VDTAHSMGIIVLLDVVHSHASKNSADGLNMFDGTDSCYFHSGPRGTHDLWDSRLFAYSSWEVLRFLLSNIRWWLEEYRFD
GFRFDGVTSMLYHHHGVGQGFSGDYSEYFGLQVDEDALTYLMLANHLVHTLCPDSITIAEDVSGMPALCSPISQGGGGFD
YRLAMAIPDKWIQLLKEFKDEDWNMGDIVYTLTNRRYLEKCIAYAESHDQALVGDKSLAFWLMDAEMYTNMSVLTPFTPV
IDRGIQLHKMIRLITHGLGGEGYLNFMGNEFGHPEWLDFPRKGNNESYHYARRQFHLTDDDLLRYKFLNNFDRDMNRLEE
RYGWLAAPQAYVSEKHEGNKIIAFERAGLLFIFNFHPSKSYTDYRVGTALPGKFKIVLDSDAAEYGGHQRLDHSTDFFSE
AFEHNGRPYSLLVYIPSRVALILQNVDL
;
_entity_poly.pdbx_strand_id   A,B,C
#
# COMPACT_ATOMS: atom_id res chain seq x y z
N VAL A 11 -52.18 -32.77 4.24
CA VAL A 11 -51.09 -33.22 3.36
C VAL A 11 -51.51 -33.13 1.85
N ASP A 12 -51.06 -32.04 1.15
CA ASP A 12 -51.25 -31.77 -0.30
C ASP A 12 -49.84 -31.54 -0.89
N PHE A 13 -49.38 -32.49 -1.72
CA PHE A 13 -48.04 -32.48 -2.28
C PHE A 13 -47.83 -31.42 -3.33
N GLN A 14 -48.93 -31.00 -3.96
CA GLN A 14 -48.92 -29.95 -4.96
C GLN A 14 -48.68 -28.62 -4.25
N ARG A 15 -49.18 -28.52 -2.98
CA ARG A 15 -49.03 -27.35 -2.10
C ARG A 15 -47.59 -27.20 -1.64
N ARG A 16 -47.04 -28.27 -1.01
N ARG A 16 -47.03 -28.27 -1.01
CA ARG A 16 -45.66 -28.33 -0.50
CA ARG A 16 -45.66 -28.32 -0.49
C ARG A 16 -44.63 -27.89 -1.55
C ARG A 16 -44.62 -27.92 -1.54
N TYR A 17 -44.84 -28.31 -2.80
CA TYR A 17 -43.95 -27.94 -3.89
C TYR A 17 -44.16 -26.47 -4.28
N LYS A 18 -45.42 -26.04 -4.59
CA LYS A 18 -45.76 -24.67 -5.01
C LYS A 18 -45.20 -23.65 -4.04
N GLN A 19 -45.32 -23.91 -2.71
CA GLN A 19 -44.81 -23.04 -1.65
C GLN A 19 -43.28 -22.93 -1.72
N PHE A 20 -42.57 -24.08 -1.64
CA PHE A 20 -41.11 -24.19 -1.78
C PHE A 20 -40.66 -23.44 -3.03
N SER A 21 -41.22 -23.81 -4.23
CA SER A 21 -40.91 -23.23 -5.54
C SER A 21 -40.95 -21.69 -5.53
N GLN A 22 -41.93 -21.11 -4.78
CA GLN A 22 -42.12 -19.66 -4.67
C GLN A 22 -40.99 -19.02 -3.89
N ILE A 23 -40.74 -19.51 -2.66
CA ILE A 23 -39.68 -19.00 -1.79
C ILE A 23 -38.33 -19.10 -2.48
N LEU A 24 -38.04 -20.22 -3.17
CA LEU A 24 -36.80 -20.41 -3.92
C LEU A 24 -36.65 -19.41 -5.07
N LYS A 25 -37.77 -19.08 -5.73
CA LYS A 25 -37.83 -18.12 -6.85
C LYS A 25 -37.47 -16.74 -6.34
N ASN A 26 -37.95 -16.41 -5.11
CA ASN A 26 -37.73 -15.13 -4.43
C ASN A 26 -36.29 -15.00 -3.97
N ILE A 27 -35.67 -16.11 -3.54
CA ILE A 27 -34.27 -16.17 -3.16
C ILE A 27 -33.44 -15.79 -4.40
N GLY A 28 -33.92 -16.20 -5.57
CA GLY A 28 -33.26 -15.86 -6.83
C GLY A 28 -33.43 -14.42 -7.28
N GLU A 29 -34.65 -13.83 -7.11
CA GLU A 29 -34.97 -12.45 -7.50
C GLU A 29 -34.39 -11.42 -6.52
N ASN A 30 -34.48 -11.71 -5.19
CA ASN A 30 -34.06 -10.84 -4.08
C ASN A 30 -32.59 -10.97 -3.69
N GLU A 31 -32.09 -12.21 -3.57
CA GLU A 31 -30.68 -12.53 -3.29
C GLU A 31 -30.16 -13.01 -4.65
N GLY A 32 -29.00 -13.61 -4.74
CA GLY A 32 -28.61 -13.99 -6.09
C GLY A 32 -28.68 -15.49 -6.33
N GLY A 33 -29.71 -16.15 -5.77
CA GLY A 33 -29.87 -17.60 -5.81
C GLY A 33 -29.47 -18.16 -4.48
N ILE A 34 -29.74 -19.46 -4.23
CA ILE A 34 -29.45 -20.09 -2.93
C ILE A 34 -27.92 -20.17 -2.61
N ASP A 35 -27.03 -20.15 -3.61
CA ASP A 35 -25.58 -20.16 -3.37
C ASP A 35 -25.19 -18.85 -2.66
N LYS A 36 -25.43 -17.70 -3.33
CA LYS A 36 -25.17 -16.37 -2.79
C LYS A 36 -25.92 -16.18 -1.46
N PHE A 37 -27.21 -16.52 -1.38
CA PHE A 37 -28.02 -16.36 -0.16
C PHE A 37 -27.41 -17.06 1.06
N SER A 38 -26.87 -18.28 0.87
CA SER A 38 -26.29 -19.11 1.93
C SER A 38 -24.84 -18.76 2.30
N ARG A 39 -24.28 -17.68 1.71
CA ARG A 39 -22.91 -17.23 2.03
C ARG A 39 -22.93 -16.00 2.96
N GLY A 40 -23.98 -15.90 3.79
CA GLY A 40 -24.19 -14.83 4.76
C GLY A 40 -23.07 -14.69 5.78
N TYR A 41 -22.40 -15.80 6.14
CA TYR A 41 -21.28 -15.82 7.10
C TYR A 41 -20.02 -15.05 6.63
N GLU A 42 -19.99 -14.68 5.33
CA GLU A 42 -18.91 -13.95 4.68
C GLU A 42 -18.95 -12.44 4.93
N SER A 43 -20.13 -11.90 5.28
CA SER A 43 -20.34 -10.48 5.57
C SER A 43 -20.82 -10.23 7.03
N PHE A 44 -21.77 -11.04 7.50
CA PHE A 44 -22.24 -10.93 8.87
C PHE A 44 -21.17 -11.46 9.82
N GLY A 45 -21.16 -10.91 11.03
CA GLY A 45 -20.18 -11.25 12.04
C GLY A 45 -19.12 -10.16 12.13
N VAL A 46 -17.87 -10.58 12.37
CA VAL A 46 -16.69 -9.73 12.51
C VAL A 46 -15.60 -10.23 11.56
N HIS A 47 -15.12 -9.34 10.66
CA HIS A 47 -14.14 -9.75 9.65
C HIS A 47 -12.97 -8.82 9.52
N ARG A 48 -11.76 -9.38 9.45
CA ARG A 48 -10.61 -8.53 9.20
C ARG A 48 -10.42 -8.43 7.70
N CYS A 49 -10.36 -7.20 7.18
CA CYS A 49 -10.18 -6.93 5.76
C CYS A 49 -8.70 -6.93 5.37
N ALA A 50 -8.43 -7.06 4.06
CA ALA A 50 -7.09 -7.09 3.47
C ALA A 50 -6.37 -5.74 3.62
N ASP A 51 -7.16 -4.68 3.89
CA ASP A 51 -6.66 -3.33 4.08
C ASP A 51 -6.30 -3.04 5.55
N GLY A 52 -6.41 -4.06 6.43
CA GLY A 52 -6.11 -3.92 7.84
C GLY A 52 -7.26 -3.44 8.71
N GLY A 53 -8.33 -2.93 8.08
CA GLY A 53 -9.53 -2.51 8.78
C GLY A 53 -10.38 -3.70 9.25
N LEU A 54 -11.50 -3.41 9.92
CA LEU A 54 -12.41 -4.44 10.43
C LEU A 54 -13.83 -4.18 9.98
N TYR A 55 -14.44 -5.14 9.24
CA TYR A 55 -15.82 -5.02 8.78
C TYR A 55 -16.75 -5.91 9.61
N CYS A 56 -17.85 -5.31 10.13
CA CYS A 56 -18.84 -5.99 10.96
C CYS A 56 -20.25 -5.79 10.49
N LYS A 57 -21.09 -6.84 10.57
CA LYS A 57 -22.51 -6.73 10.18
C LYS A 57 -23.39 -7.62 11.05
N GLU A 58 -24.56 -7.09 11.44
CA GLU A 58 -25.53 -7.77 12.29
C GLU A 58 -26.95 -7.44 11.88
N TRP A 59 -27.89 -8.33 12.26
CA TRP A 59 -29.31 -8.10 12.09
C TRP A 59 -29.86 -7.96 13.50
N ALA A 60 -30.24 -6.72 13.87
CA ALA A 60 -30.84 -6.41 15.18
C ALA A 60 -32.03 -5.46 14.87
N PRO A 61 -33.20 -6.03 14.45
CA PRO A 61 -34.32 -5.19 14.02
C PRO A 61 -34.90 -4.23 15.08
N GLY A 62 -34.86 -4.68 16.34
CA GLY A 62 -35.34 -3.93 17.49
C GLY A 62 -34.26 -3.33 18.37
N ALA A 63 -33.21 -2.80 17.74
CA ALA A 63 -32.14 -2.10 18.47
C ALA A 63 -32.23 -0.62 18.09
N GLU A 64 -32.00 0.28 19.09
CA GLU A 64 -31.92 1.73 18.91
C GLU A 64 -30.51 2.04 18.39
N GLY A 65 -29.53 1.28 18.89
CA GLY A 65 -28.14 1.37 18.49
C GLY A 65 -27.38 0.09 18.72
N VAL A 66 -26.37 -0.18 17.84
CA VAL A 66 -25.51 -1.37 17.88
C VAL A 66 -24.04 -0.87 17.91
N PHE A 67 -23.16 -1.52 18.70
CA PHE A 67 -21.76 -1.11 18.88
C PHE A 67 -20.84 -2.31 19.07
N LEU A 68 -19.53 -2.12 18.83
CA LEU A 68 -18.54 -3.17 19.07
C LEU A 68 -17.59 -2.72 20.19
N THR A 69 -17.41 -3.62 21.18
CA THR A 69 -16.57 -3.37 22.35
C THR A 69 -15.77 -4.64 22.62
N GLY A 70 -14.73 -4.52 23.45
CA GLY A 70 -13.92 -5.65 23.80
C GLY A 70 -12.57 -5.24 24.33
N ASP A 71 -11.68 -6.22 24.54
CA ASP A 71 -10.32 -5.98 25.00
C ASP A 71 -9.64 -4.95 24.10
N PHE A 72 -9.76 -5.10 22.77
CA PHE A 72 -9.18 -4.22 21.76
C PHE A 72 -9.45 -2.72 21.97
N ASN A 73 -10.57 -2.33 22.60
CA ASN A 73 -10.87 -0.92 22.78
C ASN A 73 -11.05 -0.51 24.28
N GLY A 74 -10.51 -1.34 25.19
CA GLY A 74 -10.58 -1.13 26.63
C GLY A 74 -11.99 -1.09 27.17
N TRP A 75 -12.87 -1.92 26.58
CA TRP A 75 -14.28 -2.10 26.91
C TRP A 75 -15.08 -0.79 26.97
N ASN A 76 -14.72 0.16 26.10
CA ASN A 76 -15.46 1.41 25.93
C ASN A 76 -16.70 0.97 25.14
N PRO A 77 -17.90 1.04 25.73
CA PRO A 77 -19.08 0.53 25.02
C PRO A 77 -19.56 1.29 23.81
N PHE A 78 -19.36 2.62 23.73
CA PHE A 78 -19.98 3.34 22.62
C PHE A 78 -19.06 3.99 21.57
N SER A 79 -17.73 3.79 21.70
CA SER A 79 -16.73 4.34 20.79
C SER A 79 -16.86 3.87 19.33
N TYR A 80 -17.46 2.67 19.11
CA TYR A 80 -17.61 2.11 17.78
C TYR A 80 -19.08 1.82 17.40
N PRO A 81 -19.84 2.89 17.06
CA PRO A 81 -21.22 2.69 16.64
C PRO A 81 -21.35 2.14 15.24
N TYR A 82 -22.25 1.15 15.06
CA TYR A 82 -22.57 0.57 13.77
C TYR A 82 -23.52 1.59 13.14
N LYS A 83 -23.53 1.64 11.82
CA LYS A 83 -24.37 2.51 11.00
C LYS A 83 -25.62 1.70 10.67
N LYS A 84 -26.82 2.30 10.85
CA LYS A 84 -28.08 1.62 10.55
C LYS A 84 -28.29 1.54 9.04
N LEU A 85 -28.69 0.36 8.57
CA LEU A 85 -29.04 0.13 7.16
C LEU A 85 -30.52 -0.25 7.07
N ASP A 86 -31.02 -0.49 5.84
CA ASP A 86 -32.38 -0.95 5.63
C ASP A 86 -32.58 -2.35 6.26
N TYR A 87 -33.85 -2.74 6.42
CA TYR A 87 -34.27 -4.06 6.89
C TYR A 87 -33.70 -4.50 8.27
N GLY A 88 -33.50 -3.53 9.16
CA GLY A 88 -33.01 -3.78 10.51
C GLY A 88 -31.59 -4.31 10.63
N LYS A 89 -30.78 -4.08 9.62
CA LYS A 89 -29.37 -4.51 9.59
C LYS A 89 -28.44 -3.33 9.92
N TRP A 90 -27.27 -3.64 10.48
CA TRP A 90 -26.30 -2.65 10.92
C TRP A 90 -24.89 -3.03 10.48
N GLU A 91 -24.09 -2.07 9.98
CA GLU A 91 -22.70 -2.37 9.59
C GLU A 91 -21.70 -1.41 10.24
N LEU A 92 -20.51 -1.91 10.55
CA LEU A 92 -19.43 -1.13 11.12
C LEU A 92 -18.13 -1.40 10.40
N TYR A 93 -17.41 -0.34 10.03
CA TYR A 93 -16.07 -0.50 9.49
C TYR A 93 -15.11 0.35 10.31
N ILE A 94 -14.25 -0.32 11.09
CA ILE A 94 -13.22 0.37 11.87
C ILE A 94 -12.02 0.53 10.91
N PRO A 95 -11.53 1.78 10.67
CA PRO A 95 -10.39 1.98 9.76
C PRO A 95 -9.13 1.31 10.26
N PRO A 96 -8.20 0.96 9.35
CA PRO A 96 -6.95 0.33 9.82
C PRO A 96 -6.11 1.26 10.71
N LYS A 97 -5.31 0.64 11.62
CA LYS A 97 -4.41 1.34 12.54
C LYS A 97 -3.29 2.09 11.76
N GLN A 98 -2.91 3.31 12.26
CA GLN A 98 -1.85 4.15 11.65
C GLN A 98 -0.53 3.39 11.63
N ASN A 99 -0.20 2.71 12.76
CA ASN A 99 1.00 1.89 12.90
C ASN A 99 0.96 0.56 12.12
N LYS A 100 -0.15 0.31 11.36
CA LYS A 100 -0.38 -0.89 10.54
C LYS A 100 -0.35 -2.21 11.36
N SER A 101 -0.87 -2.18 12.60
CA SER A 101 -0.95 -3.39 13.44
C SER A 101 -2.40 -3.88 13.49
N VAL A 102 -2.61 -5.14 13.96
CA VAL A 102 -3.96 -5.73 14.05
C VAL A 102 -4.87 -4.92 14.99
N LEU A 103 -6.11 -4.64 14.56
CA LEU A 103 -7.09 -3.91 15.35
C LEU A 103 -7.53 -4.83 16.51
N VAL A 104 -8.07 -6.02 16.16
CA VAL A 104 -8.56 -7.02 17.10
C VAL A 104 -7.63 -8.23 17.12
N PRO A 105 -6.75 -8.32 18.13
CA PRO A 105 -5.84 -9.48 18.21
C PRO A 105 -6.54 -10.82 18.37
N HIS A 106 -5.95 -11.85 17.77
CA HIS A 106 -6.42 -13.24 17.88
C HIS A 106 -6.37 -13.65 19.35
N GLY A 107 -7.45 -14.28 19.83
CA GLY A 107 -7.55 -14.76 21.20
C GLY A 107 -8.20 -13.79 22.15
N SER A 108 -8.41 -12.52 21.71
CA SER A 108 -9.00 -11.46 22.52
C SER A 108 -10.53 -11.53 22.57
N LYS A 109 -11.13 -11.00 23.66
CA LYS A 109 -12.57 -10.97 23.94
C LYS A 109 -13.30 -9.81 23.24
N LEU A 110 -14.51 -10.10 22.77
CA LEU A 110 -15.37 -9.17 22.04
C LEU A 110 -16.80 -9.28 22.54
N LYS A 111 -17.61 -8.26 22.25
CA LYS A 111 -19.03 -8.21 22.62
C LYS A 111 -19.73 -7.19 21.74
N VAL A 112 -20.98 -7.47 21.39
CA VAL A 112 -21.80 -6.57 20.61
C VAL A 112 -22.62 -5.85 21.66
N VAL A 113 -22.74 -4.52 21.55
CA VAL A 113 -23.53 -3.73 22.48
C VAL A 113 -24.81 -3.31 21.76
N ILE A 114 -25.95 -3.67 22.35
CA ILE A 114 -27.30 -3.37 21.85
C ILE A 114 -27.94 -2.42 22.87
N THR A 115 -28.46 -1.29 22.36
CA THR A 115 -29.18 -0.32 23.19
C THR A 115 -30.64 -0.37 22.78
N SER A 116 -31.54 -0.49 23.78
CA SER A 116 -32.98 -0.56 23.56
C SER A 116 -33.65 0.82 23.55
N LYS A 117 -34.94 0.88 23.10
CA LYS A 117 -35.76 2.11 23.08
C LYS A 117 -35.90 2.65 24.51
N SER A 118 -36.03 1.71 25.50
CA SER A 118 -36.13 1.99 26.94
C SER A 118 -34.83 2.65 27.49
N GLY A 119 -33.68 2.09 27.09
CA GLY A 119 -32.37 2.59 27.49
C GLY A 119 -31.44 1.54 28.06
N GLU A 120 -31.84 0.24 27.99
CA GLU A 120 -31.03 -0.89 28.49
C GLU A 120 -29.74 -1.00 27.68
N ILE A 121 -28.65 -1.37 28.35
CA ILE A 121 -27.38 -1.56 27.66
C ILE A 121 -27.09 -3.04 27.74
N LEU A 122 -27.33 -3.74 26.62
CA LEU A 122 -27.19 -5.20 26.51
C LEU A 122 -25.88 -5.64 25.86
N TYR A 123 -25.19 -6.61 26.48
CA TYR A 123 -23.94 -7.20 26.00
C TYR A 123 -24.23 -8.60 25.47
N ARG A 124 -23.97 -8.78 24.17
CA ARG A 124 -24.29 -10.02 23.44
C ARG A 124 -23.10 -10.61 22.67
N ILE A 125 -23.14 -11.93 22.42
CA ILE A 125 -22.17 -12.64 21.59
C ILE A 125 -22.83 -12.66 20.19
N SER A 126 -22.09 -12.32 19.12
CA SER A 126 -22.67 -12.29 17.77
C SER A 126 -23.26 -13.66 17.40
N PRO A 127 -24.49 -13.68 16.83
CA PRO A 127 -25.09 -14.94 16.37
C PRO A 127 -24.15 -15.76 15.45
N TRP A 128 -23.34 -15.00 14.68
CA TRP A 128 -22.37 -15.45 13.69
C TRP A 128 -21.00 -15.85 14.23
N ALA A 129 -20.76 -15.70 15.55
CA ALA A 129 -19.49 -16.04 16.21
C ALA A 129 -18.98 -17.42 15.88
N LYS A 130 -17.71 -17.47 15.46
CA LYS A 130 -16.93 -18.63 15.04
C LYS A 130 -16.37 -19.44 16.23
N TYR A 131 -16.06 -18.76 17.37
CA TYR A 131 -15.42 -19.38 18.54
C TYR A 131 -15.81 -18.69 19.84
N VAL A 132 -16.20 -19.49 20.85
CA VAL A 132 -16.61 -19.02 22.20
C VAL A 132 -15.99 -19.92 23.28
N VAL A 133 -15.42 -19.31 24.35
CA VAL A 133 -14.79 -20.08 25.43
C VAL A 133 -15.32 -19.68 26.83
N ARG A 134 -15.52 -20.69 27.72
CA ARG A 134 -15.90 -20.48 29.13
C ARG A 134 -14.60 -20.52 29.91
N GLU A 135 -14.22 -19.37 30.52
CA GLU A 135 -12.97 -19.24 31.28
C GLU A 135 -13.10 -19.81 32.67
N GLY A 136 -12.37 -20.88 32.93
CA GLY A 136 -12.37 -21.57 34.20
C GLY A 136 -13.77 -21.86 34.72
N ASP A 137 -14.13 -21.22 35.87
CA ASP A 137 -15.40 -21.40 36.55
C ASP A 137 -16.40 -20.27 36.29
N ASN A 138 -16.25 -19.53 35.17
CA ASN A 138 -17.17 -18.44 34.84
C ASN A 138 -18.57 -18.94 34.55
N VAL A 139 -19.56 -18.12 34.85
CA VAL A 139 -20.96 -18.46 34.59
C VAL A 139 -21.26 -18.46 33.08
N ASN A 140 -20.70 -17.46 32.35
CA ASN A 140 -20.93 -17.31 30.91
C ASN A 140 -19.72 -17.53 30.03
N TYR A 141 -20.01 -17.77 28.74
CA TYR A 141 -19.02 -17.93 27.70
C TYR A 141 -18.59 -16.53 27.22
N ASP A 142 -17.31 -16.43 26.88
CA ASP A 142 -16.69 -15.23 26.33
C ASP A 142 -16.62 -15.42 24.82
N TRP A 143 -16.77 -14.33 24.06
CA TRP A 143 -16.64 -14.40 22.61
C TRP A 143 -15.16 -14.13 22.18
N ILE A 144 -14.45 -15.21 21.82
CA ILE A 144 -13.04 -15.17 21.41
C ILE A 144 -12.88 -14.93 19.91
N HIS A 145 -12.19 -13.83 19.55
CA HIS A 145 -11.91 -13.51 18.16
C HIS A 145 -10.91 -14.51 17.63
N TRP A 146 -11.30 -15.19 16.53
CA TRP A 146 -10.45 -16.22 15.94
C TRP A 146 -9.75 -15.76 14.66
N ASP A 147 -8.45 -15.49 14.77
CA ASP A 147 -7.63 -15.07 13.65
C ASP A 147 -6.25 -15.72 13.76
N PRO A 148 -6.16 -17.07 13.66
CA PRO A 148 -4.84 -17.72 13.82
C PRO A 148 -3.80 -17.33 12.77
N GLU A 149 -2.52 -17.54 13.10
CA GLU A 149 -1.40 -17.25 12.20
C GLU A 149 -1.57 -18.13 10.96
N HIS A 150 -1.77 -19.44 11.17
CA HIS A 150 -1.99 -20.35 10.04
C HIS A 150 -3.35 -21.03 10.10
N SER A 151 -4.03 -21.01 8.96
CA SER A 151 -5.31 -21.71 8.77
C SER A 151 -5.00 -23.18 8.51
N TYR A 152 -5.99 -24.08 8.71
CA TYR A 152 -5.78 -25.49 8.38
C TYR A 152 -6.04 -25.64 6.88
N GLU A 153 -5.07 -26.19 6.16
CA GLU A 153 -5.25 -26.45 4.74
C GLU A 153 -5.68 -27.92 4.59
N PHE A 154 -6.89 -28.12 4.00
CA PHE A 154 -7.41 -29.45 3.75
C PHE A 154 -6.53 -30.12 2.72
N LYS A 155 -6.00 -31.29 3.07
CA LYS A 155 -5.08 -32.05 2.25
C LYS A 155 -5.75 -33.21 1.52
N HIS A 156 -6.96 -33.65 1.96
CA HIS A 156 -7.62 -34.81 1.37
C HIS A 156 -8.98 -34.51 0.77
N SER A 157 -9.28 -35.25 -0.30
CA SER A 157 -10.52 -35.13 -1.04
C SER A 157 -11.63 -36.01 -0.40
N ARG A 158 -12.91 -35.60 -0.60
CA ARG A 158 -14.10 -36.30 -0.12
C ARG A 158 -14.09 -37.73 -0.66
N PRO A 159 -14.36 -38.76 0.18
CA PRO A 159 -14.36 -40.14 -0.34
C PRO A 159 -15.51 -40.35 -1.35
N LYS A 160 -15.41 -41.40 -2.16
CA LYS A 160 -16.44 -41.75 -3.13
C LYS A 160 -17.70 -42.05 -2.33
N LYS A 161 -18.88 -41.58 -2.79
CA LYS A 161 -20.13 -41.82 -2.06
C LYS A 161 -20.28 -43.33 -1.78
N PRO A 162 -20.49 -43.74 -0.50
CA PRO A 162 -20.62 -45.18 -0.21
C PRO A 162 -21.86 -45.78 -0.86
N ARG A 163 -21.76 -47.08 -1.20
CA ARG A 163 -22.84 -47.87 -1.78
C ARG A 163 -23.98 -47.96 -0.71
N SER A 164 -23.58 -48.26 0.54
CA SER A 164 -24.44 -48.45 1.72
C SER A 164 -23.74 -47.73 2.88
N LEU A 165 -24.51 -47.05 3.75
CA LEU A 165 -23.97 -46.35 4.93
C LEU A 165 -23.86 -47.27 6.15
N ARG A 166 -22.71 -47.28 6.83
CA ARG A 166 -22.45 -48.02 8.05
C ARG A 166 -21.94 -47.00 9.03
N ILE A 167 -22.88 -46.34 9.72
CA ILE A 167 -22.69 -45.20 10.60
C ILE A 167 -22.23 -45.56 12.02
N TYR A 168 -21.20 -44.86 12.49
CA TYR A 168 -20.69 -44.96 13.84
C TYR A 168 -21.01 -43.63 14.50
N GLU A 169 -22.12 -43.59 15.28
CA GLU A 169 -22.61 -42.42 16.00
C GLU A 169 -21.62 -42.15 17.17
N SER A 170 -20.99 -40.96 17.12
CA SER A 170 -19.91 -40.56 18.02
C SER A 170 -20.14 -39.24 18.69
N HIS A 171 -19.59 -39.13 19.89
CA HIS A 171 -19.50 -37.96 20.73
C HIS A 171 -18.00 -37.85 21.04
N VAL A 172 -17.41 -36.68 20.80
CA VAL A 172 -15.98 -36.48 20.97
C VAL A 172 -15.56 -36.47 22.46
N GLY A 173 -16.31 -35.76 23.31
CA GLY A 173 -16.01 -35.61 24.73
C GLY A 173 -15.87 -36.90 25.51
N ILE A 174 -16.79 -37.81 25.27
CA ILE A 174 -16.88 -39.11 25.97
C ILE A 174 -16.03 -40.20 25.31
N SER A 175 -15.29 -39.88 24.23
CA SER A 175 -14.54 -40.88 23.45
C SER A 175 -13.22 -41.39 24.09
N SER A 176 -12.98 -41.10 25.38
CA SER A 176 -11.78 -41.59 26.10
C SER A 176 -12.20 -42.34 27.37
N HIS A 177 -11.27 -43.15 27.93
CA HIS A 177 -11.51 -43.90 29.18
C HIS A 177 -11.41 -42.98 30.43
N GLU A 178 -10.93 -41.73 30.24
CA GLU A 178 -10.78 -40.73 31.28
C GLU A 178 -12.08 -40.00 31.52
N GLY A 179 -12.32 -39.63 32.77
CA GLY A 179 -13.47 -38.85 33.19
C GLY A 179 -13.17 -37.38 33.06
N LYS A 180 -13.16 -36.91 31.80
CA LYS A 180 -12.91 -35.52 31.39
C LYS A 180 -13.46 -35.33 29.96
N VAL A 181 -13.51 -34.08 29.46
CA VAL A 181 -13.92 -33.83 28.08
C VAL A 181 -12.72 -34.19 27.15
N ALA A 182 -12.82 -35.29 26.37
CA ALA A 182 -11.76 -35.69 25.42
C ALA A 182 -11.69 -34.69 24.25
N SER A 183 -10.53 -34.62 23.59
CA SER A 183 -10.28 -33.65 22.52
C SER A 183 -10.50 -34.16 21.11
N TYR A 184 -10.58 -33.20 20.15
CA TYR A 184 -10.66 -33.43 18.72
C TYR A 184 -9.42 -34.23 18.35
N LYS A 185 -8.24 -33.80 18.85
CA LYS A 185 -6.95 -34.48 18.61
C LYS A 185 -6.98 -35.93 19.09
N HIS A 186 -7.51 -36.21 20.31
CA HIS A 186 -7.62 -37.58 20.84
C HIS A 186 -8.45 -38.46 19.90
N PHE A 187 -9.65 -37.97 19.51
CA PHE A 187 -10.57 -38.64 18.60
C PHE A 187 -9.88 -38.96 17.26
N THR A 188 -9.15 -37.97 16.69
CA THR A 188 -8.40 -38.07 15.42
C THR A 188 -7.32 -39.17 15.46
N CYS A 189 -6.57 -39.26 16.56
CA CYS A 189 -5.47 -40.22 16.69
C CYS A 189 -5.88 -41.58 17.14
N ASN A 190 -6.77 -41.62 18.11
CA ASN A 190 -7.11 -42.86 18.80
C ASN A 190 -8.45 -43.47 18.43
N VAL A 191 -9.48 -42.64 18.19
CA VAL A 191 -10.82 -43.13 17.87
C VAL A 191 -11.05 -43.37 16.33
N LEU A 192 -10.51 -42.51 15.43
CA LEU A 192 -10.64 -42.77 13.97
C LEU A 192 -10.10 -44.16 13.53
N PRO A 193 -8.87 -44.59 13.89
CA PRO A 193 -8.42 -45.93 13.47
C PRO A 193 -9.27 -47.11 13.95
N ARG A 194 -9.92 -46.98 15.14
CA ARG A 194 -10.81 -48.01 15.70
C ARG A 194 -12.06 -48.13 14.82
N ILE A 195 -12.70 -46.98 14.49
CA ILE A 195 -13.88 -46.90 13.63
C ILE A 195 -13.58 -47.57 12.26
N LYS A 196 -12.44 -47.20 11.63
CA LYS A 196 -12.01 -47.78 10.35
C LYS A 196 -11.85 -49.31 10.44
N GLY A 197 -11.17 -49.76 11.48
CA GLY A 197 -10.91 -51.18 11.74
C GLY A 197 -12.16 -52.02 11.88
N LEU A 198 -13.25 -51.42 12.40
CA LEU A 198 -14.54 -52.10 12.60
C LEU A 198 -15.34 -52.29 11.32
N GLY A 199 -14.98 -51.58 10.25
CA GLY A 199 -15.71 -51.66 8.99
C GLY A 199 -16.74 -50.56 8.79
N TYR A 200 -16.76 -49.55 9.66
CA TYR A 200 -17.69 -48.44 9.52
C TYR A 200 -17.12 -47.50 8.46
N ASN A 201 -17.97 -46.95 7.61
CA ASN A 201 -17.55 -46.10 6.51
C ASN A 201 -18.09 -44.67 6.62
N CYS A 202 -18.76 -44.40 7.76
CA CYS A 202 -19.39 -43.12 8.06
C CYS A 202 -19.42 -42.86 9.58
N ILE A 203 -19.22 -41.60 9.98
CA ILE A 203 -19.24 -41.13 11.36
C ILE A 203 -20.33 -40.08 11.48
N GLN A 204 -21.25 -40.26 12.43
CA GLN A 204 -22.28 -39.26 12.73
C GLN A 204 -21.73 -38.52 13.95
N LEU A 205 -21.24 -37.32 13.73
CA LEU A 205 -20.65 -36.52 14.77
C LEU A 205 -21.70 -35.71 15.51
N MET A 206 -21.91 -36.10 16.76
CA MET A 206 -22.86 -35.51 17.70
C MET A 206 -22.21 -34.38 18.45
N ALA A 207 -23.04 -33.47 19.01
CA ALA A 207 -22.62 -32.42 19.92
C ALA A 207 -21.44 -31.56 19.45
N ILE A 208 -21.44 -31.14 18.17
CA ILE A 208 -20.36 -30.31 17.66
C ILE A 208 -20.75 -28.85 17.78
N MET A 209 -21.98 -28.48 17.32
CA MET A 209 -22.48 -27.11 17.43
C MET A 209 -22.43 -26.67 18.90
N GLU A 210 -21.93 -25.46 19.17
CA GLU A 210 -21.73 -25.01 20.52
C GLU A 210 -23.00 -25.01 21.37
N HIS A 211 -22.90 -25.70 22.50
CA HIS A 211 -23.89 -25.84 23.56
C HIS A 211 -23.18 -25.53 24.90
N ALA A 212 -23.72 -24.61 25.71
CA ALA A 212 -23.06 -24.26 26.99
C ALA A 212 -23.22 -25.38 28.03
N TYR A 213 -24.38 -26.08 28.00
CA TYR A 213 -24.72 -27.17 28.91
C TYR A 213 -24.29 -28.53 28.34
N TYR A 214 -23.13 -29.02 28.80
CA TYR A 214 -22.56 -30.30 28.34
C TYR A 214 -23.55 -31.46 28.48
N ALA A 215 -24.30 -31.50 29.59
CA ALA A 215 -25.27 -32.57 29.87
C ALA A 215 -26.51 -32.53 28.96
N SER A 216 -26.59 -31.58 28.02
CA SER A 216 -27.69 -31.52 27.05
C SER A 216 -27.43 -32.46 25.82
N PHE A 217 -26.24 -33.14 25.78
CA PHE A 217 -25.80 -34.06 24.71
C PHE A 217 -25.74 -33.35 23.33
N GLY A 218 -25.63 -32.03 23.35
CA GLY A 218 -25.49 -31.17 22.18
C GLY A 218 -26.78 -30.65 21.61
N TYR A 219 -27.88 -30.79 22.37
CA TYR A 219 -29.22 -30.40 21.92
C TYR A 219 -29.64 -29.00 22.36
N GLN A 220 -28.86 -28.34 23.24
CA GLN A 220 -29.15 -26.97 23.69
C GLN A 220 -28.11 -25.99 23.11
N ILE A 221 -28.33 -25.54 21.87
CA ILE A 221 -27.39 -24.68 21.12
C ILE A 221 -27.40 -23.22 21.59
N THR A 222 -26.18 -22.70 21.87
CA THR A 222 -25.91 -21.32 22.31
C THR A 222 -25.29 -20.50 21.17
N SER A 223 -24.25 -21.04 20.52
CA SER A 223 -23.58 -20.39 19.37
C SER A 223 -23.65 -21.34 18.15
N PHE A 224 -24.49 -20.97 17.16
CA PHE A 224 -24.77 -21.81 15.99
C PHE A 224 -23.63 -21.98 14.98
N PHE A 225 -22.73 -20.98 14.86
CA PHE A 225 -21.62 -21.07 13.91
C PHE A 225 -20.32 -21.52 14.56
N ALA A 226 -20.40 -21.84 15.86
CA ALA A 226 -19.24 -22.22 16.64
C ALA A 226 -19.10 -23.71 16.91
N ALA A 227 -17.95 -24.26 16.51
CA ALA A 227 -17.54 -25.62 16.79
C ALA A 227 -17.17 -25.60 18.29
N SER A 228 -17.78 -26.50 19.10
CA SER A 228 -17.55 -26.55 20.53
C SER A 228 -16.08 -26.39 20.92
N SER A 229 -15.78 -25.35 21.74
CA SER A 229 -14.42 -25.04 22.21
C SER A 229 -13.90 -26.13 23.11
N ARG A 230 -14.81 -26.71 23.89
CA ARG A 230 -14.71 -27.83 24.82
C ARG A 230 -13.70 -28.92 24.44
N TYR A 231 -13.69 -29.28 23.13
CA TYR A 231 -12.84 -30.35 22.58
C TYR A 231 -11.56 -29.84 21.90
N GLY A 232 -11.48 -28.52 21.70
CA GLY A 232 -10.35 -27.89 21.06
C GLY A 232 -10.70 -26.74 20.14
N SER A 233 -9.73 -26.36 19.28
CA SER A 233 -9.83 -25.24 18.34
C SER A 233 -10.56 -25.61 17.02
N PRO A 234 -11.13 -24.61 16.28
CA PRO A 234 -11.77 -24.91 14.98
C PRO A 234 -10.91 -25.73 14.01
N GLU A 235 -9.61 -25.44 13.94
CA GLU A 235 -8.61 -26.13 13.11
C GLU A 235 -8.46 -27.62 13.44
N GLU A 236 -8.60 -27.99 14.74
CA GLU A 236 -8.46 -29.37 15.19
C GLU A 236 -9.66 -30.21 14.75
N LEU A 237 -10.81 -29.56 14.52
CA LEU A 237 -12.03 -30.21 14.00
C LEU A 237 -11.84 -30.43 12.50
N GLN A 238 -11.30 -29.41 11.81
CA GLN A 238 -10.99 -29.46 10.39
C GLN A 238 -10.01 -30.62 10.13
N GLU A 239 -8.94 -30.72 10.93
CA GLU A 239 -7.96 -31.81 10.87
C GLU A 239 -8.66 -33.16 11.08
N LEU A 240 -9.62 -33.24 12.02
CA LEU A 240 -10.40 -34.45 12.31
C LEU A 240 -11.15 -34.90 11.05
N VAL A 241 -11.93 -33.99 10.44
CA VAL A 241 -12.73 -34.29 9.25
C VAL A 241 -11.82 -34.69 8.10
N ASP A 242 -10.70 -33.93 7.90
CA ASP A 242 -9.73 -34.22 6.85
C ASP A 242 -9.10 -35.59 7.03
N THR A 243 -8.77 -35.97 8.29
CA THR A 243 -8.18 -37.27 8.61
C THR A 243 -9.16 -38.40 8.36
N ALA A 244 -10.46 -38.18 8.65
CA ALA A 244 -11.48 -39.20 8.38
C ALA A 244 -11.55 -39.45 6.86
N HIS A 245 -11.50 -38.37 6.04
CA HIS A 245 -11.49 -38.42 4.57
C HIS A 245 -10.27 -39.13 4.05
N SER A 246 -9.09 -38.89 4.68
CA SER A 246 -7.84 -39.58 4.34
C SER A 246 -8.00 -41.10 4.45
N MET A 247 -8.91 -41.56 5.35
CA MET A 247 -9.20 -42.97 5.63
C MET A 247 -10.45 -43.50 4.87
N GLY A 248 -11.01 -42.69 3.98
CA GLY A 248 -12.20 -43.08 3.21
C GLY A 248 -13.51 -43.04 4.00
N ILE A 249 -13.49 -42.38 5.17
CA ILE A 249 -14.66 -42.25 6.02
C ILE A 249 -15.32 -40.92 5.80
N ILE A 250 -16.63 -40.93 5.55
CA ILE A 250 -17.41 -39.71 5.40
C ILE A 250 -17.89 -39.29 6.80
N VAL A 251 -17.96 -37.97 7.06
CA VAL A 251 -18.38 -37.41 8.33
C VAL A 251 -19.67 -36.61 8.15
N LEU A 252 -20.71 -36.96 8.93
CA LEU A 252 -22.00 -36.25 8.94
C LEU A 252 -22.11 -35.53 10.26
N LEU A 253 -22.76 -34.37 10.28
CA LEU A 253 -22.94 -33.57 11.48
C LEU A 253 -24.39 -33.58 11.99
N ASP A 254 -24.58 -33.68 13.33
CA ASP A 254 -25.89 -33.56 13.99
C ASP A 254 -26.25 -32.07 13.99
N VAL A 255 -27.25 -31.70 13.18
CA VAL A 255 -27.73 -30.32 13.05
C VAL A 255 -28.98 -30.09 13.88
N VAL A 256 -28.84 -29.22 14.89
CA VAL A 256 -29.94 -28.85 15.77
C VAL A 256 -30.44 -27.46 15.34
N HIS A 257 -31.49 -27.44 14.50
CA HIS A 257 -32.12 -26.23 13.97
C HIS A 257 -33.58 -26.19 14.36
N SER A 258 -33.95 -27.01 15.37
CA SER A 258 -35.30 -27.23 15.89
C SER A 258 -35.69 -26.22 16.97
N HIS A 259 -34.70 -25.79 17.73
CA HIS A 259 -34.85 -24.87 18.84
C HIS A 259 -33.48 -24.29 19.20
N ALA A 260 -33.48 -23.33 20.15
CA ALA A 260 -32.25 -22.72 20.64
C ALA A 260 -32.32 -22.61 22.15
N SER A 261 -31.17 -22.63 22.85
CA SER A 261 -31.10 -22.44 24.29
C SER A 261 -31.62 -21.04 24.61
N LYS A 262 -32.28 -20.87 25.77
CA LYS A 262 -32.83 -19.54 26.06
C LYS A 262 -31.78 -18.58 26.70
N ASN A 263 -30.47 -18.99 26.74
CA ASN A 263 -29.36 -18.14 27.19
C ASN A 263 -29.33 -16.85 26.37
N SER A 264 -29.16 -15.71 27.06
CA SER A 264 -29.13 -14.41 26.38
C SER A 264 -27.74 -13.79 26.43
N ALA A 265 -27.00 -14.02 27.54
CA ALA A 265 -25.65 -13.49 27.72
C ALA A 265 -24.67 -14.11 26.75
N ASP A 266 -24.80 -15.43 26.55
CA ASP A 266 -23.93 -16.23 25.69
C ASP A 266 -24.72 -17.16 24.71
N GLY A 267 -25.95 -16.75 24.39
CA GLY A 267 -26.84 -17.48 23.49
C GLY A 267 -27.54 -16.56 22.51
N LEU A 268 -28.45 -17.14 21.71
CA LEU A 268 -29.17 -16.43 20.64
C LEU A 268 -30.45 -15.74 21.12
N ASN A 269 -30.91 -16.09 22.32
CA ASN A 269 -32.14 -15.53 22.88
C ASN A 269 -32.04 -14.05 23.23
N MET A 270 -33.11 -13.29 22.92
CA MET A 270 -33.22 -11.86 23.24
C MET A 270 -32.10 -10.99 22.62
N PHE A 271 -31.48 -11.44 21.50
CA PHE A 271 -30.36 -10.77 20.86
C PHE A 271 -30.54 -9.23 20.79
N ASP A 272 -31.56 -8.74 20.03
CA ASP A 272 -31.85 -7.30 19.90
C ASP A 272 -32.64 -6.71 21.09
N GLY A 273 -32.78 -7.49 22.16
CA GLY A 273 -33.51 -7.11 23.36
C GLY A 273 -34.95 -7.57 23.41
N THR A 274 -35.57 -7.88 22.23
CA THR A 274 -36.96 -8.35 22.14
C THR A 274 -37.03 -9.89 22.18
N ASP A 275 -38.26 -10.45 22.24
CA ASP A 275 -38.60 -11.88 22.22
C ASP A 275 -38.74 -12.39 20.75
N SER A 276 -38.75 -11.45 19.78
CA SER A 276 -38.94 -11.72 18.35
C SER A 276 -37.77 -11.28 17.46
N CYS A 277 -36.65 -12.00 17.53
CA CYS A 277 -35.57 -11.64 16.62
C CYS A 277 -35.40 -12.80 15.65
N TYR A 278 -34.67 -13.83 16.07
CA TYR A 278 -34.48 -15.06 15.35
C TYR A 278 -35.66 -16.00 15.67
N PHE A 279 -36.47 -15.63 16.68
CA PHE A 279 -37.58 -16.44 17.18
C PHE A 279 -38.96 -15.80 17.05
N HIS A 280 -40.01 -16.58 17.36
CA HIS A 280 -41.40 -16.15 17.36
C HIS A 280 -41.77 -15.36 18.63
N SER A 281 -42.56 -14.28 18.47
CA SER A 281 -42.99 -13.46 19.59
C SER A 281 -44.05 -14.16 20.44
N GLY A 282 -43.83 -14.15 21.74
CA GLY A 282 -44.73 -14.72 22.73
C GLY A 282 -44.64 -16.21 22.98
N PRO A 283 -45.81 -16.84 23.34
CA PRO A 283 -45.81 -18.28 23.66
C PRO A 283 -45.48 -19.23 22.49
N ARG A 284 -45.86 -18.84 21.26
CA ARG A 284 -45.61 -19.55 20.02
C ARG A 284 -44.09 -19.83 19.85
N GLY A 285 -43.25 -18.91 20.32
CA GLY A 285 -41.80 -18.98 20.24
C GLY A 285 -41.11 -19.68 21.38
N THR A 286 -41.86 -20.36 22.25
CA THR A 286 -41.25 -21.07 23.36
C THR A 286 -41.76 -22.51 23.41
N HIS A 287 -40.81 -23.46 23.45
CA HIS A 287 -41.06 -24.89 23.56
C HIS A 287 -41.07 -25.15 25.06
N ASP A 288 -42.27 -25.42 25.59
CA ASP A 288 -42.52 -25.64 27.02
C ASP A 288 -41.77 -26.84 27.63
N LEU A 289 -41.80 -28.00 26.95
CA LEU A 289 -41.13 -29.22 27.43
C LEU A 289 -39.61 -29.08 27.50
N TRP A 290 -39.00 -28.41 26.49
CA TRP A 290 -37.56 -28.21 26.39
C TRP A 290 -37.03 -26.90 27.01
N ASP A 291 -37.94 -25.94 27.36
CA ASP A 291 -37.59 -24.61 27.90
C ASP A 291 -36.56 -23.97 26.96
N SER A 292 -36.96 -23.88 25.69
CA SER A 292 -36.15 -23.41 24.59
C SER A 292 -36.89 -22.42 23.73
N ARG A 293 -36.16 -21.72 22.88
CA ARG A 293 -36.78 -20.77 21.95
C ARG A 293 -37.03 -21.44 20.61
N LEU A 294 -38.03 -20.96 19.87
CA LEU A 294 -38.40 -21.55 18.57
C LEU A 294 -38.33 -20.55 17.43
N PHE A 295 -37.47 -20.87 16.44
CA PHE A 295 -37.18 -20.04 15.28
C PHE A 295 -38.39 -19.62 14.50
N ALA A 296 -38.35 -18.42 13.94
CA ALA A 296 -39.42 -17.89 13.11
C ALA A 296 -39.03 -18.21 11.67
N TYR A 297 -39.24 -19.47 11.26
CA TYR A 297 -38.89 -20.00 9.93
C TYR A 297 -39.49 -19.21 8.75
N SER A 298 -40.51 -18.38 9.00
CA SER A 298 -41.15 -17.57 7.94
C SER A 298 -40.32 -16.33 7.61
N SER A 299 -39.54 -15.88 8.61
CA SER A 299 -38.69 -14.70 8.57
C SER A 299 -37.44 -14.90 7.68
N TRP A 300 -37.27 -14.02 6.67
CA TRP A 300 -36.20 -14.03 5.66
C TRP A 300 -34.80 -14.10 6.25
N GLU A 301 -34.58 -13.41 7.37
CA GLU A 301 -33.29 -13.38 8.02
C GLU A 301 -32.98 -14.65 8.78
N VAL A 302 -34.01 -15.37 9.23
CA VAL A 302 -33.89 -16.67 9.89
C VAL A 302 -33.47 -17.69 8.81
N LEU A 303 -34.00 -17.53 7.58
CA LEU A 303 -33.63 -18.39 6.45
C LEU A 303 -32.21 -18.14 6.06
N ARG A 304 -31.78 -16.86 6.01
CA ARG A 304 -30.40 -16.52 5.69
C ARG A 304 -29.47 -17.13 6.73
N PHE A 305 -29.81 -16.97 8.03
CA PHE A 305 -29.04 -17.47 9.16
C PHE A 305 -28.90 -19.00 9.14
N LEU A 306 -30.02 -19.72 9.11
CA LEU A 306 -30.07 -21.17 9.10
C LEU A 306 -29.46 -21.78 7.82
N LEU A 307 -29.77 -21.23 6.62
CA LEU A 307 -29.15 -21.74 5.39
C LEU A 307 -27.63 -21.43 5.29
N SER A 308 -27.17 -20.26 5.85
CA SER A 308 -25.73 -19.88 5.88
C SER A 308 -25.02 -20.70 6.90
N ASN A 309 -25.77 -21.27 7.85
CA ASN A 309 -25.24 -22.19 8.84
C ASN A 309 -24.97 -23.55 8.18
N ILE A 310 -25.94 -24.09 7.41
CA ILE A 310 -25.79 -25.35 6.67
C ILE A 310 -24.56 -25.28 5.77
N ARG A 311 -24.48 -24.22 4.94
CA ARG A 311 -23.36 -23.91 4.06
C ARG A 311 -22.02 -23.83 4.84
N TRP A 312 -22.03 -23.14 6.02
CA TRP A 312 -20.89 -22.98 6.89
C TRP A 312 -20.28 -24.33 7.19
N TRP A 313 -21.07 -25.30 7.71
CA TRP A 313 -20.57 -26.64 8.02
C TRP A 313 -20.09 -27.44 6.81
N LEU A 314 -20.65 -27.16 5.61
CA LEU A 314 -20.23 -27.81 4.38
C LEU A 314 -18.90 -27.27 3.87
N GLU A 315 -18.73 -25.93 3.88
CA GLU A 315 -17.59 -25.21 3.38
C GLU A 315 -16.43 -25.14 4.34
N GLU A 316 -16.67 -24.63 5.56
CA GLU A 316 -15.63 -24.47 6.57
C GLU A 316 -15.10 -25.77 7.12
N TYR A 317 -15.98 -26.68 7.49
CA TYR A 317 -15.56 -27.92 8.12
C TYR A 317 -15.64 -29.15 7.23
N ARG A 318 -16.14 -28.99 6.00
CA ARG A 318 -16.19 -30.00 4.93
C ARG A 318 -16.94 -31.28 5.32
N PHE A 319 -18.06 -31.13 6.00
CA PHE A 319 -18.91 -32.26 6.37
C PHE A 319 -19.59 -32.78 5.10
N ASP A 320 -19.79 -34.10 5.05
CA ASP A 320 -20.39 -34.83 3.93
C ASP A 320 -21.92 -34.87 3.97
N GLY A 321 -22.48 -34.31 5.03
CA GLY A 321 -23.92 -34.26 5.22
C GLY A 321 -24.32 -34.06 6.66
N PHE A 322 -25.64 -34.18 6.91
CA PHE A 322 -26.22 -33.90 8.20
C PHE A 322 -27.33 -34.82 8.63
N ARG A 323 -27.52 -34.91 9.97
CA ARG A 323 -28.69 -35.52 10.59
C ARG A 323 -29.44 -34.34 11.19
N PHE A 324 -30.65 -34.08 10.72
CA PHE A 324 -31.48 -33.00 11.22
C PHE A 324 -32.28 -33.54 12.39
N ASP A 325 -31.94 -33.07 13.63
CA ASP A 325 -32.62 -33.52 14.85
C ASP A 325 -33.82 -32.63 15.12
N GLY A 326 -34.82 -33.21 15.82
CA GLY A 326 -36.05 -32.55 16.24
C GLY A 326 -36.99 -32.18 15.11
N VAL A 327 -36.95 -32.96 13.98
CA VAL A 327 -37.82 -32.73 12.82
C VAL A 327 -39.30 -32.84 13.24
N THR A 328 -39.64 -33.82 14.12
CA THR A 328 -41.04 -33.99 14.57
C THR A 328 -41.53 -32.70 15.25
N SER A 329 -40.74 -32.19 16.24
CA SER A 329 -41.01 -30.95 16.99
C SER A 329 -41.10 -29.72 16.10
N MET A 330 -40.30 -29.68 14.99
CA MET A 330 -40.32 -28.57 14.01
C MET A 330 -41.66 -28.52 13.30
N LEU A 331 -42.16 -29.71 12.85
CA LEU A 331 -43.37 -29.88 12.06
C LEU A 331 -44.68 -29.63 12.81
N TYR A 332 -44.75 -29.93 14.11
CA TYR A 332 -45.99 -29.75 14.89
C TYR A 332 -45.86 -28.73 16.06
N HIS A 333 -46.44 -27.53 15.85
CA HIS A 333 -46.44 -26.41 16.80
C HIS A 333 -47.40 -26.67 17.97
N GLN A 352 -51.72 -29.79 13.80
CA GLN A 352 -51.50 -29.21 12.47
C GLN A 352 -49.98 -29.01 12.20
N VAL A 353 -49.59 -29.03 10.89
CA VAL A 353 -48.18 -28.93 10.45
C VAL A 353 -47.73 -27.48 10.12
N ASP A 354 -46.52 -27.10 10.64
CA ASP A 354 -45.81 -25.84 10.43
C ASP A 354 -45.20 -25.87 9.02
N GLU A 355 -45.89 -25.23 8.05
CA GLU A 355 -45.51 -25.17 6.63
C GLU A 355 -44.15 -24.49 6.43
N ASP A 356 -43.88 -23.46 7.24
CA ASP A 356 -42.63 -22.69 7.23
C ASP A 356 -41.42 -23.57 7.61
N ALA A 357 -41.51 -24.32 8.75
CA ALA A 357 -40.49 -25.27 9.25
C ALA A 357 -40.11 -26.27 8.17
N LEU A 358 -41.14 -26.85 7.49
CA LEU A 358 -41.05 -27.82 6.42
C LEU A 358 -40.47 -27.19 5.15
N THR A 359 -40.87 -25.95 4.79
CA THR A 359 -40.29 -25.25 3.62
C THR A 359 -38.80 -24.93 3.89
N TYR A 360 -38.45 -24.69 5.20
CA TYR A 360 -37.06 -24.46 5.56
C TYR A 360 -36.28 -25.76 5.29
N LEU A 361 -36.77 -26.90 5.83
CA LEU A 361 -36.12 -28.19 5.63
C LEU A 361 -35.99 -28.57 4.13
N MET A 362 -36.98 -28.18 3.32
CA MET A 362 -36.91 -28.43 1.88
C MET A 362 -35.81 -27.62 1.24
N LEU A 363 -35.70 -26.32 1.60
CA LEU A 363 -34.64 -25.44 1.11
C LEU A 363 -33.25 -25.93 1.57
N ALA A 364 -33.15 -26.40 2.85
CA ALA A 364 -31.91 -26.95 3.39
C ALA A 364 -31.44 -28.15 2.55
N ASN A 365 -32.36 -29.13 2.33
CA ASN A 365 -32.11 -30.31 1.50
C ASN A 365 -31.77 -29.93 0.05
N HIS A 366 -32.53 -28.97 -0.53
CA HIS A 366 -32.27 -28.49 -1.88
C HIS A 366 -30.84 -27.95 -1.98
N LEU A 367 -30.43 -27.08 -1.01
CA LEU A 367 -29.09 -26.49 -0.92
C LEU A 367 -28.02 -27.58 -0.83
N VAL A 368 -28.11 -28.48 0.16
CA VAL A 368 -27.13 -29.56 0.37
C VAL A 368 -26.91 -30.38 -0.91
N HIS A 369 -27.99 -30.82 -1.57
CA HIS A 369 -27.93 -31.64 -2.77
C HIS A 369 -27.60 -30.86 -4.03
N THR A 370 -27.90 -29.55 -4.11
CA THR A 370 -27.52 -28.75 -5.29
C THR A 370 -26.02 -28.48 -5.28
N LEU A 371 -25.43 -28.26 -4.09
CA LEU A 371 -23.99 -28.01 -3.95
C LEU A 371 -23.20 -29.27 -4.19
N CYS A 372 -23.66 -30.40 -3.63
CA CYS A 372 -23.07 -31.70 -3.89
C CYS A 372 -24.11 -32.81 -3.88
N PRO A 373 -24.43 -33.38 -5.06
CA PRO A 373 -25.45 -34.46 -5.11
C PRO A 373 -25.13 -35.70 -4.27
N ASP A 374 -23.82 -35.92 -4.00
CA ASP A 374 -23.31 -37.02 -3.18
C ASP A 374 -23.55 -36.81 -1.68
N SER A 375 -23.90 -35.58 -1.27
CA SER A 375 -24.16 -35.23 0.13
C SER A 375 -25.40 -35.94 0.66
N ILE A 376 -25.36 -36.38 1.93
CA ILE A 376 -26.42 -37.13 2.59
C ILE A 376 -27.14 -36.32 3.68
N THR A 377 -28.47 -36.44 3.77
CA THR A 377 -29.27 -35.82 4.84
C THR A 377 -30.18 -36.88 5.43
N ILE A 378 -30.22 -36.94 6.76
CA ILE A 378 -31.04 -37.88 7.56
C ILE A 378 -32.03 -37.07 8.42
N ALA A 379 -33.26 -37.57 8.59
CA ALA A 379 -34.25 -36.92 9.44
C ALA A 379 -34.51 -37.76 10.68
N GLU A 380 -34.49 -37.10 11.86
CA GLU A 380 -34.81 -37.72 13.13
C GLU A 380 -36.31 -37.43 13.28
N ASP A 381 -37.13 -38.38 12.83
CA ASP A 381 -38.59 -38.22 12.86
C ASP A 381 -39.32 -39.49 13.31
N VAL A 382 -40.05 -39.35 14.43
CA VAL A 382 -40.85 -40.40 15.04
C VAL A 382 -42.25 -40.46 14.39
N SER A 383 -42.76 -39.30 13.94
CA SER A 383 -44.10 -39.14 13.36
C SER A 383 -44.39 -39.98 12.12
N GLY A 384 -43.39 -40.15 11.25
CA GLY A 384 -43.54 -40.86 9.99
C GLY A 384 -44.24 -40.03 8.93
N MET A 385 -43.88 -38.73 8.85
CA MET A 385 -44.43 -37.76 7.92
C MET A 385 -44.44 -38.22 6.46
N PRO A 386 -45.63 -38.39 5.83
CA PRO A 386 -45.68 -38.81 4.41
C PRO A 386 -44.90 -37.94 3.41
N ALA A 387 -43.91 -38.58 2.75
CA ALA A 387 -42.99 -38.08 1.73
C ALA A 387 -41.80 -37.25 2.30
N LEU A 388 -41.56 -37.29 3.63
CA LEU A 388 -40.43 -36.59 4.23
C LEU A 388 -39.09 -37.00 3.58
N CYS A 389 -38.92 -38.29 3.24
CA CYS A 389 -37.69 -38.82 2.64
C CYS A 389 -37.79 -39.10 1.12
N SER A 390 -38.70 -38.40 0.42
CA SER A 390 -38.87 -38.56 -1.03
C SER A 390 -38.41 -37.29 -1.77
N PRO A 391 -38.16 -37.33 -3.10
CA PRO A 391 -37.73 -36.10 -3.80
C PRO A 391 -38.67 -34.92 -3.66
N ILE A 392 -38.10 -33.70 -3.67
CA ILE A 392 -38.84 -32.44 -3.60
C ILE A 392 -39.73 -32.32 -4.83
N SER A 393 -39.20 -32.69 -6.03
CA SER A 393 -39.90 -32.70 -7.34
C SER A 393 -41.22 -33.52 -7.33
N GLN A 394 -41.43 -34.38 -6.30
CA GLN A 394 -42.63 -35.18 -6.14
C GLN A 394 -43.46 -34.73 -4.92
N GLY A 395 -43.14 -33.56 -4.36
CA GLY A 395 -43.77 -32.98 -3.18
C GLY A 395 -43.22 -33.55 -1.87
N GLY A 396 -41.99 -34.08 -1.92
CA GLY A 396 -41.34 -34.65 -0.77
C GLY A 396 -40.45 -33.68 0.00
N GLY A 397 -40.08 -34.09 1.22
CA GLY A 397 -39.22 -33.34 2.12
C GLY A 397 -37.78 -33.18 1.68
N GLY A 398 -37.33 -34.02 0.74
CA GLY A 398 -36.00 -33.98 0.16
C GLY A 398 -34.92 -34.76 0.89
N PHE A 399 -35.28 -35.43 2.03
CA PHE A 399 -34.31 -36.18 2.84
C PHE A 399 -33.87 -37.45 2.15
N ASP A 400 -32.62 -37.90 2.38
CA ASP A 400 -32.15 -39.14 1.78
C ASP A 400 -32.65 -40.32 2.60
N TYR A 401 -32.60 -40.21 3.94
CA TYR A 401 -33.03 -41.28 4.84
C TYR A 401 -33.82 -40.75 6.03
N ARG A 402 -34.49 -41.67 6.74
CA ARG A 402 -35.16 -41.47 8.03
C ARG A 402 -34.57 -42.53 8.95
N LEU A 403 -34.69 -42.35 10.24
CA LEU A 403 -34.20 -43.35 11.16
C LEU A 403 -35.32 -44.34 11.44
N ALA A 404 -35.03 -45.65 11.38
CA ALA A 404 -36.03 -46.70 11.66
C ALA A 404 -36.13 -46.83 13.18
N MET A 405 -36.94 -45.95 13.78
CA MET A 405 -37.09 -45.81 15.24
C MET A 405 -37.91 -46.91 15.90
N ALA A 406 -38.68 -47.67 15.11
CA ALA A 406 -39.50 -48.75 15.61
C ALA A 406 -38.66 -49.95 16.05
N ILE A 407 -37.49 -50.16 15.40
CA ILE A 407 -36.58 -51.29 15.69
C ILE A 407 -36.10 -51.27 17.16
N PRO A 408 -35.47 -50.19 17.72
CA PRO A 408 -35.04 -50.26 19.13
C PRO A 408 -36.15 -50.57 20.13
N ASP A 409 -37.39 -50.06 19.86
CA ASP A 409 -38.58 -50.27 20.70
C ASP A 409 -39.02 -51.70 20.73
N LYS A 410 -38.98 -52.40 19.59
CA LYS A 410 -39.37 -53.80 19.50
C LYS A 410 -38.42 -54.66 20.31
N TRP A 411 -37.10 -54.36 20.29
CA TRP A 411 -36.16 -55.14 21.10
C TRP A 411 -36.39 -54.88 22.58
N ILE A 412 -36.71 -53.61 22.95
CA ILE A 412 -37.03 -53.27 24.35
C ILE A 412 -38.27 -54.07 24.79
N GLN A 413 -39.39 -53.99 24.03
CA GLN A 413 -40.62 -54.72 24.32
C GLN A 413 -40.36 -56.20 24.63
N LEU A 414 -39.71 -56.90 23.69
CA LEU A 414 -39.40 -58.31 23.78
C LEU A 414 -38.54 -58.67 24.98
N LEU A 415 -37.52 -57.86 25.30
CA LEU A 415 -36.66 -58.17 26.44
C LEU A 415 -37.26 -57.77 27.77
N LYS A 416 -38.10 -56.73 27.79
CA LYS A 416 -38.74 -56.27 29.01
C LYS A 416 -39.94 -57.11 29.39
N GLU A 417 -40.88 -57.29 28.44
CA GLU A 417 -42.17 -57.94 28.62
C GLU A 417 -42.32 -59.42 28.19
N PHE A 418 -41.35 -60.03 27.44
CA PHE A 418 -41.56 -61.40 26.94
C PHE A 418 -40.48 -62.43 27.26
N LYS A 419 -40.94 -63.62 27.62
CA LYS A 419 -40.01 -64.72 27.84
C LYS A 419 -39.60 -65.16 26.42
N ASP A 420 -38.36 -65.67 26.26
CA ASP A 420 -37.80 -66.09 24.96
C ASP A 420 -38.69 -67.02 24.16
N GLU A 421 -39.45 -67.86 24.88
CA GLU A 421 -40.36 -68.86 24.32
C GLU A 421 -41.60 -68.19 23.75
N ASP A 422 -41.87 -66.95 24.18
CA ASP A 422 -43.07 -66.23 23.76
C ASP A 422 -42.83 -65.16 22.67
N TRP A 423 -41.56 -65.02 22.13
CA TRP A 423 -41.21 -64.06 21.07
C TRP A 423 -41.89 -64.43 19.75
N ASN A 424 -42.61 -63.49 19.16
CA ASN A 424 -43.28 -63.72 17.89
C ASN A 424 -42.31 -63.38 16.74
N MET A 425 -41.96 -64.41 15.91
CA MET A 425 -41.06 -64.28 14.77
C MET A 425 -41.65 -63.36 13.69
N GLY A 426 -42.96 -63.47 13.46
CA GLY A 426 -43.70 -62.65 12.51
C GLY A 426 -43.70 -61.17 12.87
N ASP A 427 -43.78 -60.87 14.18
CA ASP A 427 -43.73 -59.49 14.74
C ASP A 427 -42.32 -58.86 14.55
N ILE A 428 -41.23 -59.68 14.74
CA ILE A 428 -39.85 -59.25 14.54
C ILE A 428 -39.71 -58.91 13.04
N VAL A 429 -40.11 -59.87 12.17
CA VAL A 429 -40.03 -59.73 10.73
C VAL A 429 -40.84 -58.52 10.26
N TYR A 430 -42.05 -58.31 10.81
CA TYR A 430 -42.92 -57.16 10.44
C TYR A 430 -42.26 -55.82 10.75
N THR A 431 -41.80 -55.65 12.01
CA THR A 431 -41.15 -54.44 12.51
C THR A 431 -39.92 -54.07 11.68
N LEU A 432 -39.05 -55.06 11.38
CA LEU A 432 -37.84 -54.82 10.62
C LEU A 432 -38.10 -54.46 9.15
N THR A 433 -39.09 -55.12 8.50
CA THR A 433 -39.38 -54.96 7.06
C THR A 433 -40.42 -53.90 6.71
N ASN A 434 -40.98 -53.19 7.69
CA ASN A 434 -41.95 -52.13 7.41
C ASN A 434 -41.23 -50.90 6.79
N ARG A 435 -41.82 -50.29 5.70
CA ARG A 435 -41.30 -49.15 4.91
C ARG A 435 -42.37 -48.49 3.99
N GLU A 439 -39.51 -45.62 1.38
CA GLU A 439 -38.60 -44.60 1.94
C GLU A 439 -37.44 -45.30 2.59
N LYS A 440 -36.20 -44.89 2.23
CA LYS A 440 -34.97 -45.52 2.77
C LYS A 440 -34.80 -45.14 4.23
N CYS A 441 -34.44 -46.11 5.06
CA CYS A 441 -34.24 -45.86 6.46
C CYS A 441 -32.91 -46.44 6.95
N ILE A 442 -32.43 -45.96 8.13
CA ILE A 442 -31.21 -46.34 8.85
C ILE A 442 -31.63 -47.22 10.01
N ALA A 443 -31.19 -48.47 9.99
CA ALA A 443 -31.54 -49.42 11.03
C ALA A 443 -30.50 -49.43 12.15
N TYR A 444 -30.98 -49.51 13.39
CA TYR A 444 -30.15 -49.58 14.58
C TYR A 444 -30.86 -50.36 15.67
N ALA A 445 -30.12 -51.22 16.39
CA ALA A 445 -30.66 -52.07 17.44
C ALA A 445 -30.98 -51.28 18.73
N GLU A 446 -30.17 -50.26 19.03
CA GLU A 446 -30.31 -49.39 20.19
C GLU A 446 -29.79 -47.97 19.93
N SER A 447 -30.51 -46.95 20.43
CA SER A 447 -30.19 -45.53 20.26
C SER A 447 -29.17 -45.02 21.29
N HIS A 448 -28.75 -43.76 21.07
CA HIS A 448 -27.85 -43.09 21.98
C HIS A 448 -28.59 -42.80 23.33
N ASP A 449 -29.93 -42.57 23.29
CA ASP A 449 -30.76 -42.32 24.47
C ASP A 449 -30.86 -43.53 25.40
N GLN A 450 -30.80 -44.74 24.83
CA GLN A 450 -30.82 -46.01 25.57
C GLN A 450 -29.52 -46.25 26.33
N ALA A 451 -28.43 -45.56 25.92
CA ALA A 451 -27.11 -45.67 26.53
C ALA A 451 -27.04 -44.87 27.83
N LEU A 452 -27.97 -43.92 27.99
CA LEU A 452 -28.02 -43.01 29.12
C LEU A 452 -28.50 -43.63 30.44
N VAL A 453 -28.22 -42.90 31.52
CA VAL A 453 -28.61 -43.20 32.90
C VAL A 453 -30.16 -43.27 32.96
N GLY A 454 -30.65 -44.18 33.81
CA GLY A 454 -32.10 -44.41 33.97
C GLY A 454 -32.74 -45.02 32.73
N ASP A 455 -31.97 -45.87 32.05
CA ASP A 455 -32.33 -46.59 30.84
C ASP A 455 -31.36 -47.75 30.70
N LYS A 456 -31.74 -48.80 29.95
CA LYS A 456 -30.88 -49.96 29.78
C LYS A 456 -30.43 -50.17 28.33
N SER A 457 -29.15 -50.55 28.20
CA SER A 457 -28.50 -50.90 26.94
C SER A 457 -28.90 -52.34 26.67
N LEU A 458 -28.84 -52.81 25.37
CA LEU A 458 -29.17 -54.21 25.03
C LEU A 458 -28.37 -55.18 25.87
N ALA A 459 -27.06 -54.89 26.07
CA ALA A 459 -26.13 -55.67 26.87
C ALA A 459 -26.59 -55.79 28.33
N PHE A 460 -27.18 -54.69 28.87
CA PHE A 460 -27.72 -54.68 30.22
C PHE A 460 -29.04 -55.46 30.34
N TRP A 461 -29.95 -55.31 29.36
CA TRP A 461 -31.21 -56.04 29.32
C TRP A 461 -30.96 -57.55 29.24
N LEU A 462 -29.86 -57.94 28.56
CA LEU A 462 -29.49 -59.33 28.32
C LEU A 462 -28.73 -60.00 29.45
N MET A 463 -27.84 -59.28 30.14
CA MET A 463 -26.99 -59.87 31.19
C MET A 463 -27.19 -59.32 32.60
N ASP A 464 -27.80 -58.11 32.74
CA ASP A 464 -28.09 -57.46 34.02
C ASP A 464 -26.83 -57.39 34.93
N ALA A 465 -26.93 -57.83 36.20
CA ALA A 465 -25.84 -57.83 37.18
C ALA A 465 -24.66 -58.74 36.82
N GLU A 466 -24.89 -59.78 36.00
CA GLU A 466 -23.84 -60.72 35.59
C GLU A 466 -22.75 -60.08 34.71
N MET A 467 -23.10 -58.95 34.08
CA MET A 467 -22.23 -58.15 33.23
C MET A 467 -20.98 -57.74 34.03
N TYR A 468 -21.18 -57.38 35.32
CA TYR A 468 -20.19 -56.93 36.29
C TYR A 468 -19.34 -58.08 36.82
N THR A 469 -19.93 -59.29 36.86
CA THR A 469 -19.32 -60.47 37.43
C THR A 469 -18.61 -61.39 36.43
N ASN A 470 -19.39 -61.94 35.46
CA ASN A 470 -18.96 -62.95 34.50
C ASN A 470 -18.56 -62.47 33.08
N MET A 471 -18.04 -61.24 32.95
CA MET A 471 -17.54 -60.80 31.64
C MET A 471 -16.03 -61.11 31.52
N SER A 472 -15.44 -61.71 32.57
CA SER A 472 -14.05 -62.13 32.59
C SER A 472 -13.97 -63.55 32.05
N VAL A 473 -12.94 -63.82 31.24
CA VAL A 473 -12.59 -65.11 30.63
C VAL A 473 -12.32 -66.14 31.77
N LEU A 474 -11.83 -65.65 32.92
CA LEU A 474 -11.45 -66.41 34.11
C LEU A 474 -12.66 -66.92 34.92
N THR A 475 -13.85 -66.33 34.72
CA THR A 475 -15.08 -66.72 35.43
C THR A 475 -15.89 -67.74 34.60
N PRO A 476 -16.84 -68.51 35.19
CA PRO A 476 -17.59 -69.49 34.37
C PRO A 476 -18.53 -68.84 33.34
N PHE A 477 -18.63 -69.45 32.14
CA PHE A 477 -19.48 -69.01 31.03
C PHE A 477 -20.93 -69.46 31.36
N THR A 478 -21.54 -68.76 32.32
CA THR A 478 -22.89 -69.00 32.86
C THR A 478 -23.95 -68.99 31.76
N PRO A 479 -25.06 -69.76 31.89
CA PRO A 479 -26.14 -69.68 30.90
C PRO A 479 -26.69 -68.28 30.64
N VAL A 480 -26.51 -67.32 31.56
CA VAL A 480 -27.03 -65.94 31.32
C VAL A 480 -26.00 -65.13 30.48
N ILE A 481 -24.67 -65.32 30.72
CA ILE A 481 -23.59 -64.72 29.91
C ILE A 481 -23.59 -65.36 28.51
N ASP A 482 -23.86 -66.68 28.43
CA ASP A 482 -23.95 -67.41 27.17
C ASP A 482 -25.10 -66.84 26.32
N ARG A 483 -26.31 -66.71 26.90
CA ARG A 483 -27.51 -66.18 26.26
C ARG A 483 -27.34 -64.72 25.84
N GLY A 484 -26.76 -63.92 26.72
CA GLY A 484 -26.50 -62.50 26.46
C GLY A 484 -25.63 -62.28 25.25
N ILE A 485 -24.49 -63.01 25.17
CA ILE A 485 -23.54 -62.93 24.06
C ILE A 485 -24.20 -63.34 22.74
N GLN A 486 -24.84 -64.51 22.73
CA GLN A 486 -25.51 -65.04 21.55
C GLN A 486 -26.60 -64.13 21.05
N LEU A 487 -27.44 -63.56 21.94
CA LEU A 487 -28.53 -62.70 21.50
C LEU A 487 -28.08 -61.31 21.07
N HIS A 488 -27.03 -60.74 21.71
CA HIS A 488 -26.50 -59.41 21.37
C HIS A 488 -26.09 -59.41 19.89
N LYS A 489 -25.37 -60.49 19.46
CA LYS A 489 -24.89 -60.73 18.10
C LYS A 489 -26.04 -60.89 17.13
N MET A 490 -27.02 -61.73 17.49
CA MET A 490 -28.17 -62.05 16.68
C MET A 490 -29.09 -60.88 16.44
N ILE A 491 -29.40 -60.10 17.50
CA ILE A 491 -30.24 -58.88 17.41
C ILE A 491 -29.60 -57.87 16.43
N ARG A 492 -28.28 -57.65 16.55
CA ARG A 492 -27.53 -56.75 15.68
C ARG A 492 -27.53 -57.26 14.25
N LEU A 493 -27.21 -58.56 14.05
CA LEU A 493 -27.17 -59.14 12.70
C LEU A 493 -28.53 -59.12 11.96
N ILE A 494 -29.66 -59.37 12.65
CA ILE A 494 -30.96 -59.35 11.98
C ILE A 494 -31.38 -57.90 11.68
N THR A 495 -31.00 -56.94 12.54
CA THR A 495 -31.27 -55.51 12.35
C THR A 495 -30.44 -55.03 11.13
N HIS A 496 -29.16 -55.44 11.08
CA HIS A 496 -28.19 -55.11 10.03
C HIS A 496 -28.62 -55.68 8.67
N GLY A 497 -28.96 -56.98 8.66
CA GLY A 497 -29.36 -57.68 7.44
C GLY A 497 -30.74 -57.43 6.90
N LEU A 498 -31.73 -57.20 7.76
CA LEU A 498 -33.14 -57.06 7.34
C LEU A 498 -33.78 -55.68 7.55
N GLY A 499 -33.31 -54.94 8.56
CA GLY A 499 -33.88 -53.68 9.02
C GLY A 499 -33.91 -52.42 8.17
N GLY A 500 -32.96 -52.28 7.25
CA GLY A 500 -32.93 -51.08 6.44
C GLY A 500 -31.95 -51.05 5.30
N GLU A 501 -31.70 -49.80 4.82
CA GLU A 501 -30.83 -49.43 3.70
C GLU A 501 -29.52 -48.76 4.19
N GLY A 502 -29.34 -48.78 5.52
CA GLY A 502 -28.20 -48.22 6.22
C GLY A 502 -28.18 -48.79 7.61
N TYR A 503 -27.04 -48.72 8.28
CA TYR A 503 -26.89 -49.22 9.64
C TYR A 503 -26.25 -48.17 10.53
N LEU A 504 -26.65 -48.13 11.81
CA LEU A 504 -26.12 -47.22 12.81
C LEU A 504 -25.79 -47.96 14.10
N ASN A 505 -24.68 -47.56 14.73
CA ASN A 505 -24.19 -48.09 15.99
C ASN A 505 -23.66 -46.93 16.81
N PHE A 506 -24.11 -46.81 18.07
CA PHE A 506 -23.60 -45.75 18.93
C PHE A 506 -22.36 -46.26 19.67
N MET A 507 -21.33 -45.42 19.73
CA MET A 507 -20.05 -45.64 20.40
C MET A 507 -20.10 -46.56 21.65
N GLY A 508 -19.45 -47.72 21.59
CA GLY A 508 -19.38 -48.67 22.68
C GLY A 508 -20.30 -49.86 22.54
N ASN A 509 -21.53 -49.63 22.05
CA ASN A 509 -22.54 -50.67 21.88
C ASN A 509 -22.12 -51.81 20.91
N GLU A 510 -21.03 -51.62 20.08
CA GLU A 510 -20.48 -52.64 19.17
C GLU A 510 -19.84 -53.82 19.93
N PHE A 511 -19.39 -53.57 21.16
CA PHE A 511 -18.80 -54.60 22.01
C PHE A 511 -19.62 -54.84 23.30
N GLY A 512 -20.81 -54.25 23.36
CA GLY A 512 -21.70 -54.37 24.51
C GLY A 512 -21.14 -53.70 25.73
N HIS A 513 -20.81 -52.40 25.60
CA HIS A 513 -20.22 -51.56 26.64
C HIS A 513 -21.00 -51.69 27.96
N PRO A 514 -20.32 -51.90 29.10
CA PRO A 514 -21.04 -52.04 30.37
C PRO A 514 -21.52 -50.71 30.92
N GLU A 515 -22.14 -50.75 32.12
CA GLU A 515 -22.64 -49.59 32.85
C GLU A 515 -23.55 -48.73 31.99
N TRP A 516 -23.44 -47.42 32.10
CA TRP A 516 -24.25 -46.46 31.36
C TRP A 516 -23.45 -45.21 31.11
N LEU A 517 -24.07 -44.27 30.41
CA LEU A 517 -23.48 -42.99 30.10
C LEU A 517 -24.24 -41.91 30.89
N ASP A 518 -23.49 -41.00 31.50
CA ASP A 518 -24.07 -39.90 32.26
C ASP A 518 -23.14 -38.73 32.21
N PHE A 519 -23.68 -37.55 31.97
CA PHE A 519 -22.88 -36.33 31.85
C PHE A 519 -22.80 -35.53 33.15
N PRO A 520 -21.69 -34.78 33.42
CA PRO A 520 -21.66 -33.92 34.62
C PRO A 520 -22.81 -32.91 34.63
N ARG A 521 -23.54 -32.88 35.76
CA ARG A 521 -24.70 -32.01 36.01
C ARG A 521 -24.93 -31.89 37.52
N LYS A 522 -25.93 -31.07 37.92
CA LYS A 522 -26.32 -30.84 39.32
C LYS A 522 -26.56 -32.18 40.03
N GLY A 523 -27.45 -32.99 39.45
CA GLY A 523 -27.88 -34.31 39.94
C GLY A 523 -26.84 -35.39 40.18
N ASN A 524 -25.54 -35.10 39.95
CA ASN A 524 -24.43 -36.04 40.20
C ASN A 524 -23.17 -35.32 40.76
N ASN A 525 -23.35 -34.04 41.16
CA ASN A 525 -22.32 -33.13 41.70
C ASN A 525 -21.12 -33.01 40.72
N GLU A 526 -21.47 -32.80 39.41
CA GLU A 526 -20.57 -32.67 38.26
C GLU A 526 -19.63 -33.87 38.07
N SER A 527 -20.16 -35.11 38.15
CA SER A 527 -19.34 -36.31 37.96
C SER A 527 -19.12 -36.65 36.47
N TYR A 528 -17.86 -36.94 36.13
CA TYR A 528 -17.44 -37.37 34.80
C TYR A 528 -17.17 -38.90 34.83
N HIS A 529 -17.51 -39.61 35.93
CA HIS A 529 -17.25 -41.06 36.04
C HIS A 529 -17.96 -41.90 34.96
N TYR A 530 -19.12 -41.43 34.49
CA TYR A 530 -19.85 -42.15 33.47
C TYR A 530 -19.82 -41.43 32.11
N ALA A 531 -19.20 -40.20 32.06
CA ALA A 531 -19.02 -39.39 30.85
C ALA A 531 -17.70 -39.79 30.13
N ARG A 532 -17.58 -41.07 29.80
CA ARG A 532 -16.41 -41.68 29.18
C ARG A 532 -16.80 -42.98 28.45
N ARG A 533 -15.86 -43.58 27.69
CA ARG A 533 -16.05 -44.87 26.99
C ARG A 533 -14.81 -45.71 27.24
N GLN A 534 -15.01 -46.90 27.83
CA GLN A 534 -13.99 -47.87 28.21
C GLN A 534 -13.58 -48.74 27.01
N PHE A 535 -12.90 -48.14 26.02
CA PHE A 535 -12.49 -48.84 24.79
C PHE A 535 -11.46 -49.92 24.99
N HIS A 536 -10.72 -49.85 26.10
CA HIS A 536 -9.66 -50.79 26.47
C HIS A 536 -10.18 -52.19 26.72
N LEU A 537 -11.49 -52.30 27.02
CA LEU A 537 -12.16 -53.56 27.32
C LEU A 537 -12.05 -54.59 26.23
N THR A 538 -11.96 -54.12 24.96
CA THR A 538 -11.82 -54.97 23.76
C THR A 538 -10.37 -55.43 23.54
N ASP A 539 -9.39 -54.69 24.10
CA ASP A 539 -7.97 -54.96 23.99
C ASP A 539 -7.48 -55.88 25.13
N ASP A 540 -8.36 -56.13 26.12
CA ASP A 540 -8.11 -57.01 27.24
C ASP A 540 -8.49 -58.46 26.86
N ASP A 541 -7.45 -59.29 26.62
CA ASP A 541 -7.62 -60.68 26.23
C ASP A 541 -8.23 -61.55 27.36
N LEU A 542 -8.28 -61.01 28.62
CA LEU A 542 -8.86 -61.69 29.78
C LEU A 542 -10.34 -61.34 30.01
N LEU A 543 -10.95 -60.62 29.04
CA LEU A 543 -12.36 -60.24 29.08
C LEU A 543 -13.11 -60.76 27.85
N ARG A 544 -14.43 -60.88 27.95
CA ARG A 544 -15.32 -61.41 26.91
C ARG A 544 -15.89 -60.36 25.93
N TYR A 545 -15.58 -59.06 26.14
CA TYR A 545 -16.02 -57.96 25.25
C TYR A 545 -15.42 -58.11 23.86
N LYS A 546 -14.20 -58.70 23.80
CA LYS A 546 -13.47 -58.97 22.54
C LYS A 546 -14.34 -59.76 21.56
N PHE A 547 -15.19 -60.68 22.07
CA PHE A 547 -16.10 -61.54 21.30
C PHE A 547 -17.17 -60.76 20.57
N LEU A 548 -17.81 -59.80 21.26
CA LEU A 548 -18.86 -58.98 20.67
C LEU A 548 -18.29 -57.96 19.65
N ASN A 549 -17.02 -57.55 19.88
CA ASN A 549 -16.30 -56.61 19.02
C ASN A 549 -15.90 -57.30 17.72
N ASN A 550 -15.37 -58.55 17.81
CA ASN A 550 -14.96 -59.36 16.67
C ASN A 550 -16.13 -59.61 15.75
N PHE A 551 -17.31 -59.89 16.35
CA PHE A 551 -18.52 -60.10 15.59
C PHE A 551 -18.92 -58.83 14.77
N ASP A 552 -18.86 -57.64 15.40
CA ASP A 552 -19.20 -56.38 14.75
C ASP A 552 -18.28 -56.11 13.54
N ARG A 553 -16.95 -56.23 13.75
N ARG A 553 -16.95 -56.23 13.75
CA ARG A 553 -15.90 -56.03 12.75
CA ARG A 553 -15.90 -56.03 12.74
C ARG A 553 -16.16 -56.90 11.51
C ARG A 553 -16.18 -56.90 11.49
N ASP A 554 -16.49 -58.20 11.71
CA ASP A 554 -16.75 -59.17 10.66
C ASP A 554 -18.12 -58.99 10.01
N MET A 555 -19.10 -58.46 10.75
CA MET A 555 -20.44 -58.22 10.23
C MET A 555 -20.38 -57.07 9.20
N ASN A 556 -19.69 -55.98 9.55
CA ASN A 556 -19.54 -54.84 8.67
C ASN A 556 -18.64 -55.12 7.46
N ARG A 557 -17.57 -55.92 7.65
CA ARG A 557 -16.67 -56.32 6.58
C ARG A 557 -17.36 -57.24 5.58
N LEU A 558 -18.28 -58.08 6.06
CA LEU A 558 -19.04 -58.97 5.19
C LEU A 558 -20.04 -58.15 4.40
N GLU A 559 -20.64 -57.10 5.03
CA GLU A 559 -21.57 -56.18 4.38
C GLU A 559 -20.83 -55.45 3.29
N GLU A 560 -19.62 -54.94 3.55
CA GLU A 560 -18.80 -54.27 2.53
C GLU A 560 -18.61 -55.16 1.28
N ARG A 561 -18.34 -56.47 1.47
CA ARG A 561 -18.14 -57.48 0.43
C ARG A 561 -19.40 -57.80 -0.37
N TYR A 562 -20.56 -57.97 0.28
CA TYR A 562 -21.79 -58.42 -0.39
C TYR A 562 -22.88 -57.36 -0.63
N GLY A 563 -22.85 -56.27 0.12
CA GLY A 563 -23.76 -55.15 0.00
C GLY A 563 -25.23 -55.43 0.18
N TRP A 564 -25.61 -56.11 1.27
CA TRP A 564 -27.02 -56.39 1.51
C TRP A 564 -27.83 -55.11 1.80
N LEU A 565 -27.22 -54.09 2.46
CA LEU A 565 -27.90 -52.82 2.77
C LEU A 565 -28.38 -52.08 1.51
N ALA A 566 -27.59 -52.15 0.43
CA ALA A 566 -27.90 -51.54 -0.88
C ALA A 566 -28.83 -52.40 -1.75
N ALA A 567 -28.97 -53.67 -1.38
CA ALA A 567 -29.76 -54.66 -2.12
C ALA A 567 -31.25 -54.44 -1.89
N PRO A 568 -32.13 -54.96 -2.80
CA PRO A 568 -33.57 -54.85 -2.54
C PRO A 568 -33.97 -55.54 -1.26
N GLN A 569 -35.20 -55.30 -0.80
CA GLN A 569 -35.68 -55.89 0.43
C GLN A 569 -35.63 -57.43 0.38
N ALA A 570 -35.22 -58.05 1.48
CA ALA A 570 -35.08 -59.51 1.60
C ALA A 570 -36.34 -60.31 1.29
N TYR A 571 -36.16 -61.56 0.82
CA TYR A 571 -37.27 -62.49 0.60
C TYR A 571 -37.29 -63.38 1.83
N VAL A 572 -38.31 -63.22 2.69
CA VAL A 572 -38.43 -64.01 3.91
C VAL A 572 -39.20 -65.30 3.62
N SER A 573 -38.51 -66.46 3.65
CA SER A 573 -39.14 -67.77 3.41
C SER A 573 -39.75 -68.36 4.70
N GLU A 574 -39.08 -68.16 5.84
CA GLU A 574 -39.53 -68.75 7.10
C GLU A 574 -39.50 -67.78 8.28
N LYS A 575 -40.61 -67.75 9.03
CA LYS A 575 -40.82 -67.03 10.29
C LYS A 575 -41.71 -67.97 11.12
N HIS A 576 -41.10 -69.13 11.48
CA HIS A 576 -41.69 -70.26 12.20
C HIS A 576 -41.87 -69.96 13.67
N GLU A 577 -43.12 -69.90 14.12
CA GLU A 577 -43.44 -69.59 15.50
C GLU A 577 -43.08 -70.69 16.49
N GLY A 578 -43.23 -71.95 16.08
CA GLY A 578 -42.93 -73.09 16.91
C GLY A 578 -41.44 -73.30 17.13
N ASN A 579 -40.70 -73.41 16.00
CA ASN A 579 -39.25 -73.64 15.95
C ASN A 579 -38.40 -72.43 16.32
N LYS A 580 -38.96 -71.21 16.20
CA LYS A 580 -38.30 -69.92 16.45
C LYS A 580 -37.14 -69.77 15.43
N ILE A 581 -37.51 -69.93 14.14
CA ILE A 581 -36.61 -69.84 12.99
C ILE A 581 -37.02 -68.72 12.06
N ILE A 582 -36.08 -67.81 11.76
CA ILE A 582 -36.25 -66.77 10.76
C ILE A 582 -35.25 -67.09 9.64
N ALA A 583 -35.73 -67.23 8.41
CA ALA A 583 -34.90 -67.52 7.25
C ALA A 583 -35.25 -66.56 6.10
N PHE A 584 -34.23 -65.92 5.52
CA PHE A 584 -34.39 -64.99 4.40
C PHE A 584 -33.15 -64.93 3.51
N GLU A 585 -33.32 -64.33 2.33
CA GLU A 585 -32.24 -64.11 1.36
C GLU A 585 -32.16 -62.64 1.02
N ARG A 586 -30.96 -62.07 1.12
CA ARG A 586 -30.75 -60.68 0.71
C ARG A 586 -29.40 -60.60 0.05
N ALA A 587 -29.36 -60.00 -1.17
CA ALA A 587 -28.15 -59.86 -2.00
C ALA A 587 -27.55 -61.23 -2.37
N GLY A 588 -28.40 -62.25 -2.48
CA GLY A 588 -28.01 -63.61 -2.83
C GLY A 588 -27.59 -64.48 -1.65
N LEU A 589 -27.26 -63.85 -0.49
CA LEU A 589 -26.89 -64.56 0.71
C LEU A 589 -28.11 -65.13 1.40
N LEU A 590 -27.94 -66.25 2.10
CA LEU A 590 -28.98 -66.94 2.84
C LEU A 590 -28.72 -66.72 4.35
N PHE A 591 -29.67 -66.05 5.03
CA PHE A 591 -29.61 -65.75 6.46
C PHE A 591 -30.56 -66.67 7.21
N ILE A 592 -30.02 -67.45 8.20
CA ILE A 592 -30.78 -68.38 9.05
C ILE A 592 -30.53 -67.98 10.50
N PHE A 593 -31.64 -67.77 11.25
CA PHE A 593 -31.60 -67.40 12.68
C PHE A 593 -32.42 -68.38 13.50
N ASN A 594 -31.80 -69.00 14.52
CA ASN A 594 -32.47 -69.90 15.47
C ASN A 594 -32.58 -69.19 16.84
N PHE A 595 -33.72 -68.54 17.08
CA PHE A 595 -33.98 -67.84 18.34
C PHE A 595 -34.53 -68.76 19.43
N HIS A 596 -34.67 -70.08 19.14
CA HIS A 596 -35.18 -71.02 20.12
C HIS A 596 -34.24 -71.11 21.32
N PRO A 597 -34.77 -70.91 22.57
CA PRO A 597 -33.90 -70.98 23.75
C PRO A 597 -33.25 -72.33 24.06
N SER A 598 -33.74 -73.46 23.49
CA SER A 598 -33.16 -74.78 23.82
C SER A 598 -32.95 -75.73 22.63
N LYS A 599 -33.90 -75.79 21.68
CA LYS A 599 -33.82 -76.71 20.52
C LYS A 599 -32.76 -76.34 19.48
N SER A 600 -31.91 -77.33 19.10
CA SER A 600 -30.86 -77.23 18.09
C SER A 600 -31.27 -78.22 16.99
N TYR A 601 -31.64 -77.69 15.79
CA TYR A 601 -32.13 -78.46 14.65
C TYR A 601 -31.04 -79.04 13.70
N THR A 602 -31.14 -80.37 13.44
CA THR A 602 -30.28 -81.10 12.50
C THR A 602 -31.14 -81.40 11.28
N ASP A 603 -30.55 -81.31 10.08
CA ASP A 603 -31.20 -81.54 8.79
C ASP A 603 -32.47 -80.68 8.61
N TYR A 604 -32.37 -79.38 9.03
CA TYR A 604 -33.45 -78.41 8.94
C TYR A 604 -33.51 -77.87 7.52
N ARG A 605 -34.70 -77.94 6.92
CA ARG A 605 -34.92 -77.50 5.54
C ARG A 605 -35.13 -75.99 5.40
N VAL A 606 -34.22 -75.35 4.67
CA VAL A 606 -34.25 -73.94 4.39
C VAL A 606 -34.39 -73.80 2.86
N GLY A 607 -35.40 -73.07 2.41
CA GLY A 607 -35.64 -72.79 1.00
C GLY A 607 -34.64 -71.77 0.45
N THR A 608 -34.39 -71.80 -0.87
CA THR A 608 -33.43 -70.92 -1.55
C THR A 608 -33.86 -70.71 -2.99
N ALA A 609 -33.41 -69.63 -3.61
CA ALA A 609 -33.75 -69.37 -5.00
C ALA A 609 -32.65 -69.92 -5.91
N LEU A 610 -31.50 -70.27 -5.31
CA LEU A 610 -30.34 -70.72 -6.07
C LEU A 610 -30.00 -72.21 -5.97
N PRO A 611 -29.71 -72.89 -7.10
CA PRO A 611 -29.26 -74.28 -7.01
C PRO A 611 -27.74 -74.30 -6.84
N GLY A 612 -27.17 -75.47 -6.57
CA GLY A 612 -25.74 -75.60 -6.43
C GLY A 612 -25.21 -75.72 -5.02
N LYS A 613 -23.93 -75.35 -4.85
CA LYS A 613 -23.12 -75.41 -3.63
C LYS A 613 -23.27 -74.09 -2.86
N PHE A 614 -23.35 -74.17 -1.52
CA PHE A 614 -23.45 -73.07 -0.55
C PHE A 614 -22.42 -73.27 0.50
N LYS A 615 -21.84 -72.17 0.99
CA LYS A 615 -20.80 -72.19 2.01
C LYS A 615 -21.09 -71.14 3.10
N ILE A 616 -20.70 -71.43 4.36
CA ILE A 616 -20.87 -70.52 5.48
C ILE A 616 -19.90 -69.36 5.34
N VAL A 617 -20.42 -68.15 5.24
CA VAL A 617 -19.59 -66.96 5.16
C VAL A 617 -19.51 -66.30 6.56
N LEU A 618 -20.58 -66.48 7.36
CA LEU A 618 -20.65 -65.99 8.74
C LEU A 618 -21.41 -66.95 9.63
N ASP A 619 -20.82 -67.27 10.79
CA ASP A 619 -21.37 -68.17 11.81
C ASP A 619 -21.16 -67.54 13.16
N SER A 620 -22.25 -67.16 13.83
CA SER A 620 -22.17 -66.55 15.17
C SER A 620 -21.68 -67.53 16.24
N ASP A 621 -21.68 -68.84 15.95
CA ASP A 621 -21.18 -69.85 16.88
C ASP A 621 -19.67 -70.06 16.77
N ALA A 622 -18.97 -69.27 15.97
CA ALA A 622 -17.50 -69.37 15.89
C ALA A 622 -16.90 -69.00 17.25
N ALA A 623 -15.73 -69.57 17.59
CA ALA A 623 -15.05 -69.31 18.86
C ALA A 623 -14.67 -67.85 19.04
N GLU A 624 -14.23 -67.18 17.95
CA GLU A 624 -13.79 -65.78 17.94
C GLU A 624 -14.90 -64.81 18.34
N TYR A 625 -16.17 -65.26 18.29
CA TYR A 625 -17.35 -64.47 18.67
C TYR A 625 -17.95 -64.93 20.00
N GLY A 626 -17.35 -65.93 20.66
CA GLY A 626 -17.85 -66.44 21.93
C GLY A 626 -18.95 -67.49 21.77
N GLY A 627 -18.78 -68.33 20.76
CA GLY A 627 -19.67 -69.45 20.45
C GLY A 627 -19.00 -70.73 20.87
N HIS A 628 -19.66 -71.85 20.68
CA HIS A 628 -19.11 -73.13 21.12
C HIS A 628 -18.30 -73.91 20.07
N GLN A 629 -18.18 -73.36 18.82
CA GLN A 629 -17.50 -73.95 17.65
C GLN A 629 -18.16 -75.25 17.26
N ARG A 630 -19.49 -75.26 17.18
CA ARG A 630 -20.26 -76.47 16.87
C ARG A 630 -20.31 -76.77 15.40
N LEU A 631 -19.97 -75.76 14.57
CA LEU A 631 -20.02 -75.90 13.12
C LEU A 631 -18.66 -75.90 12.45
N ASP A 632 -18.51 -76.79 11.44
CA ASP A 632 -17.33 -76.90 10.57
C ASP A 632 -17.64 -76.13 9.28
N HIS A 633 -16.88 -75.05 9.06
CA HIS A 633 -17.07 -74.16 7.92
C HIS A 633 -16.73 -74.80 6.56
N SER A 634 -15.85 -75.84 6.57
CA SER A 634 -15.40 -76.57 5.38
C SER A 634 -16.51 -77.42 4.72
N THR A 635 -17.67 -77.57 5.40
CA THR A 635 -18.84 -78.31 4.92
C THR A 635 -19.46 -77.65 3.69
N ASP A 636 -19.80 -78.44 2.68
CA ASP A 636 -20.44 -77.97 1.46
C ASP A 636 -21.93 -78.35 1.55
N PHE A 637 -22.79 -77.34 1.45
CA PHE A 637 -24.24 -77.49 1.53
C PHE A 637 -24.75 -77.47 0.09
N PHE A 638 -25.41 -78.55 -0.34
CA PHE A 638 -25.89 -78.68 -1.71
C PHE A 638 -27.37 -78.52 -1.80
N SER A 639 -27.75 -77.52 -2.57
CA SER A 639 -29.11 -77.12 -2.86
C SER A 639 -29.70 -78.20 -3.76
N GLU A 640 -30.91 -78.65 -3.44
CA GLU A 640 -31.58 -79.66 -4.24
C GLU A 640 -32.86 -79.09 -4.85
N ALA A 641 -33.51 -79.84 -5.74
CA ALA A 641 -34.72 -79.35 -6.36
C ALA A 641 -35.87 -79.92 -5.58
N PHE A 642 -36.24 -79.20 -4.53
CA PHE A 642 -37.34 -79.57 -3.65
C PHE A 642 -38.01 -78.31 -3.17
N GLU A 643 -39.23 -78.02 -3.69
CA GLU A 643 -40.00 -76.83 -3.28
C GLU A 643 -40.24 -76.79 -1.77
N HIS A 644 -39.77 -75.71 -1.13
CA HIS A 644 -39.91 -75.51 0.30
C HIS A 644 -40.07 -74.05 0.66
N ASN A 645 -41.26 -73.70 1.20
CA ASN A 645 -41.63 -72.37 1.67
C ASN A 645 -41.74 -71.33 0.56
N GLY A 646 -42.24 -71.76 -0.59
CA GLY A 646 -42.40 -70.88 -1.76
C GLY A 646 -41.09 -70.56 -2.45
N ARG A 647 -40.07 -71.39 -2.19
CA ARG A 647 -38.74 -71.30 -2.78
C ARG A 647 -38.56 -72.51 -3.71
N PRO A 648 -37.91 -72.36 -4.89
CA PRO A 648 -37.79 -73.49 -5.82
C PRO A 648 -36.87 -74.63 -5.36
N TYR A 649 -35.78 -74.29 -4.71
CA TYR A 649 -34.79 -75.21 -4.17
C TYR A 649 -34.79 -75.10 -2.66
N SER A 650 -34.12 -76.05 -2.01
CA SER A 650 -34.00 -76.10 -0.56
C SER A 650 -32.77 -76.87 -0.20
N LEU A 651 -32.16 -76.53 0.92
CA LEU A 651 -30.99 -77.23 1.44
C LEU A 651 -31.20 -77.60 2.90
N LEU A 652 -30.45 -78.58 3.39
CA LEU A 652 -30.55 -79.03 4.77
C LEU A 652 -29.39 -78.44 5.57
N VAL A 653 -29.66 -77.99 6.81
CA VAL A 653 -28.61 -77.36 7.62
C VAL A 653 -28.68 -77.73 9.12
N TYR A 654 -27.52 -77.61 9.82
CA TYR A 654 -27.46 -77.80 11.27
C TYR A 654 -27.36 -76.41 11.87
N ILE A 655 -28.42 -76.01 12.59
CA ILE A 655 -28.52 -74.69 13.21
C ILE A 655 -28.77 -74.85 14.73
N PRO A 656 -27.70 -74.68 15.53
CA PRO A 656 -27.86 -74.80 16.99
C PRO A 656 -28.72 -73.67 17.58
N SER A 657 -29.20 -73.87 18.82
CA SER A 657 -30.01 -72.89 19.55
C SER A 657 -29.17 -71.61 19.75
N ARG A 658 -29.80 -70.44 19.50
CA ARG A 658 -29.20 -69.10 19.59
C ARG A 658 -27.92 -68.97 18.71
N VAL A 659 -28.06 -69.38 17.44
CA VAL A 659 -27.02 -69.32 16.41
C VAL A 659 -27.62 -68.68 15.14
N ALA A 660 -26.85 -67.78 14.52
CA ALA A 660 -27.19 -67.11 13.27
C ALA A 660 -26.14 -67.52 12.24
N LEU A 661 -26.59 -67.80 11.01
CA LEU A 661 -25.73 -68.22 9.90
C LEU A 661 -25.96 -67.41 8.63
N ILE A 662 -24.90 -67.12 7.91
CA ILE A 662 -24.98 -66.48 6.59
C ILE A 662 -24.27 -67.42 5.63
N LEU A 663 -24.98 -67.83 4.56
CA LEU A 663 -24.50 -68.76 3.54
C LEU A 663 -24.48 -68.13 2.14
N GLN A 664 -23.31 -68.14 1.48
CA GLN A 664 -23.04 -67.59 0.14
C GLN A 664 -23.08 -68.68 -0.91
N ASN A 665 -23.75 -68.45 -2.06
CA ASN A 665 -23.67 -69.44 -3.15
C ASN A 665 -22.31 -69.27 -3.87
N VAL A 666 -21.62 -70.40 -4.03
CA VAL A 666 -20.30 -70.57 -4.66
C VAL A 666 -20.36 -71.36 -5.97
N ASP A 667 -19.39 -71.09 -6.89
CA ASP A 667 -19.28 -71.79 -8.18
C ASP A 667 -18.90 -73.22 -7.91
N LEU A 668 -19.64 -74.18 -8.52
CA LEU A 668 -19.43 -75.62 -8.35
C LEU A 668 -17.99 -76.11 -8.60
N ASP B 12 10.19 26.06 -21.49
CA ASP B 12 11.51 25.45 -21.74
C ASP B 12 12.62 26.34 -21.18
N PHE B 13 13.72 25.68 -20.77
CA PHE B 13 14.91 26.33 -20.26
C PHE B 13 15.83 26.70 -21.41
N GLN B 14 15.72 25.98 -22.54
CA GLN B 14 16.45 26.23 -23.79
C GLN B 14 16.09 27.64 -24.30
N ARG B 15 14.80 28.01 -24.15
CA ARG B 15 14.18 29.29 -24.49
C ARG B 15 14.82 30.40 -23.64
N ARG B 16 14.95 30.17 -22.32
CA ARG B 16 15.53 31.10 -21.36
C ARG B 16 16.99 31.36 -21.62
N TYR B 17 17.81 30.29 -21.78
CA TYR B 17 19.22 30.53 -22.04
C TYR B 17 19.41 31.33 -23.32
N LYS B 18 18.63 31.05 -24.39
CA LYS B 18 18.67 31.76 -25.68
C LYS B 18 18.28 33.23 -25.50
N GLN B 19 17.27 33.50 -24.65
CA GLN B 19 16.84 34.87 -24.36
C GLN B 19 17.94 35.65 -23.62
N PHE B 20 18.42 35.11 -22.49
CA PHE B 20 19.52 35.68 -21.69
C PHE B 20 20.72 35.95 -22.61
N SER B 21 21.17 34.91 -23.34
CA SER B 21 22.29 35.00 -24.29
C SER B 21 22.19 36.16 -25.29
N GLN B 22 20.97 36.47 -25.76
CA GLN B 22 20.70 37.57 -26.69
C GLN B 22 20.89 38.93 -26.01
N ILE B 23 20.22 39.15 -24.87
CA ILE B 23 20.32 40.40 -24.12
C ILE B 23 21.77 40.69 -23.71
N LEU B 24 22.51 39.64 -23.28
CA LEU B 24 23.92 39.75 -22.91
C LEU B 24 24.78 40.15 -24.10
N LYS B 25 24.46 39.61 -25.29
CA LYS B 25 25.18 39.87 -26.55
C LYS B 25 24.98 41.34 -26.93
N ASN B 26 23.77 41.88 -26.67
CA ASN B 26 23.40 43.27 -26.96
C ASN B 26 24.08 44.21 -26.00
N ILE B 27 24.26 43.80 -24.74
CA ILE B 27 24.98 44.56 -23.72
C ILE B 27 26.43 44.72 -24.23
N GLY B 28 26.94 43.70 -24.92
CA GLY B 28 28.26 43.72 -25.52
C GLY B 28 28.40 44.60 -26.75
N GLU B 29 27.42 44.56 -27.67
CA GLU B 29 27.39 45.37 -28.92
C GLU B 29 27.05 46.84 -28.64
N ASN B 30 26.11 47.12 -27.72
CA ASN B 30 25.61 48.46 -27.42
C ASN B 30 26.37 49.19 -26.32
N GLU B 31 26.70 48.51 -25.22
CA GLU B 31 27.52 49.02 -24.12
C GLU B 31 28.84 48.28 -24.32
N GLY B 32 29.76 48.26 -23.41
CA GLY B 32 30.97 47.52 -23.78
C GLY B 32 31.15 46.24 -23.00
N GLY B 33 30.05 45.51 -22.82
CA GLY B 33 30.00 44.30 -22.02
C GLY B 33 29.40 44.62 -20.67
N ILE B 34 29.11 43.61 -19.84
CA ILE B 34 28.41 43.82 -18.55
C ILE B 34 29.29 44.60 -17.51
N ASP B 35 30.64 44.59 -17.64
CA ASP B 35 31.50 45.35 -16.72
C ASP B 35 31.24 46.83 -16.94
N LYS B 36 31.49 47.31 -18.17
CA LYS B 36 31.26 48.70 -18.56
C LYS B 36 29.78 49.09 -18.31
N PHE B 37 28.82 48.26 -18.74
CA PHE B 37 27.40 48.56 -18.56
C PHE B 37 27.01 48.85 -17.08
N SER B 38 27.57 48.08 -16.12
CA SER B 38 27.28 48.16 -14.70
C SER B 38 28.05 49.26 -13.96
N ARG B 39 28.83 50.09 -14.67
CA ARG B 39 29.55 51.18 -14.03
C ARG B 39 28.83 52.54 -14.25
N GLY B 40 27.50 52.50 -14.36
CA GLY B 40 26.67 53.67 -14.58
C GLY B 40 26.75 54.74 -13.51
N TYR B 41 27.05 54.35 -12.28
CA TYR B 41 27.16 55.25 -11.12
C TYR B 41 28.34 56.21 -11.21
N GLU B 42 29.25 55.98 -12.14
CA GLU B 42 30.45 56.78 -12.42
C GLU B 42 30.16 58.04 -13.21
N SER B 43 29.05 58.08 -13.98
CA SER B 43 28.65 59.24 -14.81
C SER B 43 27.26 59.80 -14.39
N PHE B 44 26.29 58.92 -14.12
CA PHE B 44 24.98 59.36 -13.65
C PHE B 44 25.09 59.85 -12.21
N GLY B 45 24.24 60.81 -11.86
CA GLY B 45 24.24 61.41 -10.54
C GLY B 45 24.85 62.78 -10.59
N VAL B 46 25.58 63.15 -9.54
CA VAL B 46 26.27 64.42 -9.34
C VAL B 46 27.72 64.11 -9.00
N HIS B 47 28.65 64.65 -9.79
CA HIS B 47 30.08 64.36 -9.57
C HIS B 47 30.93 65.57 -9.60
N ARG B 48 31.83 65.69 -8.63
CA ARG B 48 32.78 66.79 -8.66
C ARG B 48 33.95 66.28 -9.42
N CYS B 49 34.33 67.03 -10.48
CA CYS B 49 35.44 66.68 -11.35
C CYS B 49 36.75 67.18 -10.80
N ALA B 50 37.87 66.60 -11.27
CA ALA B 50 39.23 66.96 -10.85
C ALA B 50 39.59 68.39 -11.26
N ASP B 51 38.84 68.95 -12.24
CA ASP B 51 39.01 70.31 -12.74
C ASP B 51 38.24 71.34 -11.93
N GLY B 52 37.59 70.91 -10.86
CA GLY B 52 36.83 71.80 -9.97
C GLY B 52 35.37 72.04 -10.38
N GLY B 53 35.03 71.64 -11.62
CA GLY B 53 33.67 71.73 -12.13
C GLY B 53 32.79 70.64 -11.58
N LEU B 54 31.51 70.64 -11.98
CA LEU B 54 30.55 69.62 -11.53
C LEU B 54 29.85 68.98 -12.72
N TYR B 55 29.98 67.64 -12.85
CA TYR B 55 29.30 66.90 -13.93
C TYR B 55 28.09 66.14 -13.42
N CYS B 56 26.94 66.34 -14.07
CA CYS B 56 25.67 65.71 -13.71
C CYS B 56 24.98 64.99 -14.86
N LYS B 57 24.40 63.82 -14.61
CA LYS B 57 23.67 63.09 -15.65
C LYS B 57 22.49 62.34 -15.07
N GLU B 58 21.36 62.39 -15.80
CA GLU B 58 20.11 61.76 -15.42
C GLU B 58 19.37 61.17 -16.60
N TRP B 59 18.50 60.19 -16.34
CA TRP B 59 17.58 59.64 -17.33
C TRP B 59 16.20 60.09 -16.88
N ALA B 60 15.61 61.03 -17.63
CA ALA B 60 14.26 61.55 -17.36
C ALA B 60 13.55 61.60 -18.73
N PRO B 61 13.03 60.42 -19.23
CA PRO B 61 12.49 60.36 -20.60
C PRO B 61 11.31 61.29 -20.89
N GLY B 62 10.48 61.56 -19.88
CA GLY B 62 9.30 62.38 -20.02
C GLY B 62 9.41 63.77 -19.44
N ALA B 63 10.62 64.31 -19.37
CA ALA B 63 10.81 65.66 -18.87
C ALA B 63 10.93 66.61 -20.03
N GLU B 64 10.35 67.83 -19.87
CA GLU B 64 10.43 68.93 -20.83
C GLU B 64 11.79 69.63 -20.62
N GLY B 65 12.19 69.69 -19.34
CA GLY B 65 13.46 70.25 -18.91
C GLY B 65 13.91 69.69 -17.58
N VAL B 66 15.24 69.58 -17.39
CA VAL B 66 15.90 69.08 -16.18
C VAL B 66 16.91 70.17 -15.71
N PHE B 67 17.00 70.41 -14.38
CA PHE B 67 17.85 71.46 -13.80
C PHE B 67 18.42 71.03 -12.45
N LEU B 68 19.50 71.70 -12.00
CA LEU B 68 20.09 71.46 -10.68
C LEU B 68 19.99 72.71 -9.82
N THR B 69 19.44 72.55 -8.64
CA THR B 69 19.19 73.62 -7.67
C THR B 69 19.61 73.13 -6.30
N GLY B 70 19.75 74.05 -5.37
CA GLY B 70 20.16 73.70 -4.00
C GLY B 70 20.72 74.88 -3.27
N ASP B 71 21.25 74.62 -2.06
CA ASP B 71 21.86 75.66 -1.22
C ASP B 71 22.93 76.38 -2.04
N PHE B 72 23.76 75.62 -2.78
CA PHE B 72 24.85 76.16 -3.59
C PHE B 72 24.45 77.29 -4.54
N ASN B 73 23.20 77.35 -5.02
CA ASN B 73 22.81 78.39 -5.97
C ASN B 73 21.62 79.24 -5.49
N GLY B 74 21.39 79.26 -4.16
CA GLY B 74 20.32 80.01 -3.52
C GLY B 74 18.94 79.56 -3.95
N TRP B 75 18.77 78.27 -4.22
CA TRP B 75 17.55 77.62 -4.64
C TRP B 75 16.87 78.28 -5.86
N ASN B 76 17.69 78.81 -6.77
CA ASN B 76 17.22 79.35 -8.04
C ASN B 76 16.92 78.08 -8.86
N PRO B 77 15.65 77.83 -9.21
CA PRO B 77 15.33 76.57 -9.90
C PRO B 77 15.83 76.42 -11.32
N PHE B 78 15.98 77.51 -12.09
CA PHE B 78 16.28 77.30 -13.51
C PHE B 78 17.63 77.81 -14.01
N SER B 79 18.49 78.31 -13.13
CA SER B 79 19.81 78.84 -13.49
C SER B 79 20.76 77.80 -14.06
N TYR B 80 20.54 76.52 -13.76
CA TYR B 80 21.41 75.44 -14.25
C TYR B 80 20.65 74.38 -15.06
N PRO B 81 20.30 74.71 -16.33
CA PRO B 81 19.63 73.74 -17.19
C PRO B 81 20.57 72.65 -17.69
N TYR B 82 20.08 71.39 -17.67
CA TYR B 82 20.79 70.25 -18.21
C TYR B 82 20.52 70.34 -19.68
N LYS B 83 21.43 69.79 -20.50
CA LYS B 83 21.36 69.75 -21.96
C LYS B 83 20.73 68.41 -22.30
N LYS B 84 19.73 68.39 -23.20
CA LYS B 84 19.07 67.17 -23.61
C LYS B 84 19.99 66.38 -24.55
N LEU B 85 20.09 65.07 -24.30
CA LEU B 85 20.85 64.15 -25.12
C LEU B 85 19.91 63.08 -25.72
N ASP B 86 20.47 62.14 -26.50
CA ASP B 86 19.68 61.06 -27.06
C ASP B 86 19.12 60.15 -25.94
N TYR B 87 18.11 59.34 -26.28
CA TYR B 87 17.54 58.30 -25.41
C TYR B 87 17.00 58.80 -24.03
N GLY B 88 16.41 60.01 -23.99
CA GLY B 88 15.84 60.54 -22.75
C GLY B 88 16.81 60.97 -21.67
N LYS B 89 18.11 61.01 -21.98
CA LYS B 89 19.16 61.37 -21.01
C LYS B 89 19.50 62.86 -21.08
N TRP B 90 19.94 63.40 -19.94
CA TRP B 90 20.29 64.81 -19.80
C TRP B 90 21.60 64.97 -19.07
N GLU B 91 22.47 65.88 -19.52
CA GLU B 91 23.76 66.13 -18.82
C GLU B 91 23.99 67.62 -18.53
N LEU B 92 24.65 67.89 -17.40
CA LEU B 92 24.97 69.26 -16.99
C LEU B 92 26.41 69.34 -16.53
N TYR B 93 27.16 70.35 -17.01
CA TYR B 93 28.47 70.61 -16.51
C TYR B 93 28.55 72.05 -16.06
N ILE B 94 28.64 72.27 -14.75
CA ILE B 94 28.81 73.61 -14.18
C ILE B 94 30.33 73.88 -14.19
N PRO B 95 30.81 74.95 -14.87
CA PRO B 95 32.26 75.22 -14.89
C PRO B 95 32.83 75.52 -13.50
N PRO B 96 34.14 75.28 -13.30
CA PRO B 96 34.73 75.57 -11.97
C PRO B 96 34.70 77.05 -11.62
N LYS B 97 34.60 77.37 -10.30
CA LYS B 97 34.57 78.73 -9.75
C LYS B 97 35.88 79.48 -10.05
N GLN B 98 35.75 80.80 -10.35
CA GLN B 98 36.85 81.71 -10.67
C GLN B 98 37.88 81.70 -9.52
N ASN B 99 37.36 81.86 -8.27
CA ASN B 99 38.17 81.83 -7.04
C ASN B 99 38.71 80.43 -6.65
N LYS B 100 38.43 79.40 -7.47
CA LYS B 100 38.88 78.02 -7.27
C LYS B 100 38.34 77.39 -5.95
N SER B 101 37.12 77.74 -5.55
CA SER B 101 36.49 77.17 -4.35
C SER B 101 35.44 76.14 -4.80
N VAL B 102 34.98 75.30 -3.86
CA VAL B 102 34.00 74.25 -4.13
C VAL B 102 32.68 74.84 -4.62
N LEU B 103 32.11 74.26 -5.71
CA LEU B 103 30.83 74.69 -6.27
C LEU B 103 29.73 74.27 -5.28
N VAL B 104 29.65 72.93 -5.00
CA VAL B 104 28.68 72.32 -4.10
C VAL B 104 29.38 71.83 -2.85
N PRO B 105 29.29 72.59 -1.75
CA PRO B 105 29.95 72.15 -0.51
C PRO B 105 29.43 70.83 0.08
N HIS B 106 30.32 70.08 0.73
CA HIS B 106 29.98 68.83 1.40
C HIS B 106 28.99 69.14 2.51
N GLY B 107 27.92 68.33 2.60
CA GLY B 107 26.89 68.48 3.62
C GLY B 107 25.71 69.34 3.21
N SER B 108 25.83 70.05 2.04
CA SER B 108 24.80 70.95 1.55
C SER B 108 23.69 70.20 0.78
N LYS B 109 22.45 70.80 0.77
CA LYS B 109 21.26 70.28 0.14
C LYS B 109 21.20 70.55 -1.39
N LEU B 110 20.67 69.55 -2.11
CA LEU B 110 20.54 69.55 -3.57
C LEU B 110 19.19 69.01 -3.96
N LYS B 111 18.75 69.32 -5.20
CA LYS B 111 17.50 68.83 -5.77
C LYS B 111 17.57 68.91 -7.28
N VAL B 112 16.97 67.95 -7.98
CA VAL B 112 16.88 67.93 -9.43
C VAL B 112 15.51 68.53 -9.70
N VAL B 113 15.44 69.47 -10.65
CA VAL B 113 14.17 70.11 -11.01
C VAL B 113 13.76 69.53 -12.37
N ILE B 114 12.56 68.94 -12.40
CA ILE B 114 11.95 68.35 -13.58
C ILE B 114 10.72 69.22 -13.92
N THR B 115 10.64 69.65 -15.18
CA THR B 115 9.50 70.42 -15.68
C THR B 115 8.77 69.47 -16.62
N SER B 116 7.48 69.30 -16.38
CA SER B 116 6.67 68.36 -17.14
C SER B 116 5.98 69.01 -18.31
N LYS B 117 5.43 68.15 -19.20
CA LYS B 117 4.62 68.57 -20.33
C LYS B 117 3.41 69.44 -19.81
N SER B 118 2.83 69.08 -18.61
CA SER B 118 1.71 69.77 -17.94
C SER B 118 2.07 71.14 -17.25
N GLY B 119 3.34 71.56 -17.30
CA GLY B 119 3.77 72.83 -16.72
C GLY B 119 4.01 72.83 -15.22
N GLU B 120 4.27 71.64 -14.66
CA GLU B 120 4.53 71.37 -13.24
C GLU B 120 6.01 71.59 -12.96
N ILE B 121 6.32 72.07 -11.76
CA ILE B 121 7.72 72.21 -11.37
C ILE B 121 7.94 71.20 -10.25
N LEU B 122 8.60 70.09 -10.61
CA LEU B 122 8.83 68.96 -9.69
C LEU B 122 10.23 68.96 -9.12
N TYR B 123 10.33 68.91 -7.79
CA TYR B 123 11.61 68.76 -7.10
C TYR B 123 11.79 67.24 -6.79
N ARG B 124 12.95 66.71 -7.14
CA ARG B 124 13.28 65.30 -6.97
C ARG B 124 14.68 65.08 -6.40
N ILE B 125 14.90 63.92 -5.73
CA ILE B 125 16.21 63.48 -5.25
C ILE B 125 16.70 62.57 -6.39
N SER B 126 17.97 62.72 -6.82
CA SER B 126 18.49 61.91 -7.92
C SER B 126 18.39 60.41 -7.60
N PRO B 127 17.92 59.58 -8.56
CA PRO B 127 17.88 58.11 -8.32
C PRO B 127 19.23 57.54 -7.86
N TRP B 128 20.30 58.18 -8.33
CA TRP B 128 21.70 57.85 -8.11
C TRP B 128 22.33 58.42 -6.84
N ALA B 129 21.58 59.23 -6.07
CA ALA B 129 22.01 59.84 -4.81
C ALA B 129 22.68 58.84 -3.83
N LYS B 130 23.87 59.21 -3.36
CA LYS B 130 24.79 58.51 -2.48
C LYS B 130 24.38 58.66 -0.97
N TYR B 131 23.75 59.80 -0.58
CA TYR B 131 23.42 60.10 0.81
C TYR B 131 22.19 60.99 0.93
N VAL B 132 21.24 60.60 1.79
CA VAL B 132 19.99 61.36 2.04
C VAL B 132 19.72 61.42 3.55
N VAL B 133 19.33 62.60 4.09
CA VAL B 133 19.05 62.77 5.52
C VAL B 133 17.69 63.42 5.80
N ARG B 134 16.97 62.91 6.83
CA ARG B 134 15.72 63.51 7.31
C ARG B 134 16.09 64.43 8.50
N GLU B 135 15.89 65.74 8.34
CA GLU B 135 16.23 66.75 9.34
C GLU B 135 15.16 66.84 10.41
N GLY B 136 15.53 66.47 11.63
CA GLY B 136 14.65 66.49 12.78
C GLY B 136 13.33 65.83 12.51
N ASP B 137 12.24 66.64 12.57
CA ASP B 137 10.89 66.13 12.39
C ASP B 137 10.29 66.44 11.00
N ASN B 138 11.15 66.61 9.97
CA ASN B 138 10.70 66.90 8.60
C ASN B 138 9.94 65.75 8.02
N VAL B 139 8.97 66.05 7.15
CA VAL B 139 8.18 65.01 6.51
C VAL B 139 9.02 64.24 5.48
N ASN B 140 9.90 64.96 4.73
CA ASN B 140 10.75 64.34 3.70
C ASN B 140 12.23 64.39 3.95
N TYR B 141 12.93 63.53 3.22
CA TYR B 141 14.36 63.43 3.24
C TYR B 141 14.96 64.50 2.30
N ASP B 142 16.10 65.04 2.72
CA ASP B 142 16.85 66.02 1.98
C ASP B 142 17.97 65.26 1.26
N TRP B 143 18.37 65.76 0.09
CA TRP B 143 19.47 65.13 -0.64
C TRP B 143 20.79 65.84 -0.25
N ILE B 144 21.61 65.17 0.59
CA ILE B 144 22.88 65.69 1.09
C ILE B 144 24.06 65.33 0.17
N HIS B 145 24.73 66.36 -0.36
CA HIS B 145 25.89 66.16 -1.21
C HIS B 145 27.03 65.63 -0.34
N TRP B 146 27.56 64.46 -0.74
CA TRP B 146 28.61 63.81 0.01
C TRP B 146 29.97 63.96 -0.63
N ASP B 147 30.80 64.82 -0.04
CA ASP B 147 32.16 65.06 -0.51
C ASP B 147 33.09 65.23 0.70
N PRO B 148 33.28 64.18 1.54
CA PRO B 148 34.15 64.33 2.73
C PRO B 148 35.61 64.66 2.42
N GLU B 149 36.27 65.27 3.38
CA GLU B 149 37.69 65.62 3.29
C GLU B 149 38.47 64.31 3.16
N HIS B 150 38.17 63.32 4.03
CA HIS B 150 38.85 62.03 3.94
C HIS B 150 37.93 60.86 3.57
N SER B 151 38.34 60.10 2.57
CA SER B 151 37.69 58.86 2.15
C SER B 151 38.13 57.72 3.10
N TYR B 152 37.37 56.60 3.14
CA TYR B 152 37.79 55.46 3.93
C TYR B 152 38.66 54.60 3.01
N GLU B 153 39.87 54.22 3.45
CA GLU B 153 40.73 53.33 2.68
C GLU B 153 40.62 51.93 3.25
N PHE B 154 40.12 50.98 2.44
CA PHE B 154 39.97 49.59 2.85
C PHE B 154 41.34 49.00 3.14
N LYS B 155 41.51 48.47 4.34
CA LYS B 155 42.79 47.92 4.82
C LYS B 155 42.83 46.38 4.75
N HIS B 156 41.65 45.71 4.65
CA HIS B 156 41.60 44.24 4.69
C HIS B 156 41.06 43.60 3.44
N SER B 157 41.59 42.43 3.14
CA SER B 157 41.23 41.62 2.00
C SER B 157 40.05 40.71 2.35
N ARG B 158 39.28 40.32 1.30
CA ARG B 158 38.11 39.45 1.38
C ARG B 158 38.55 38.11 1.99
N PRO B 159 37.79 37.57 2.96
CA PRO B 159 38.17 36.26 3.52
C PRO B 159 38.06 35.13 2.48
N LYS B 160 38.75 34.01 2.74
CA LYS B 160 38.71 32.82 1.88
C LYS B 160 37.27 32.38 1.85
N LYS B 161 36.74 32.00 0.65
CA LYS B 161 35.34 31.56 0.53
C LYS B 161 35.07 30.41 1.54
N PRO B 162 34.04 30.54 2.41
CA PRO B 162 33.76 29.47 3.38
C PRO B 162 33.32 28.17 2.72
N ARG B 163 33.68 27.04 3.37
CA ARG B 163 33.32 25.67 2.97
C ARG B 163 31.77 25.54 3.11
N SER B 164 31.22 26.03 4.22
CA SER B 164 29.81 26.01 4.59
C SER B 164 29.48 27.39 5.19
N LEU B 165 28.30 27.96 4.86
CA LEU B 165 27.86 29.26 5.37
C LEU B 165 27.11 29.12 6.68
N ARG B 166 27.48 29.95 7.69
CA ARG B 166 26.81 30.02 9.00
C ARG B 166 26.49 31.48 9.17
N ILE B 167 25.30 31.85 8.67
CA ILE B 167 24.80 33.22 8.55
C ILE B 167 24.16 33.77 9.83
N TYR B 168 24.55 35.00 10.19
CA TYR B 168 23.98 35.72 11.30
C TYR B 168 23.22 36.90 10.68
N GLU B 169 21.89 36.77 10.54
CA GLU B 169 21.01 37.79 9.99
C GLU B 169 20.94 38.90 11.00
N SER B 170 21.33 40.13 10.56
CA SER B 170 21.47 41.34 11.39
C SER B 170 20.80 42.56 10.83
N HIS B 171 20.36 43.45 11.75
CA HIS B 171 19.78 44.76 11.53
C HIS B 171 20.64 45.64 12.44
N VAL B 172 21.18 46.72 11.89
CA VAL B 172 22.07 47.62 12.62
C VAL B 172 21.33 48.46 13.67
N GLY B 173 20.18 49.03 13.32
CA GLY B 173 19.42 49.91 14.19
C GLY B 173 19.01 49.32 15.52
N ILE B 174 18.53 48.09 15.49
CA ILE B 174 18.03 47.35 16.65
C ILE B 174 19.15 46.60 17.41
N SER B 175 20.41 46.71 16.97
CA SER B 175 21.53 45.95 17.53
C SER B 175 22.06 46.41 18.90
N SER B 176 21.34 47.32 19.61
CA SER B 176 21.71 47.79 20.96
C SER B 176 20.55 47.57 21.94
N HIS B 177 20.84 47.62 23.25
CA HIS B 177 19.81 47.47 24.30
C HIS B 177 18.98 48.74 24.48
N GLU B 178 19.41 49.85 23.84
CA GLU B 178 18.75 51.16 23.91
C GLU B 178 17.64 51.24 22.87
N GLY B 179 16.57 51.97 23.24
CA GLY B 179 15.42 52.25 22.39
C GLY B 179 15.70 53.47 21.53
N LYS B 180 16.57 53.30 20.54
CA LYS B 180 17.00 54.30 19.56
C LYS B 180 17.60 53.59 18.34
N VAL B 181 17.87 54.31 17.25
CA VAL B 181 18.51 53.68 16.09
C VAL B 181 20.04 53.58 16.41
N ALA B 182 20.55 52.34 16.62
CA ALA B 182 21.98 52.09 16.89
C ALA B 182 22.81 52.37 15.64
N SER B 183 24.11 52.66 15.83
CA SER B 183 24.99 53.07 14.74
C SER B 183 25.82 51.96 14.11
N TYR B 184 26.40 52.28 12.93
CA TYR B 184 27.34 51.43 12.21
C TYR B 184 28.53 51.21 13.14
N LYS B 185 29.01 52.29 13.78
CA LYS B 185 30.11 52.26 14.74
C LYS B 185 29.82 51.28 15.92
N HIS B 186 28.61 51.36 16.52
CA HIS B 186 28.22 50.47 17.62
C HIS B 186 28.29 49.02 17.19
N PHE B 187 27.68 48.69 16.02
CA PHE B 187 27.68 47.35 15.42
C PHE B 187 29.10 46.84 15.23
N THR B 188 29.98 47.68 14.65
CA THR B 188 31.41 47.39 14.38
C THR B 188 32.21 47.03 15.67
N CYS B 189 32.00 47.78 16.76
CA CYS B 189 32.72 47.59 18.00
C CYS B 189 32.15 46.54 18.88
N ASN B 190 30.82 46.53 19.01
CA ASN B 190 30.16 45.71 20.00
C ASN B 190 29.49 44.44 19.47
N VAL B 191 28.91 44.48 18.26
CA VAL B 191 28.22 43.33 17.71
C VAL B 191 29.14 42.42 16.89
N LEU B 192 30.07 42.96 16.08
CA LEU B 192 30.96 42.05 15.32
C LEU B 192 31.68 41.05 16.22
N PRO B 193 32.35 41.43 17.35
CA PRO B 193 33.02 40.40 18.17
C PRO B 193 32.10 39.29 18.75
N ARG B 194 30.81 39.62 19.01
CA ARG B 194 29.79 38.66 19.49
C ARG B 194 29.50 37.61 18.40
N ILE B 195 29.27 38.07 17.15
CA ILE B 195 29.02 37.22 15.98
C ILE B 195 30.21 36.25 15.78
N LYS B 196 31.45 36.78 15.79
CA LYS B 196 32.65 35.97 15.66
C LYS B 196 32.75 34.90 16.76
N GLY B 197 32.54 35.32 18.01
CA GLY B 197 32.58 34.46 19.18
C GLY B 197 31.61 33.29 19.14
N LEU B 198 30.44 33.49 18.46
CA LEU B 198 29.41 32.46 18.32
C LEU B 198 29.73 31.37 17.28
N GLY B 199 30.73 31.62 16.44
CA GLY B 199 31.08 30.66 15.39
C GLY B 199 30.48 30.94 14.03
N TYR B 200 29.81 32.11 13.86
CA TYR B 200 29.23 32.49 12.58
C TYR B 200 30.36 33.01 11.70
N ASN B 201 30.33 32.65 10.42
CA ASN B 201 31.38 33.06 9.48
C ASN B 201 30.84 34.00 8.36
N CYS B 202 29.58 34.43 8.50
CA CYS B 202 28.86 35.26 7.56
C CYS B 202 27.80 36.09 8.23
N ILE B 203 27.61 37.34 7.77
CA ILE B 203 26.62 38.29 8.28
C ILE B 203 25.71 38.68 7.12
N GLN B 204 24.40 38.55 7.30
CA GLN B 204 23.44 38.97 6.31
C GLN B 204 22.93 40.33 6.85
N LEU B 205 23.40 41.40 6.21
CA LEU B 205 23.08 42.75 6.62
C LEU B 205 21.78 43.21 5.97
N MET B 206 20.75 43.35 6.81
CA MET B 206 19.41 43.77 6.49
C MET B 206 19.32 45.28 6.56
N ALA B 207 18.31 45.85 5.92
CA ALA B 207 17.94 47.25 6.00
C ALA B 207 19.10 48.26 5.79
N ILE B 208 19.96 48.03 4.79
CA ILE B 208 21.07 48.95 4.53
C ILE B 208 20.63 49.96 3.47
N MET B 209 20.08 49.48 2.35
CA MET B 209 19.56 50.36 1.26
C MET B 209 18.57 51.34 1.88
N GLU B 210 18.69 52.62 1.53
CA GLU B 210 17.85 53.66 2.12
C GLU B 210 16.35 53.41 1.95
N HIS B 211 15.66 53.42 3.08
CA HIS B 211 14.22 53.29 3.26
C HIS B 211 13.77 54.43 4.19
N ALA B 212 12.80 55.24 3.79
CA ALA B 212 12.35 56.36 4.65
C ALA B 212 11.54 55.86 5.83
N TYR B 213 10.76 54.76 5.64
CA TYR B 213 9.91 54.17 6.67
C TYR B 213 10.66 53.08 7.44
N TYR B 214 11.19 53.45 8.61
CA TYR B 214 11.97 52.54 9.46
C TYR B 214 11.21 51.25 9.76
N ALA B 215 9.90 51.37 10.01
CA ALA B 215 9.04 50.23 10.35
C ALA B 215 8.80 49.24 9.18
N SER B 216 9.40 49.51 8.01
CA SER B 216 9.31 48.62 6.86
C SER B 216 10.39 47.49 6.90
N PHE B 217 11.27 47.47 7.93
CA PHE B 217 12.39 46.50 8.11
C PHE B 217 13.38 46.51 6.91
N GLY B 218 13.38 47.62 6.16
CA GLY B 218 14.26 47.84 5.02
C GLY B 218 13.72 47.38 3.68
N TYR B 219 12.42 47.09 3.62
CA TYR B 219 11.75 46.56 2.41
C TYR B 219 11.08 47.65 1.56
N GLN B 220 10.99 48.91 2.06
CA GLN B 220 10.43 50.03 1.30
C GLN B 220 11.52 51.03 0.90
N ILE B 221 12.23 50.74 -0.22
CA ILE B 221 13.38 51.52 -0.70
C ILE B 221 12.98 52.84 -1.35
N THR B 222 13.62 53.95 -0.89
CA THR B 222 13.44 55.31 -1.37
C THR B 222 14.64 55.75 -2.21
N SER B 223 15.86 55.55 -1.72
CA SER B 223 17.12 55.86 -2.43
C SER B 223 17.95 54.57 -2.55
N PHE B 224 18.04 54.05 -3.77
CA PHE B 224 18.69 52.76 -4.06
C PHE B 224 20.22 52.74 -3.95
N PHE B 225 20.90 53.88 -4.15
CA PHE B 225 22.37 53.93 -4.07
C PHE B 225 22.85 54.48 -2.76
N ALA B 226 21.91 54.75 -1.85
CA ALA B 226 22.21 55.33 -0.55
C ALA B 226 22.19 54.33 0.61
N ALA B 227 23.32 54.30 1.33
CA ALA B 227 23.47 53.54 2.57
C ALA B 227 22.68 54.36 3.61
N SER B 228 21.75 53.71 4.32
CA SER B 228 20.91 54.39 5.30
C SER B 228 21.66 55.36 6.21
N SER B 229 21.24 56.65 6.19
CA SER B 229 21.85 57.73 6.99
C SER B 229 21.64 57.48 8.47
N ARG B 230 20.47 57.02 8.83
CA ARG B 230 19.92 56.59 10.10
C ARG B 230 20.98 56.06 11.07
N TYR B 231 21.92 55.18 10.55
CA TYR B 231 22.96 54.51 11.34
C TYR B 231 24.32 55.19 11.32
N GLY B 232 24.47 56.18 10.45
CA GLY B 232 25.70 56.94 10.27
C GLY B 232 26.04 57.24 8.82
N SER B 233 27.32 57.61 8.59
CA SER B 233 27.87 58.02 7.30
C SER B 233 28.29 56.85 6.41
N PRO B 234 28.35 57.05 5.05
CA PRO B 234 28.81 55.97 4.14
C PRO B 234 30.14 55.30 4.55
N GLU B 235 31.12 56.10 5.00
CA GLU B 235 32.43 55.68 5.49
C GLU B 235 32.39 54.72 6.70
N GLU B 236 31.41 54.93 7.61
CA GLU B 236 31.24 54.10 8.81
C GLU B 236 30.72 52.69 8.45
N LEU B 237 30.03 52.57 7.29
CA LEU B 237 29.55 51.29 6.76
C LEU B 237 30.74 50.56 6.13
N GLN B 238 31.58 51.31 5.40
CA GLN B 238 32.78 50.80 4.78
C GLN B 238 33.70 50.23 5.85
N GLU B 239 33.89 50.98 6.96
CA GLU B 239 34.70 50.55 8.09
C GLU B 239 34.10 49.24 8.71
N LEU B 240 32.75 49.16 8.80
CA LEU B 240 32.03 47.99 9.29
C LEU B 240 32.39 46.75 8.44
N VAL B 241 32.24 46.85 7.11
CA VAL B 241 32.52 45.74 6.20
C VAL B 241 33.98 45.35 6.28
N ASP B 242 34.88 46.36 6.29
CA ASP B 242 36.33 46.11 6.37
C ASP B 242 36.69 45.41 7.65
N THR B 243 36.07 45.80 8.79
CA THR B 243 36.30 45.20 10.11
C THR B 243 35.79 43.75 10.15
N ALA B 244 34.65 43.45 9.49
CA ALA B 244 34.14 42.09 9.44
C ALA B 244 35.16 41.20 8.70
N HIS B 245 35.74 41.72 7.57
CA HIS B 245 36.74 41.04 6.76
C HIS B 245 38.02 40.81 7.57
N SER B 246 38.42 41.79 8.40
CA SER B 246 39.58 41.68 9.28
C SER B 246 39.43 40.47 10.21
N MET B 247 38.16 40.09 10.53
CA MET B 247 37.80 38.98 11.41
C MET B 247 37.46 37.69 10.66
N GLY B 248 37.65 37.67 9.35
CA GLY B 248 37.34 36.50 8.52
C GLY B 248 35.87 36.26 8.24
N ILE B 249 35.04 37.28 8.52
CA ILE B 249 33.61 37.22 8.32
C ILE B 249 33.23 37.88 7.01
N ILE B 250 32.48 37.17 6.16
CA ILE B 250 31.98 37.67 4.90
C ILE B 250 30.66 38.38 5.18
N VAL B 251 30.39 39.50 4.49
CA VAL B 251 29.19 40.30 4.66
C VAL B 251 28.38 40.26 3.37
N LEU B 252 27.08 39.84 3.49
CA LEU B 252 26.15 39.82 2.37
C LEU B 252 25.13 40.91 2.64
N LEU B 253 24.61 41.51 1.56
CA LEU B 253 23.63 42.58 1.67
C LEU B 253 22.24 42.14 1.20
N ASP B 254 21.18 42.53 1.94
CA ASP B 254 19.78 42.32 1.56
C ASP B 254 19.46 43.31 0.43
N VAL B 255 19.29 42.81 -0.79
CA VAL B 255 18.98 43.58 -1.98
C VAL B 255 17.48 43.51 -2.29
N VAL B 256 16.83 44.68 -2.19
CA VAL B 256 15.43 44.84 -2.50
C VAL B 256 15.33 45.50 -3.88
N HIS B 257 15.18 44.66 -4.91
CA HIS B 257 15.05 45.06 -6.32
C HIS B 257 13.73 44.56 -6.87
N SER B 258 12.80 44.18 -5.96
CA SER B 258 11.47 43.61 -6.24
C SER B 258 10.40 44.67 -6.43
N HIS B 259 10.57 45.81 -5.76
CA HIS B 259 9.64 46.91 -5.78
C HIS B 259 10.34 48.16 -5.23
N ALA B 260 9.65 49.31 -5.27
CA ALA B 260 10.16 50.57 -4.73
C ALA B 260 9.06 51.26 -3.98
N SER B 261 9.39 52.07 -2.99
CA SER B 261 8.41 52.87 -2.26
C SER B 261 7.73 53.85 -3.23
N LYS B 262 6.44 54.14 -3.02
CA LYS B 262 5.66 55.09 -3.83
C LYS B 262 6.04 56.57 -3.60
N ASN B 263 7.00 56.86 -2.67
CA ASN B 263 7.45 58.25 -2.40
C ASN B 263 7.98 58.92 -3.65
N SER B 264 7.55 60.16 -3.91
CA SER B 264 7.99 60.90 -5.09
C SER B 264 8.91 62.06 -4.70
N ALA B 265 8.65 62.71 -3.52
CA ALA B 265 9.44 63.84 -3.02
C ALA B 265 10.86 63.39 -2.69
N ASP B 266 10.97 62.21 -2.06
CA ASP B 266 12.22 61.63 -1.59
C ASP B 266 12.40 60.13 -2.00
N GLY B 267 11.76 59.74 -3.08
CA GLY B 267 11.80 58.38 -3.60
C GLY B 267 11.89 58.33 -5.11
N LEU B 268 11.83 57.12 -5.68
CA LEU B 268 12.02 56.89 -7.12
C LEU B 268 10.77 57.02 -7.95
N ASN B 269 9.60 57.05 -7.30
CA ASN B 269 8.31 57.12 -7.96
C ASN B 269 8.07 58.46 -8.65
N MET B 270 7.45 58.44 -9.86
CA MET B 270 7.11 59.66 -10.65
C MET B 270 8.32 60.56 -10.86
N PHE B 271 9.54 60.00 -11.05
CA PHE B 271 10.77 60.79 -11.18
C PHE B 271 10.63 61.88 -12.24
N ASP B 272 10.46 61.47 -13.52
CA ASP B 272 10.30 62.35 -14.69
C ASP B 272 8.84 62.94 -14.80
N GLY B 273 8.02 62.76 -13.75
CA GLY B 273 6.64 63.24 -13.71
C GLY B 273 5.57 62.27 -14.21
N THR B 274 5.97 61.19 -14.92
CA THR B 274 5.23 60.05 -15.52
C THR B 274 5.14 58.87 -14.52
N ASP B 275 4.20 57.91 -14.75
CA ASP B 275 4.09 56.70 -13.91
C ASP B 275 4.92 55.57 -14.53
N SER B 276 6.02 55.86 -15.21
CA SER B 276 6.79 54.83 -15.88
C SER B 276 8.17 55.27 -16.19
N CYS B 277 8.88 55.71 -15.23
CA CYS B 277 10.21 56.04 -15.70
C CYS B 277 10.93 54.68 -15.52
N TYR B 278 11.27 54.38 -14.25
CA TYR B 278 11.92 53.19 -13.79
C TYR B 278 10.91 52.07 -13.63
N PHE B 279 9.62 52.41 -13.71
CA PHE B 279 8.52 51.46 -13.50
C PHE B 279 7.59 51.26 -14.68
N HIS B 280 6.76 50.24 -14.55
CA HIS B 280 5.73 49.93 -15.52
C HIS B 280 4.53 50.87 -15.31
N SER B 281 3.90 51.28 -16.44
CA SER B 281 2.72 52.16 -16.44
C SER B 281 1.45 51.31 -16.24
N GLY B 282 0.39 51.92 -15.73
CA GLY B 282 -0.81 51.17 -15.48
C GLY B 282 -0.73 50.26 -14.27
N PRO B 283 -1.82 49.51 -14.05
CA PRO B 283 -1.93 48.62 -12.86
C PRO B 283 -0.81 47.60 -12.68
N ARG B 284 -0.25 47.15 -13.80
CA ARG B 284 0.86 46.21 -13.94
C ARG B 284 2.08 46.70 -13.09
N GLY B 285 2.29 48.00 -13.04
CA GLY B 285 3.41 48.61 -12.35
C GLY B 285 3.19 48.92 -10.89
N THR B 286 2.08 48.48 -10.33
CA THR B 286 1.78 48.72 -8.92
C THR B 286 1.44 47.42 -8.22
N HIS B 287 2.13 47.17 -7.08
CA HIS B 287 1.90 46.01 -6.23
C HIS B 287 0.87 46.47 -5.23
N ASP B 288 -0.38 45.95 -5.37
CA ASP B 288 -1.53 46.36 -4.55
C ASP B 288 -1.39 46.03 -3.06
N LEU B 289 -0.91 44.81 -2.70
CA LEU B 289 -0.72 44.40 -1.31
C LEU B 289 0.34 45.23 -0.57
N TRP B 290 1.46 45.57 -1.26
CA TRP B 290 2.57 46.34 -0.70
C TRP B 290 2.47 47.87 -0.91
N ASP B 291 1.54 48.34 -1.79
CA ASP B 291 1.38 49.76 -2.16
C ASP B 291 2.75 50.32 -2.59
N SER B 292 3.34 49.63 -3.58
CA SER B 292 4.67 49.88 -4.08
C SER B 292 4.69 49.91 -5.58
N ARG B 293 5.76 50.46 -6.14
CA ARG B 293 5.94 50.50 -7.59
C ARG B 293 6.71 49.28 -8.04
N LEU B 294 6.50 48.85 -9.31
CA LEU B 294 7.17 47.68 -9.87
C LEU B 294 7.96 48.04 -11.12
N PHE B 295 9.27 47.77 -11.05
CA PHE B 295 10.26 48.05 -12.09
C PHE B 295 9.94 47.46 -13.44
N ALA B 296 10.31 48.21 -14.49
CA ALA B 296 10.13 47.80 -15.87
C ALA B 296 11.42 47.11 -16.28
N TYR B 297 11.60 45.86 -15.82
CA TYR B 297 12.80 45.05 -16.08
C TYR B 297 13.15 44.87 -17.58
N SER B 298 12.22 45.14 -18.49
CA SER B 298 12.47 45.01 -19.95
C SER B 298 13.22 46.24 -20.49
N SER B 299 13.10 47.36 -19.76
CA SER B 299 13.66 48.65 -20.10
C SER B 299 15.18 48.70 -19.84
N TRP B 300 15.96 49.04 -20.88
CA TRP B 300 17.42 49.12 -20.90
C TRP B 300 18.01 49.96 -19.79
N GLU B 301 17.36 51.07 -19.46
CA GLU B 301 17.84 51.95 -18.43
C GLU B 301 17.59 51.44 -17.03
N VAL B 302 16.56 50.60 -16.85
CA VAL B 302 16.25 49.94 -15.58
C VAL B 302 17.33 48.88 -15.36
N LEU B 303 17.79 48.22 -16.45
CA LEU B 303 18.88 47.24 -16.38
C LEU B 303 20.17 47.94 -16.00
N ARG B 304 20.45 49.12 -16.60
CA ARG B 304 21.65 49.87 -16.27
C ARG B 304 21.61 50.28 -14.82
N PHE B 305 20.47 50.78 -14.33
CA PHE B 305 20.25 51.25 -12.96
C PHE B 305 20.41 50.12 -11.94
N LEU B 306 19.66 49.03 -12.11
CA LEU B 306 19.70 47.86 -11.24
C LEU B 306 21.04 47.16 -11.27
N LEU B 307 21.63 46.91 -12.46
CA LEU B 307 22.96 46.25 -12.53
C LEU B 307 24.07 47.15 -11.96
N SER B 308 23.91 48.47 -12.09
CA SER B 308 24.85 49.45 -11.62
C SER B 308 24.80 49.51 -10.14
N ASN B 309 23.61 49.24 -9.60
CA ASN B 309 23.36 49.19 -8.17
C ASN B 309 24.06 48.00 -7.59
N ILE B 310 23.93 46.81 -8.20
CA ILE B 310 24.60 45.58 -7.77
C ILE B 310 26.11 45.83 -7.67
N ARG B 311 26.70 46.33 -8.78
CA ARG B 311 28.11 46.71 -8.90
C ARG B 311 28.52 47.74 -7.80
N TRP B 312 27.67 48.76 -7.56
CA TRP B 312 27.88 49.78 -6.57
C TRP B 312 28.17 49.13 -5.21
N TRP B 313 27.28 48.23 -4.73
CA TRP B 313 27.46 47.56 -3.43
C TRP B 313 28.69 46.67 -3.38
N LEU B 314 29.09 46.10 -4.55
CA LEU B 314 30.28 45.25 -4.63
C LEU B 314 31.59 46.06 -4.54
N GLU B 315 31.63 47.18 -5.29
CA GLU B 315 32.78 48.07 -5.44
C GLU B 315 32.92 49.08 -4.33
N GLU B 316 31.89 49.89 -4.07
CA GLU B 316 31.91 50.92 -3.04
C GLU B 316 31.96 50.39 -1.63
N TYR B 317 31.13 49.40 -1.30
CA TYR B 317 31.03 48.92 0.06
C TYR B 317 31.65 47.56 0.27
N ARG B 318 32.15 46.94 -0.81
CA ARG B 318 32.89 45.65 -0.79
C ARG B 318 32.12 44.48 -0.15
N PHE B 319 30.83 44.37 -0.43
CA PHE B 319 30.02 43.26 0.02
C PHE B 319 30.42 41.99 -0.74
N ASP B 320 30.35 40.84 -0.07
CA ASP B 320 30.72 39.50 -0.55
C ASP B 320 29.61 38.78 -1.32
N GLY B 321 28.46 39.41 -1.39
CA GLY B 321 27.31 38.86 -2.08
C GLY B 321 26.01 39.48 -1.60
N PHE B 322 24.91 38.87 -2.01
CA PHE B 322 23.58 39.41 -1.72
C PHE B 322 22.52 38.38 -1.46
N ARG B 323 21.47 38.78 -0.75
CA ARG B 323 20.23 38.03 -0.62
C ARG B 323 19.22 38.88 -1.39
N PHE B 324 18.67 38.31 -2.45
CA PHE B 324 17.69 38.99 -3.27
C PHE B 324 16.33 38.69 -2.67
N ASP B 325 15.69 39.72 -2.07
CA ASP B 325 14.37 39.57 -1.46
C ASP B 325 13.30 39.82 -2.49
N GLY B 326 12.12 39.22 -2.27
CA GLY B 326 10.93 39.37 -3.09
C GLY B 326 11.02 38.69 -4.42
N VAL B 327 11.86 37.64 -4.54
CA VAL B 327 12.02 36.89 -5.80
C VAL B 327 10.67 36.28 -6.26
N THR B 328 9.84 35.76 -5.33
CA THR B 328 8.56 35.18 -5.71
C THR B 328 7.67 36.24 -6.36
N SER B 329 7.63 37.46 -5.79
CA SER B 329 6.84 38.53 -6.39
C SER B 329 7.41 38.94 -7.75
N MET B 330 8.72 39.07 -7.87
CA MET B 330 9.35 39.43 -9.13
C MET B 330 8.90 38.52 -10.25
N LEU B 331 8.84 37.20 -9.96
CA LEU B 331 8.45 36.13 -10.89
C LEU B 331 6.93 35.95 -11.09
N TYR B 332 6.12 36.04 -10.02
CA TYR B 332 4.68 35.75 -10.09
C TYR B 332 3.71 36.89 -9.74
N HIS B 333 4.16 38.13 -9.64
CA HIS B 333 3.31 39.30 -9.28
C HIS B 333 1.95 39.43 -10.07
N HIS B 334 1.97 39.07 -11.36
CA HIS B 334 0.82 39.12 -12.25
CA HIS B 334 0.81 39.12 -12.25
C HIS B 334 -0.36 38.28 -11.72
N HIS B 335 -0.06 37.14 -11.05
CA HIS B 335 -0.99 36.16 -10.46
C HIS B 335 -1.52 36.53 -9.08
N GLU B 347 2.19 24.64 -6.22
CA GLU B 347 0.96 25.41 -6.57
C GLU B 347 1.24 26.61 -7.54
N TYR B 348 2.51 26.69 -8.01
CA TYR B 348 3.06 27.70 -8.91
C TYR B 348 3.40 27.06 -10.25
N PHE B 349 3.39 25.72 -10.29
CA PHE B 349 3.76 24.89 -11.43
C PHE B 349 3.10 25.30 -12.77
N GLY B 350 1.81 25.61 -12.74
CA GLY B 350 1.10 26.02 -13.96
C GLY B 350 1.44 27.42 -14.43
N LEU B 351 1.53 28.36 -13.44
CA LEU B 351 1.78 29.79 -13.59
C LEU B 351 2.91 30.16 -14.54
N GLN B 352 2.71 31.28 -15.28
CA GLN B 352 3.67 31.90 -16.19
C GLN B 352 4.53 32.88 -15.34
N VAL B 353 5.84 32.79 -15.49
CA VAL B 353 6.86 33.60 -14.84
C VAL B 353 7.06 34.93 -15.61
N ASP B 354 7.31 36.09 -14.91
CA ASP B 354 7.66 37.34 -15.60
C ASP B 354 9.08 37.09 -16.09
N GLU B 355 9.24 36.75 -17.37
CA GLU B 355 10.55 36.40 -17.95
C GLU B 355 11.53 37.57 -17.96
N ASP B 356 10.98 38.80 -17.93
CA ASP B 356 11.78 40.02 -17.85
C ASP B 356 12.48 40.10 -16.49
N ALA B 357 11.71 39.93 -15.40
CA ALA B 357 12.27 39.90 -14.07
C ALA B 357 13.26 38.75 -13.92
N LEU B 358 12.97 37.54 -14.47
CA LEU B 358 13.91 36.43 -14.39
C LEU B 358 15.22 36.66 -15.19
N THR B 359 15.13 37.32 -16.35
CA THR B 359 16.31 37.66 -17.15
C THR B 359 17.16 38.69 -16.38
N TYR B 360 16.51 39.60 -15.66
CA TYR B 360 17.25 40.57 -14.86
C TYR B 360 18.06 39.81 -13.81
N LEU B 361 17.39 38.89 -13.05
CA LEU B 361 18.05 38.09 -12.02
C LEU B 361 19.19 37.24 -12.61
N MET B 362 19.05 36.75 -13.83
CA MET B 362 20.10 35.99 -14.49
C MET B 362 21.30 36.87 -14.77
N LEU B 363 21.08 38.07 -15.32
CA LEU B 363 22.13 39.05 -15.58
C LEU B 363 22.81 39.50 -14.29
N ALA B 364 22.02 39.70 -13.19
CA ALA B 364 22.56 40.09 -11.87
C ALA B 364 23.51 39.02 -11.36
N ASN B 365 23.06 37.76 -11.37
CA ASN B 365 23.87 36.61 -10.97
C ASN B 365 25.10 36.42 -11.86
N HIS B 366 24.92 36.57 -13.21
CA HIS B 366 26.03 36.49 -14.16
C HIS B 366 27.09 37.56 -13.80
N LEU B 367 26.67 38.80 -13.56
CA LEU B 367 27.53 39.91 -13.15
C LEU B 367 28.29 39.61 -11.85
N VAL B 368 27.57 39.30 -10.78
CA VAL B 368 28.18 38.99 -9.46
C VAL B 368 29.25 37.89 -9.56
N HIS B 369 28.94 36.77 -10.24
CA HIS B 369 29.84 35.64 -10.38
C HIS B 369 30.94 35.84 -11.42
N THR B 370 30.72 36.69 -12.46
CA THR B 370 31.78 36.99 -13.44
C THR B 370 32.84 37.90 -12.80
N LEU B 371 32.42 38.84 -11.92
CA LEU B 371 33.33 39.75 -11.23
C LEU B 371 34.13 39.02 -10.19
N CYS B 372 33.48 38.17 -9.41
CA CYS B 372 34.15 37.30 -8.45
C CYS B 372 33.43 35.98 -8.29
N PRO B 373 34.02 34.87 -8.79
CA PRO B 373 33.37 33.54 -8.66
C PRO B 373 33.07 33.08 -7.23
N ASP B 374 33.84 33.62 -6.25
CA ASP B 374 33.70 33.37 -4.81
C ASP B 374 32.49 34.08 -4.21
N SER B 375 31.90 35.07 -4.92
CA SER B 375 30.74 35.81 -4.46
C SER B 375 29.51 34.90 -4.35
N ILE B 376 28.66 35.17 -3.32
CA ILE B 376 27.46 34.39 -3.02
C ILE B 376 26.17 35.15 -3.26
N THR B 377 25.16 34.47 -3.82
CA THR B 377 23.82 35.06 -4.01
C THR B 377 22.83 34.07 -3.48
N ILE B 378 21.88 34.59 -2.69
CA ILE B 378 20.81 33.82 -2.04
C ILE B 378 19.46 34.38 -2.50
N ALA B 379 18.49 33.49 -2.83
CA ALA B 379 17.13 33.90 -3.23
C ALA B 379 16.10 33.68 -2.11
N GLU B 380 15.26 34.68 -1.87
CA GLU B 380 14.17 34.59 -0.92
C GLU B 380 12.99 34.19 -1.78
N ASP B 381 12.73 32.89 -1.87
CA ASP B 381 11.64 32.37 -2.70
C ASP B 381 10.80 31.31 -2.01
N VAL B 382 9.50 31.62 -1.85
CA VAL B 382 8.49 30.76 -1.25
C VAL B 382 7.94 29.71 -2.21
N SER B 383 7.89 30.05 -3.51
CA SER B 383 7.35 29.22 -4.60
C SER B 383 8.00 27.85 -4.76
N GLY B 384 9.31 27.78 -4.53
CA GLY B 384 10.07 26.56 -4.69
C GLY B 384 10.32 26.28 -6.15
N MET B 385 10.12 27.30 -7.04
CA MET B 385 10.31 27.11 -8.47
C MET B 385 11.65 26.44 -8.71
N PRO B 386 11.72 25.34 -9.47
CA PRO B 386 13.01 24.69 -9.68
C PRO B 386 13.91 25.55 -10.58
N ALA B 387 15.19 25.18 -10.66
CA ALA B 387 16.14 25.87 -11.53
C ALA B 387 16.38 27.37 -11.18
N LEU B 388 15.88 27.82 -10.02
CA LEU B 388 16.17 29.17 -9.61
C LEU B 388 17.63 29.16 -9.11
N CYS B 389 18.09 28.01 -8.51
CA CYS B 389 19.48 27.83 -8.07
C CYS B 389 20.23 27.00 -9.03
N SER B 390 19.72 26.85 -10.24
CA SER B 390 20.45 26.06 -11.22
C SER B 390 21.32 26.98 -12.12
N PRO B 391 22.35 26.44 -12.81
CA PRO B 391 23.24 27.30 -13.65
C PRO B 391 22.51 28.08 -14.73
N ILE B 392 23.07 29.22 -15.13
CA ILE B 392 22.45 30.02 -16.20
C ILE B 392 22.52 29.25 -17.55
N SER B 393 23.65 28.54 -17.77
CA SER B 393 23.91 27.69 -18.94
C SER B 393 22.83 26.62 -19.14
N GLN B 394 22.00 26.39 -18.11
CA GLN B 394 20.87 25.43 -18.11
C GLN B 394 19.53 26.14 -18.10
N GLY B 395 19.54 27.44 -18.26
CA GLY B 395 18.31 28.22 -18.24
C GLY B 395 17.81 28.51 -16.84
N GLY B 396 18.70 28.43 -15.86
CA GLY B 396 18.39 28.70 -14.46
C GLY B 396 18.70 30.14 -14.04
N GLY B 397 18.25 30.50 -12.83
CA GLY B 397 18.43 31.82 -12.24
C GLY B 397 19.86 32.13 -11.87
N GLY B 398 20.68 31.10 -11.67
CA GLY B 398 22.08 31.30 -11.33
C GLY B 398 22.35 31.67 -9.88
N PHE B 399 21.41 31.40 -8.98
CA PHE B 399 21.58 31.63 -7.56
C PHE B 399 22.44 30.54 -6.96
N ASP B 400 23.19 30.86 -5.89
CA ASP B 400 24.01 29.83 -5.25
C ASP B 400 23.14 29.06 -4.26
N TYR B 401 22.27 29.76 -3.51
CA TYR B 401 21.39 29.25 -2.43
C TYR B 401 20.00 29.81 -2.50
N ARG B 402 19.07 29.04 -1.94
CA ARG B 402 17.65 29.32 -1.75
C ARG B 402 17.46 29.25 -0.23
N LEU B 403 16.38 29.82 0.31
CA LEU B 403 16.08 29.70 1.75
C LEU B 403 15.11 28.53 1.92
N ALA B 404 15.38 27.58 2.86
CA ALA B 404 14.49 26.46 3.13
C ALA B 404 13.35 26.97 4.01
N MET B 405 12.34 27.57 3.38
CA MET B 405 11.21 28.23 4.05
C MET B 405 10.16 27.29 4.67
N ALA B 406 10.18 26.01 4.29
CA ALA B 406 9.27 25.02 4.84
C ALA B 406 9.62 24.66 6.29
N ILE B 407 10.94 24.73 6.65
CA ILE B 407 11.41 24.38 8.01
C ILE B 407 10.74 25.27 9.11
N PRO B 408 10.78 26.63 9.08
CA PRO B 408 10.11 27.39 10.15
C PRO B 408 8.63 27.07 10.34
N ASP B 409 7.92 26.78 9.23
CA ASP B 409 6.48 26.45 9.23
C ASP B 409 6.17 25.12 9.91
N LYS B 410 7.04 24.10 9.71
CA LYS B 410 6.86 22.81 10.34
C LYS B 410 7.01 22.92 11.85
N TRP B 411 7.97 23.74 12.33
CA TRP B 411 8.10 23.93 13.77
C TRP B 411 6.90 24.67 14.33
N ILE B 412 6.37 25.67 13.58
CA ILE B 412 5.17 26.40 14.04
C ILE B 412 3.98 25.41 14.14
N GLN B 413 3.71 24.62 13.07
CA GLN B 413 2.63 23.63 13.05
C GLN B 413 2.68 22.73 14.30
N LEU B 414 3.84 22.08 14.54
CA LEU B 414 4.05 21.14 15.64
C LEU B 414 3.83 21.78 16.99
N LEU B 415 4.30 23.03 17.20
CA LEU B 415 4.16 23.69 18.51
C LEU B 415 2.77 24.27 18.71
N LYS B 416 2.12 24.71 17.63
CA LYS B 416 0.81 25.33 17.71
C LYS B 416 -0.28 24.28 17.83
N GLU B 417 -0.29 23.28 16.93
CA GLU B 417 -1.31 22.26 16.77
C GLU B 417 -1.07 20.86 17.38
N PHE B 418 0.14 20.50 17.82
CA PHE B 418 0.40 19.11 18.29
C PHE B 418 1.01 18.91 19.67
N LYS B 419 0.52 17.91 20.38
CA LYS B 419 1.05 17.53 21.68
C LYS B 419 2.35 16.82 21.37
N ASP B 420 3.34 16.95 22.24
CA ASP B 420 4.66 16.35 22.05
C ASP B 420 4.63 14.85 21.70
N GLU B 421 3.63 14.14 22.25
CA GLU B 421 3.39 12.70 22.08
C GLU B 421 2.89 12.41 20.66
N ASP B 422 2.42 13.46 19.97
CA ASP B 422 1.82 13.34 18.65
C ASP B 422 2.72 13.83 17.50
N TRP B 423 3.95 14.23 17.81
CA TRP B 423 4.88 14.69 16.78
C TRP B 423 5.31 13.50 15.90
N ASN B 424 5.16 13.68 14.57
CA ASN B 424 5.54 12.62 13.65
C ASN B 424 7.00 12.80 13.27
N MET B 425 7.86 11.80 13.61
CA MET B 425 9.30 11.78 13.34
C MET B 425 9.58 11.78 11.84
N GLY B 426 8.79 11.01 11.10
CA GLY B 426 8.87 10.89 9.65
C GLY B 426 8.58 12.19 8.94
N ASP B 427 7.55 12.95 9.39
CA ASP B 427 7.17 14.28 8.90
C ASP B 427 8.38 15.24 9.08
N ILE B 428 9.01 15.28 10.31
CA ILE B 428 10.15 16.14 10.65
C ILE B 428 11.28 15.82 9.67
N VAL B 429 11.64 14.53 9.58
CA VAL B 429 12.68 14.03 8.69
C VAL B 429 12.38 14.39 7.22
N TYR B 430 11.13 14.21 6.79
CA TYR B 430 10.71 14.54 5.42
C TYR B 430 10.88 16.04 5.10
N THR B 431 10.33 16.92 5.93
CA THR B 431 10.42 18.36 5.74
C THR B 431 11.87 18.85 5.67
N LEU B 432 12.73 18.37 6.57
CA LEU B 432 14.12 18.80 6.60
C LEU B 432 14.94 18.32 5.39
N THR B 433 14.70 17.07 4.92
CA THR B 433 15.45 16.41 3.84
C THR B 433 14.85 16.51 2.41
N ASN B 434 13.58 16.93 2.26
CA ASN B 434 12.98 17.01 0.94
C ASN B 434 13.53 18.18 0.16
N ARG B 435 14.67 17.94 -0.52
CA ARG B 435 15.37 18.98 -1.26
C ARG B 435 15.79 18.49 -2.63
N ARG B 436 16.06 19.43 -3.59
CA ARG B 436 16.59 19.09 -4.91
C ARG B 436 18.05 18.76 -4.70
N TYR B 437 18.53 17.70 -5.36
CA TYR B 437 19.89 17.24 -5.15
C TYR B 437 20.96 18.29 -5.47
N LEU B 438 20.74 19.11 -6.52
CA LEU B 438 21.76 20.08 -6.95
C LEU B 438 21.55 21.50 -6.39
N GLU B 439 20.46 21.70 -5.64
CA GLU B 439 20.16 22.97 -4.97
C GLU B 439 20.83 22.99 -3.61
N LYS B 440 21.43 24.14 -3.29
CA LYS B 440 22.00 24.41 -1.99
C LYS B 440 20.95 25.26 -1.23
N CYS B 441 20.49 24.76 -0.06
CA CYS B 441 19.51 25.37 0.86
C CYS B 441 20.14 25.97 2.07
N ILE B 442 19.55 27.08 2.54
CA ILE B 442 19.92 27.71 3.81
C ILE B 442 18.84 27.31 4.81
N ALA B 443 19.22 26.53 5.82
CA ALA B 443 18.26 26.07 6.83
C ALA B 443 18.23 27.03 8.01
N TYR B 444 17.02 27.28 8.52
CA TYR B 444 16.80 28.12 9.69
C TYR B 444 15.55 27.66 10.45
N ALA B 445 15.62 27.68 11.79
CA ALA B 445 14.52 27.23 12.64
C ALA B 445 13.36 28.24 12.73
N GLU B 446 13.70 29.53 12.66
CA GLU B 446 12.76 30.65 12.70
C GLU B 446 13.27 31.89 11.94
N SER B 447 12.36 32.60 11.26
CA SER B 447 12.68 33.79 10.46
C SER B 447 12.69 35.12 11.27
N HIS B 448 13.12 36.24 10.64
CA HIS B 448 12.99 37.58 11.24
C HIS B 448 11.53 37.99 11.41
N ASP B 449 10.64 37.50 10.52
CA ASP B 449 9.21 37.85 10.56
C ASP B 449 8.52 37.26 11.78
N GLN B 450 9.03 36.08 12.25
CA GLN B 450 8.54 35.41 13.45
C GLN B 450 8.95 36.14 14.71
N ALA B 451 9.98 36.99 14.60
CA ALA B 451 10.51 37.81 15.70
C ALA B 451 9.65 39.06 15.93
N LEU B 452 8.77 39.38 14.99
CA LEU B 452 7.95 40.58 15.08
C LEU B 452 6.73 40.45 15.95
N VAL B 453 6.14 41.61 16.27
CA VAL B 453 4.92 41.81 17.04
C VAL B 453 3.76 41.06 16.33
N GLY B 454 2.85 40.50 17.13
CA GLY B 454 1.72 39.73 16.62
C GLY B 454 2.13 38.42 16.01
N ASP B 455 3.24 37.84 16.50
CA ASP B 455 3.82 36.57 16.07
C ASP B 455 4.65 36.06 17.24
N LYS B 456 4.95 34.75 17.27
CA LYS B 456 5.72 34.16 18.36
C LYS B 456 7.05 33.59 17.89
N SER B 457 8.08 33.78 18.70
CA SER B 457 9.42 33.22 18.50
C SER B 457 9.36 31.78 18.97
N LEU B 458 10.35 30.93 18.62
CA LEU B 458 10.35 29.55 19.12
C LEU B 458 10.36 29.54 20.63
N ALA B 459 11.16 30.45 21.25
CA ALA B 459 11.30 30.59 22.70
C ALA B 459 9.97 30.91 23.38
N PHE B 460 9.12 31.71 22.74
CA PHE B 460 7.84 32.05 23.33
C PHE B 460 6.81 30.93 23.12
N TRP B 461 6.83 30.25 21.97
CA TRP B 461 5.96 29.11 21.72
C TRP B 461 6.26 28.01 22.76
N LEU B 462 7.54 27.89 23.18
CA LEU B 462 8.04 26.88 24.09
C LEU B 462 7.83 27.19 25.56
N MET B 463 7.95 28.46 25.99
CA MET B 463 7.88 28.82 27.40
C MET B 463 6.74 29.76 27.79
N ASP B 464 6.17 30.48 26.83
CA ASP B 464 5.07 31.41 27.06
C ASP B 464 5.36 32.40 28.24
N ALA B 465 4.42 32.53 29.21
CA ALA B 465 4.54 33.44 30.35
C ALA B 465 5.70 33.12 31.31
N GLU B 466 6.16 31.83 31.35
CA GLU B 466 7.29 31.38 32.20
C GLU B 466 8.63 31.97 31.82
N MET B 467 8.72 32.51 30.61
CA MET B 467 9.89 33.19 30.06
C MET B 467 10.22 34.42 30.92
N TYR B 468 9.18 35.08 31.47
CA TYR B 468 9.29 36.29 32.29
C TYR B 468 9.35 36.02 33.79
N THR B 469 9.08 34.78 34.20
CA THR B 469 9.13 34.42 35.62
C THR B 469 10.33 33.54 35.95
N ASN B 470 10.58 32.48 35.16
CA ASN B 470 11.60 31.49 35.45
C ASN B 470 12.84 31.45 34.52
N MET B 471 13.24 32.60 33.95
CA MET B 471 14.48 32.62 33.17
C MET B 471 15.68 33.03 34.08
N SER B 472 15.41 33.30 35.38
CA SER B 472 16.42 33.60 36.39
C SER B 472 16.92 32.27 37.02
N VAL B 473 18.24 32.15 37.29
CA VAL B 473 18.79 30.94 37.96
C VAL B 473 18.32 30.87 39.43
N LEU B 474 17.86 32.01 39.97
CA LEU B 474 17.38 32.10 41.33
C LEU B 474 15.96 31.48 41.48
N THR B 475 15.25 31.28 40.36
CA THR B 475 13.89 30.73 40.37
C THR B 475 13.93 29.21 40.08
N PRO B 476 12.89 28.42 40.44
CA PRO B 476 12.98 26.98 40.18
C PRO B 476 12.99 26.62 38.67
N PHE B 477 13.77 25.59 38.30
CA PHE B 477 13.88 25.08 36.93
C PHE B 477 12.63 24.20 36.66
N THR B 478 11.48 24.89 36.47
CA THR B 478 10.13 24.33 36.25
C THR B 478 10.09 23.39 35.06
N PRO B 479 9.20 22.39 35.05
CA PRO B 479 9.13 21.51 33.87
C PRO B 479 8.83 22.23 32.55
N VAL B 480 8.22 23.48 32.58
CA VAL B 480 7.97 24.31 31.39
C VAL B 480 9.31 24.88 30.87
N ILE B 481 10.13 25.48 31.77
CA ILE B 481 11.46 26.03 31.49
C ILE B 481 12.43 24.93 31.07
N ASP B 482 12.34 23.76 31.69
CA ASP B 482 13.16 22.62 31.37
C ASP B 482 12.88 22.16 29.92
N ARG B 483 11.60 21.98 29.55
CA ARG B 483 11.13 21.54 28.22
C ARG B 483 11.49 22.57 27.15
N GLY B 484 11.27 23.85 27.47
CA GLY B 484 11.58 24.95 26.56
C GLY B 484 13.05 24.98 26.17
N ILE B 485 13.95 24.89 27.17
CA ILE B 485 15.39 24.90 26.97
C ILE B 485 15.82 23.71 26.12
N GLN B 486 15.41 22.52 26.51
CA GLN B 486 15.76 21.28 25.82
C GLN B 486 15.30 21.26 24.39
N LEU B 487 14.07 21.71 24.13
CA LEU B 487 13.55 21.70 22.76
C LEU B 487 14.13 22.81 21.86
N HIS B 488 14.42 24.00 22.41
CA HIS B 488 15.00 25.11 21.66
C HIS B 488 16.30 24.65 21.03
N LYS B 489 17.15 23.95 21.83
CA LYS B 489 18.45 23.41 21.45
C LYS B 489 18.30 22.34 20.38
N MET B 490 17.37 21.40 20.62
CA MET B 490 17.12 20.26 19.74
C MET B 490 16.59 20.64 18.40
N ILE B 491 15.59 21.54 18.34
CA ILE B 491 15.01 22.09 17.09
C ILE B 491 16.12 22.75 16.22
N ARG B 492 16.98 23.57 16.84
CA ARG B 492 18.10 24.22 16.16
C ARG B 492 19.11 23.20 15.67
N LEU B 493 19.50 22.25 16.53
CA LEU B 493 20.48 21.24 16.14
C LEU B 493 20.02 20.31 14.99
N ILE B 494 18.73 19.90 14.93
CA ILE B 494 18.26 19.04 13.85
C ILE B 494 18.11 19.83 12.56
N THR B 495 17.76 21.13 12.66
CA THR B 495 17.67 22.02 11.50
C THR B 495 19.09 22.24 10.93
N HIS B 496 20.09 22.48 11.84
CA HIS B 496 21.49 22.72 11.53
C HIS B 496 22.14 21.48 10.90
N GLY B 497 21.93 20.33 11.52
CA GLY B 497 22.54 19.09 11.06
C GLY B 497 21.92 18.42 9.85
N LEU B 498 20.58 18.50 9.68
CA LEU B 498 19.86 17.78 8.63
C LEU B 498 19.21 18.66 7.54
N GLY B 499 18.83 19.89 7.89
CA GLY B 499 18.05 20.81 7.06
C GLY B 499 18.60 21.39 5.76
N GLY B 500 19.92 21.50 5.62
CA GLY B 500 20.47 22.11 4.44
C GLY B 500 21.97 22.12 4.29
N GLU B 501 22.44 23.01 3.38
CA GLU B 501 23.84 23.22 2.96
C GLU B 501 24.41 24.54 3.51
N GLY B 502 23.63 25.19 4.37
CA GLY B 502 23.98 26.43 5.04
C GLY B 502 23.04 26.60 6.20
N TYR B 503 23.41 27.49 7.15
CA TYR B 503 22.59 27.76 8.32
C TYR B 503 22.40 29.25 8.53
N LEU B 504 21.22 29.65 9.02
CA LEU B 504 20.89 31.03 9.30
C LEU B 504 20.25 31.16 10.67
N ASN B 505 20.57 32.27 11.35
CA ASN B 505 20.06 32.64 12.66
C ASN B 505 19.84 34.15 12.69
N PHE B 506 18.65 34.60 13.12
CA PHE B 506 18.29 36.01 13.25
C PHE B 506 18.76 36.52 14.63
N MET B 507 19.36 37.73 14.69
CA MET B 507 19.88 38.26 15.97
C MET B 507 18.93 38.18 17.17
N GLY B 508 19.45 37.50 18.18
CA GLY B 508 18.77 37.29 19.43
C GLY B 508 18.26 35.87 19.60
N ASN B 509 17.82 35.26 18.51
CA ASN B 509 17.22 33.93 18.54
C ASN B 509 18.19 32.80 18.92
N GLU B 510 19.51 33.08 18.87
CA GLU B 510 20.58 32.15 19.27
C GLU B 510 20.56 31.89 20.80
N PHE B 511 20.02 32.81 21.58
CA PHE B 511 19.90 32.67 23.02
C PHE B 511 18.43 32.68 23.49
N GLY B 512 17.50 32.63 22.55
CA GLY B 512 16.07 32.61 22.87
C GLY B 512 15.61 33.94 23.44
N HIS B 513 15.89 35.05 22.73
CA HIS B 513 15.57 36.41 23.12
C HIS B 513 14.10 36.53 23.56
N PRO B 514 13.81 37.18 24.70
CA PRO B 514 12.41 37.30 25.14
C PRO B 514 11.65 38.37 24.36
N GLU B 515 10.37 38.59 24.73
CA GLU B 515 9.49 39.59 24.14
C GLU B 515 9.40 39.46 22.62
N TRP B 516 9.36 40.60 21.92
CA TRP B 516 9.26 40.62 20.48
C TRP B 516 9.95 41.86 19.97
N LEU B 517 9.97 41.99 18.65
CA LEU B 517 10.55 43.12 17.96
C LEU B 517 9.42 43.95 17.35
N ASP B 518 9.50 45.26 17.49
CA ASP B 518 8.51 46.16 16.93
C ASP B 518 9.18 47.48 16.66
N PHE B 519 8.94 48.04 15.49
CA PHE B 519 9.55 49.30 15.09
C PHE B 519 8.66 50.54 15.37
N PRO B 520 9.24 51.73 15.62
CA PRO B 520 8.41 52.94 15.76
C PRO B 520 7.52 53.19 14.54
N ARG B 521 6.22 53.36 14.78
CA ARG B 521 5.17 53.60 13.77
C ARG B 521 3.94 54.24 14.44
N LYS B 522 2.91 54.57 13.63
CA LYS B 522 1.65 55.18 14.10
C LYS B 522 1.05 54.35 15.23
N GLY B 523 0.86 53.06 14.95
CA GLY B 523 0.26 52.06 15.85
C GLY B 523 0.86 51.84 17.23
N ASN B 524 1.93 52.56 17.59
CA ASN B 524 2.62 52.46 18.89
C ASN B 524 3.12 53.82 19.39
N ASN B 525 2.67 54.91 18.71
CA ASN B 525 2.99 56.31 19.01
C ASN B 525 4.52 56.53 18.98
N GLU B 526 5.17 55.97 17.90
CA GLU B 526 6.61 55.98 17.60
C GLU B 526 7.47 55.41 18.74
N SER B 527 7.08 54.27 19.31
CA SER B 527 7.85 53.65 20.39
C SER B 527 9.05 52.84 19.87
N TYR B 528 10.21 53.04 20.50
CA TYR B 528 11.44 52.30 20.24
C TYR B 528 11.65 51.25 21.35
N HIS B 529 10.64 51.01 22.24
CA HIS B 529 10.79 50.09 23.36
C HIS B 529 11.07 48.64 22.92
N TYR B 530 10.56 48.25 21.77
CA TYR B 530 10.79 46.89 21.25
C TYR B 530 11.73 46.89 20.04
N ALA B 531 12.17 48.08 19.58
CA ALA B 531 13.11 48.26 18.46
C ALA B 531 14.57 48.24 18.98
N ARG B 532 14.93 47.15 19.68
CA ARG B 532 16.22 46.96 20.32
C ARG B 532 16.50 45.49 20.55
N ARG B 533 17.74 45.16 20.99
CA ARG B 533 18.22 43.80 21.33
C ARG B 533 18.88 43.78 22.72
N GLN B 534 18.32 42.96 23.61
CA GLN B 534 18.81 42.82 24.96
C GLN B 534 19.97 41.81 25.01
N PHE B 535 21.12 42.16 24.40
CA PHE B 535 22.29 41.26 24.32
C PHE B 535 22.95 40.98 25.65
N HIS B 536 22.71 41.85 26.63
CA HIS B 536 23.29 41.76 27.97
C HIS B 536 22.79 40.52 28.72
N LEU B 537 21.64 39.97 28.29
CA LEU B 537 21.00 38.82 28.91
C LEU B 537 21.89 37.60 28.95
N THR B 538 22.81 37.46 27.97
CA THR B 538 23.74 36.34 27.88
C THR B 538 24.99 36.54 28.78
N ASP B 539 25.27 37.79 29.16
CA ASP B 539 26.40 38.18 30.00
C ASP B 539 26.00 38.18 31.48
N ASP B 540 24.69 38.01 31.75
CA ASP B 540 24.13 37.94 33.09
C ASP B 540 24.20 36.49 33.58
N ASP B 541 25.17 36.21 34.48
CA ASP B 541 25.41 34.88 35.03
C ASP B 541 24.25 34.41 35.92
N LEU B 542 23.33 35.33 36.32
CA LEU B 542 22.12 35.03 37.12
C LEU B 542 20.86 34.74 36.27
N LEU B 543 21.03 34.61 34.93
CA LEU B 543 19.97 34.29 33.99
C LEU B 543 20.30 33.02 33.21
N ARG B 544 19.25 32.38 32.65
CA ARG B 544 19.33 31.12 31.94
C ARG B 544 19.53 31.22 30.41
N TYR B 545 19.55 32.46 29.86
CA TYR B 545 19.79 32.74 28.43
C TYR B 545 21.20 32.29 28.04
N LYS B 546 22.16 32.37 28.99
CA LYS B 546 23.56 31.93 28.80
C LYS B 546 23.63 30.51 28.29
N PHE B 547 22.70 29.63 28.72
CA PHE B 547 22.64 28.21 28.36
C PHE B 547 22.31 28.01 26.91
N LEU B 548 21.34 28.76 26.36
CA LEU B 548 20.94 28.66 24.96
C LEU B 548 22.03 29.26 24.03
N ASN B 549 22.77 30.27 24.55
CA ASN B 549 23.86 30.94 23.84
C ASN B 549 25.06 30.01 23.73
N ASN B 550 25.44 29.33 24.84
CA ASN B 550 26.56 28.38 24.90
C ASN B 550 26.36 27.25 23.95
N PHE B 551 25.09 26.77 23.84
CA PHE B 551 24.73 25.72 22.90
C PHE B 551 24.97 26.15 21.44
N ASP B 552 24.55 27.37 21.09
CA ASP B 552 24.72 27.91 19.73
C ASP B 552 26.19 28.00 19.35
N ARG B 553 27.00 28.63 20.22
CA ARG B 553 28.43 28.79 20.02
C ARG B 553 29.09 27.46 19.74
N ASP B 554 28.76 26.39 20.55
CA ASP B 554 29.38 25.07 20.42
C ASP B 554 28.86 24.30 19.24
N MET B 555 27.63 24.56 18.82
CA MET B 555 27.01 23.92 17.66
C MET B 555 27.74 24.40 16.39
N ASN B 556 27.95 25.72 16.27
CA ASN B 556 28.67 26.30 15.13
C ASN B 556 30.16 25.96 15.11
N ARG B 557 30.80 25.91 16.29
CA ARG B 557 32.22 25.54 16.39
C ARG B 557 32.45 24.07 16.02
N LEU B 558 31.48 23.21 16.33
CA LEU B 558 31.57 21.80 16.01
C LEU B 558 31.39 21.62 14.52
N GLU B 559 30.46 22.44 13.91
CA GLU B 559 30.21 22.46 12.47
C GLU B 559 31.50 22.88 11.76
N GLU B 560 32.17 23.95 12.23
CA GLU B 560 33.45 24.39 11.67
C GLU B 560 34.49 23.24 11.61
N ARG B 561 34.58 22.43 12.69
CA ARG B 561 35.49 21.29 12.84
C ARG B 561 35.15 20.12 11.93
N TYR B 562 33.86 19.75 11.78
CA TYR B 562 33.47 18.54 11.03
C TYR B 562 32.81 18.74 9.67
N GLY B 563 32.28 19.95 9.43
CA GLY B 563 31.67 20.37 8.17
C GLY B 563 30.49 19.55 7.66
N TRP B 564 29.50 19.33 8.52
CA TRP B 564 28.32 18.57 8.09
C TRP B 564 27.50 19.32 7.05
N LEU B 565 27.42 20.69 7.11
CA LEU B 565 26.69 21.52 6.12
C LEU B 565 27.20 21.32 4.69
N ALA B 566 28.53 21.12 4.51
CA ALA B 566 29.20 20.88 3.23
C ALA B 566 29.14 19.45 2.78
N ALA B 567 28.82 18.54 3.70
CA ALA B 567 28.77 17.10 3.45
C ALA B 567 27.51 16.71 2.66
N PRO B 568 27.49 15.55 1.98
CA PRO B 568 26.25 15.11 1.30
C PRO B 568 25.10 14.97 2.30
N GLN B 569 23.88 14.81 1.78
CA GLN B 569 22.69 14.62 2.60
C GLN B 569 22.85 13.43 3.58
N ALA B 570 22.38 13.60 4.83
CA ALA B 570 22.50 12.57 5.88
C ALA B 570 21.86 11.20 5.54
N TYR B 571 22.42 10.10 6.13
CA TYR B 571 21.82 8.78 6.03
C TYR B 571 20.99 8.62 7.31
N VAL B 572 19.66 8.62 7.18
CA VAL B 572 18.75 8.48 8.32
C VAL B 572 18.51 7.00 8.58
N SER B 573 19.00 6.50 9.70
CA SER B 573 18.87 5.10 10.15
C SER B 573 17.62 4.82 10.98
N GLU B 574 17.04 5.85 11.63
CA GLU B 574 15.86 5.68 12.48
C GLU B 574 15.05 6.96 12.56
N LYS B 575 13.73 6.80 12.40
CA LYS B 575 12.68 7.79 12.57
C LYS B 575 11.50 7.02 13.18
N HIS B 576 11.74 6.54 14.43
CA HIS B 576 10.86 5.71 15.26
C HIS B 576 9.70 6.49 15.83
N GLU B 577 8.49 6.14 15.40
CA GLU B 577 7.28 6.85 15.85
C GLU B 577 6.92 6.60 17.30
N GLY B 578 7.16 5.38 17.77
CA GLY B 578 6.84 4.99 19.13
C GLY B 578 7.75 5.59 20.17
N ASN B 579 9.06 5.35 19.98
CA ASN B 579 10.14 5.83 20.84
C ASN B 579 10.45 7.33 20.72
N LYS B 580 10.07 7.97 19.59
CA LYS B 580 10.32 9.39 19.26
C LYS B 580 11.85 9.60 19.18
N ILE B 581 12.50 8.75 18.34
CA ILE B 581 13.93 8.73 18.11
C ILE B 581 14.25 9.01 16.64
N ILE B 582 15.12 10.01 16.41
CA ILE B 582 15.64 10.30 15.08
C ILE B 582 17.14 10.04 15.17
N ALA B 583 17.65 9.20 14.27
CA ALA B 583 19.06 8.86 14.25
C ALA B 583 19.57 8.93 12.84
N PHE B 584 20.70 9.65 12.63
CA PHE B 584 21.33 9.82 11.31
C PHE B 584 22.82 10.04 11.41
N GLU B 585 23.51 9.91 10.26
CA GLU B 585 24.94 10.13 10.12
C GLU B 585 25.19 11.16 9.03
N ARG B 586 25.95 12.20 9.34
CA ARG B 586 26.33 13.19 8.35
C ARG B 586 27.76 13.59 8.64
N ALA B 587 28.62 13.54 7.58
CA ALA B 587 30.05 13.83 7.65
C ALA B 587 30.79 12.89 8.61
N GLY B 588 30.28 11.66 8.72
CA GLY B 588 30.86 10.64 9.61
C GLY B 588 30.35 10.64 11.04
N LEU B 589 29.76 11.77 11.50
CA LEU B 589 29.24 11.93 12.84
C LEU B 589 27.91 11.24 12.96
N LEU B 590 27.59 10.77 14.18
CA LEU B 590 26.34 10.09 14.50
C LEU B 590 25.48 11.04 15.35
N PHE B 591 24.30 11.42 14.83
CA PHE B 591 23.35 12.31 15.49
C PHE B 591 22.16 11.48 15.99
N ILE B 592 21.89 11.56 17.33
CA ILE B 592 20.79 10.85 18.00
C ILE B 592 19.93 11.88 18.70
N PHE B 593 18.62 11.88 18.43
CA PHE B 593 17.65 12.80 19.02
C PHE B 593 16.52 12.02 19.68
N ASN B 594 16.27 12.26 20.99
CA ASN B 594 15.16 11.66 21.73
C ASN B 594 14.12 12.74 22.03
N PHE B 595 13.10 12.85 21.15
CA PHE B 595 12.02 13.81 21.31
C PHE B 595 10.90 13.29 22.22
N HIS B 596 11.07 12.11 22.83
CA HIS B 596 10.05 11.56 23.72
C HIS B 596 9.87 12.43 24.95
N PRO B 597 8.62 12.87 25.26
CA PRO B 597 8.42 13.76 26.43
C PRO B 597 8.72 13.16 27.82
N SER B 598 8.84 11.82 27.97
CA SER B 598 9.05 11.22 29.28
C SER B 598 10.05 10.06 29.32
N LYS B 599 10.07 9.17 28.31
CA LYS B 599 10.97 8.00 28.30
C LYS B 599 12.42 8.30 27.98
N SER B 600 13.32 7.66 28.69
CA SER B 600 14.76 7.70 28.43
C SER B 600 15.04 6.28 27.93
N TYR B 601 16.23 6.01 27.35
CA TYR B 601 16.52 4.68 26.81
C TYR B 601 17.86 4.23 27.18
N THR B 602 17.95 3.08 27.84
CA THR B 602 19.25 2.49 28.18
C THR B 602 19.45 1.33 27.19
N ASP B 603 20.72 1.15 26.74
CA ASP B 603 21.10 0.12 25.77
C ASP B 603 20.27 0.18 24.46
N TYR B 604 20.00 1.40 23.99
CA TYR B 604 19.25 1.65 22.76
C TYR B 604 20.21 1.45 21.57
N ARG B 605 19.85 0.52 20.67
CA ARG B 605 20.70 0.17 19.54
C ARG B 605 20.62 1.25 18.46
N VAL B 606 21.79 1.66 17.94
CA VAL B 606 21.92 2.72 16.92
C VAL B 606 22.92 2.28 15.86
N GLY B 607 22.45 2.17 14.63
CA GLY B 607 23.30 1.75 13.54
C GLY B 607 24.32 2.79 13.11
N THR B 608 25.52 2.34 12.77
CA THR B 608 26.64 3.16 12.29
C THR B 608 27.15 2.52 10.97
N ALA B 609 27.86 3.29 10.13
CA ALA B 609 28.36 2.75 8.87
C ALA B 609 29.66 2.02 9.10
N LEU B 610 30.39 2.43 10.15
CA LEU B 610 31.68 1.85 10.46
C LEU B 610 31.80 1.41 11.91
N PRO B 611 32.55 0.33 12.19
CA PRO B 611 32.74 -0.08 13.59
C PRO B 611 33.80 0.80 14.27
N GLY B 612 33.94 0.64 15.57
CA GLY B 612 34.96 1.36 16.31
C GLY B 612 34.46 2.04 17.55
N LYS B 613 35.37 2.73 18.22
CA LYS B 613 35.14 3.49 19.44
C LYS B 613 34.54 4.84 19.02
N PHE B 614 33.35 5.09 19.53
CA PHE B 614 32.59 6.32 19.40
C PHE B 614 32.64 7.10 20.70
N LYS B 615 32.81 8.40 20.56
CA LYS B 615 32.86 9.28 21.71
C LYS B 615 31.90 10.46 21.50
N ILE B 616 31.33 10.97 22.62
CA ILE B 616 30.41 12.11 22.58
C ILE B 616 31.18 13.39 22.27
N VAL B 617 30.86 14.05 21.13
CA VAL B 617 31.47 15.31 20.70
C VAL B 617 30.56 16.49 21.07
N LEU B 618 29.24 16.23 21.21
CA LEU B 618 28.24 17.20 21.64
C LEU B 618 27.09 16.49 22.37
N ASP B 619 26.72 17.01 23.56
CA ASP B 619 25.64 16.49 24.40
C ASP B 619 24.81 17.66 24.87
N SER B 620 23.54 17.75 24.44
CA SER B 620 22.66 18.86 24.84
C SER B 620 22.30 18.78 26.32
N ASP B 621 22.58 17.63 26.93
CA ASP B 621 22.31 17.45 28.34
C ASP B 621 23.40 18.07 29.24
N ALA B 622 24.50 18.57 28.67
CA ALA B 622 25.62 19.14 29.45
C ALA B 622 25.12 20.29 30.30
N ALA B 623 25.75 20.51 31.47
CA ALA B 623 25.35 21.58 32.39
C ALA B 623 25.44 22.98 31.76
N GLU B 624 26.48 23.21 30.92
CA GLU B 624 26.74 24.49 30.28
C GLU B 624 25.65 24.92 29.33
N TYR B 625 24.77 23.96 28.92
CA TYR B 625 23.63 24.20 28.03
C TYR B 625 22.29 24.16 28.78
N GLY B 626 22.33 23.96 30.10
CA GLY B 626 21.09 23.91 30.88
C GLY B 626 20.47 22.52 30.85
N GLY B 627 21.32 21.50 30.74
CA GLY B 627 20.86 20.13 30.75
C GLY B 627 20.85 19.60 32.17
N HIS B 628 20.68 18.27 32.31
CA HIS B 628 20.67 17.60 33.60
C HIS B 628 21.97 16.82 33.92
N GLN B 629 22.98 16.94 33.04
CA GLN B 629 24.30 16.32 33.13
C GLN B 629 24.27 14.84 33.63
N ARG B 630 23.42 14.04 32.96
CA ARG B 630 23.15 12.62 33.21
C ARG B 630 24.18 11.74 32.53
N LEU B 631 24.95 12.30 31.60
CA LEU B 631 25.91 11.54 30.80
C LEU B 631 27.33 11.80 31.14
N ASP B 632 28.14 10.71 31.18
CA ASP B 632 29.60 10.75 31.39
C ASP B 632 30.25 10.66 30.01
N HIS B 633 30.95 11.74 29.64
CA HIS B 633 31.57 11.86 28.32
C HIS B 633 32.75 10.90 28.12
N SER B 634 33.38 10.45 29.23
CA SER B 634 34.53 9.53 29.21
C SER B 634 34.18 8.07 28.80
N THR B 635 32.87 7.77 28.65
CA THR B 635 32.35 6.48 28.21
C THR B 635 32.74 6.21 26.76
N ASP B 636 33.20 4.99 26.46
CA ASP B 636 33.55 4.55 25.11
C ASP B 636 32.40 3.69 24.59
N PHE B 637 31.82 4.11 23.46
CA PHE B 637 30.69 3.42 22.83
C PHE B 637 31.25 2.62 21.68
N PHE B 638 31.09 1.31 21.71
CA PHE B 638 31.68 0.50 20.65
C PHE B 638 30.66 0.05 19.64
N SER B 639 30.98 0.25 18.35
CA SER B 639 30.17 -0.21 17.26
C SER B 639 30.78 -1.55 16.87
N GLU B 640 29.94 -2.60 16.91
CA GLU B 640 30.32 -3.99 16.64
C GLU B 640 29.57 -4.49 15.43
N ALA B 641 30.12 -5.52 14.77
CA ALA B 641 29.52 -6.18 13.60
C ALA B 641 28.17 -6.82 13.99
N PHE B 642 27.10 -6.00 13.97
CA PHE B 642 25.73 -6.34 14.35
C PHE B 642 24.73 -5.53 13.52
N GLU B 643 24.20 -6.08 12.39
CA GLU B 643 23.22 -5.36 11.55
C GLU B 643 22.01 -4.85 12.35
N HIS B 644 21.54 -3.62 12.02
CA HIS B 644 20.41 -2.96 12.67
C HIS B 644 19.99 -1.77 11.83
N ASN B 645 18.65 -1.65 11.56
CA ASN B 645 18.03 -0.57 10.78
C ASN B 645 18.66 -0.33 9.40
N GLY B 646 19.32 -1.35 8.87
CA GLY B 646 19.99 -1.27 7.58
C GLY B 646 21.46 -0.91 7.66
N ARG B 647 22.05 -0.93 8.85
CA ARG B 647 23.47 -0.63 8.96
C ARG B 647 24.22 -1.89 9.30
N PRO B 648 25.40 -2.11 8.67
CA PRO B 648 26.19 -3.31 9.00
C PRO B 648 26.71 -3.37 10.45
N TYR B 649 26.86 -2.21 11.14
CA TYR B 649 27.38 -2.07 12.51
C TYR B 649 26.43 -1.34 13.46
N SER B 650 26.63 -1.52 14.77
CA SER B 650 25.76 -0.93 15.78
C SER B 650 26.47 -0.60 17.06
N LEU B 651 25.87 0.30 17.80
CA LEU B 651 26.26 0.60 19.16
C LEU B 651 25.02 0.63 20.05
N LEU B 652 25.24 0.66 21.36
CA LEU B 652 24.22 0.75 22.40
C LEU B 652 24.48 2.10 23.07
N VAL B 653 23.41 2.83 23.35
CA VAL B 653 23.56 4.15 23.92
C VAL B 653 22.50 4.47 24.99
N TYR B 654 22.84 5.37 25.94
CA TYR B 654 21.90 5.91 26.92
C TYR B 654 21.53 7.31 26.42
N ILE B 655 20.25 7.47 26.05
CA ILE B 655 19.72 8.73 25.53
C ILE B 655 18.50 9.16 26.36
N PRO B 656 18.70 10.13 27.28
CA PRO B 656 17.57 10.59 28.10
C PRO B 656 16.51 11.35 27.29
N SER B 657 15.33 11.54 27.87
CA SER B 657 14.21 12.24 27.25
C SER B 657 14.65 13.70 26.99
N ARG B 658 14.30 14.22 25.79
CA ARG B 658 14.62 15.57 25.30
C ARG B 658 16.14 15.87 25.39
N VAL B 659 16.96 14.93 24.85
CA VAL B 659 18.41 15.04 24.78
C VAL B 659 18.83 14.71 23.33
N ALA B 660 19.79 15.47 22.80
CA ALA B 660 20.39 15.31 21.49
C ALA B 660 21.87 15.02 21.70
N LEU B 661 22.41 14.05 20.94
CA LEU B 661 23.82 13.67 21.05
C LEU B 661 24.48 13.64 19.68
N ILE B 662 25.76 14.02 19.64
CA ILE B 662 26.59 13.90 18.45
C ILE B 662 27.79 13.05 18.88
N LEU B 663 28.04 11.96 18.15
CA LEU B 663 29.13 11.03 18.41
C LEU B 663 30.10 10.88 17.24
N GLN B 664 31.38 10.87 17.55
CA GLN B 664 32.47 10.75 16.59
C GLN B 664 33.12 9.37 16.69
N ASN B 665 33.40 8.71 15.53
CA ASN B 665 34.14 7.45 15.51
C ASN B 665 35.60 7.87 15.55
N VAL B 666 36.30 7.58 16.64
CA VAL B 666 37.70 7.98 16.84
C VAL B 666 38.74 6.96 16.25
N ASP B 667 38.33 6.16 15.22
CA ASP B 667 39.19 5.16 14.57
C ASP B 667 39.28 5.33 13.03
N GLN C 14 -1.55 19.29 2.38
CA GLN C 14 -2.54 19.68 3.40
C GLN C 14 -3.96 19.55 2.84
N ARG C 15 -4.31 20.35 1.82
CA ARG C 15 -5.64 20.33 1.19
C ARG C 15 -5.91 18.98 0.49
N ARG C 16 -4.88 18.48 -0.23
CA ARG C 16 -4.91 17.22 -0.98
C ARG C 16 -5.04 16.06 -0.05
N TYR C 17 -4.27 16.04 1.06
CA TYR C 17 -4.38 14.95 2.02
C TYR C 17 -5.74 14.93 2.72
N LYS C 18 -6.33 16.12 2.95
CA LYS C 18 -7.66 16.28 3.54
C LYS C 18 -8.69 15.75 2.56
N GLN C 19 -8.54 16.04 1.23
CA GLN C 19 -9.45 15.55 0.19
C GLN C 19 -9.42 14.00 0.11
N PHE C 20 -8.20 13.42 -0.10
CA PHE C 20 -7.98 11.98 -0.14
C PHE C 20 -8.58 11.32 1.11
N SER C 21 -8.17 11.78 2.30
CA SER C 21 -8.63 11.29 3.61
C SER C 21 -10.16 11.22 3.73
N GLN C 22 -10.88 12.21 3.13
CA GLN C 22 -12.33 12.27 3.14
C GLN C 22 -12.95 11.16 2.30
N ILE C 23 -12.53 11.07 1.02
CA ILE C 23 -13.02 10.06 0.08
C ILE C 23 -12.76 8.66 0.63
N LEU C 24 -11.56 8.42 1.21
CA LEU C 24 -11.20 7.13 1.82
C LEU C 24 -12.10 6.79 3.01
N LYS C 25 -12.47 7.81 3.83
CA LYS C 25 -13.33 7.68 5.01
C LYS C 25 -14.74 7.26 4.54
N ASN C 26 -15.20 7.82 3.39
CA ASN C 26 -16.49 7.53 2.78
C ASN C 26 -16.54 6.14 2.20
N ILE C 27 -15.40 5.66 1.65
CA ILE C 27 -15.26 4.29 1.12
C ILE C 27 -15.46 3.33 2.32
N GLY C 28 -15.01 3.75 3.50
CA GLY C 28 -15.19 2.98 4.73
C GLY C 28 -16.60 2.97 5.29
N GLU C 29 -17.30 4.14 5.26
CA GLU C 29 -18.68 4.31 5.77
C GLU C 29 -19.71 3.72 4.82
N ASN C 30 -19.54 3.92 3.48
CA ASN C 30 -20.46 3.51 2.42
C ASN C 30 -20.23 2.10 1.88
N GLU C 31 -18.98 1.72 1.63
CA GLU C 31 -18.56 0.38 1.21
C GLU C 31 -17.92 -0.21 2.48
N GLY C 32 -17.20 -1.30 2.43
CA GLY C 32 -16.66 -1.72 3.72
C GLY C 32 -15.17 -1.56 3.83
N GLY C 33 -14.66 -0.44 3.31
CA GLY C 33 -13.22 -0.19 3.25
C GLY C 33 -12.74 -0.42 1.84
N ILE C 34 -11.48 -0.03 1.52
CA ILE C 34 -10.96 -0.11 0.14
C ILE C 34 -10.78 -1.58 -0.35
N ASP C 35 -10.63 -2.58 0.58
CA ASP C 35 -10.52 -4.00 0.19
C ASP C 35 -11.84 -4.44 -0.44
N LYS C 36 -12.95 -4.36 0.34
CA LYS C 36 -14.30 -4.67 -0.10
C LYS C 36 -14.67 -3.85 -1.35
N PHE C 37 -14.45 -2.52 -1.33
CA PHE C 37 -14.78 -1.65 -2.46
C PHE C 37 -14.13 -2.08 -3.79
N SER C 38 -12.86 -2.53 -3.75
CA SER C 38 -12.09 -2.92 -4.93
C SER C 38 -12.33 -4.37 -5.41
N ARG C 39 -13.29 -5.07 -4.81
CA ARG C 39 -13.62 -6.43 -5.21
C ARG C 39 -14.93 -6.45 -6.04
N GLY C 40 -15.19 -5.37 -6.77
CA GLY C 40 -16.35 -5.20 -7.61
C GLY C 40 -16.50 -6.23 -8.72
N TYR C 41 -15.37 -6.76 -9.21
CA TYR C 41 -15.34 -7.78 -10.27
C TYR C 41 -15.94 -9.14 -9.86
N GLU C 42 -16.19 -9.33 -8.55
CA GLU C 42 -16.76 -10.52 -7.94
C GLU C 42 -18.28 -10.60 -8.07
N SER C 43 -18.97 -9.45 -8.25
CA SER C 43 -20.43 -9.38 -8.39
C SER C 43 -20.84 -8.80 -9.76
N PHE C 44 -20.17 -7.74 -10.22
CA PHE C 44 -20.43 -7.15 -11.53
C PHE C 44 -19.91 -8.09 -12.61
N GLY C 45 -20.55 -8.07 -13.77
CA GLY C 45 -20.21 -8.93 -14.89
C GLY C 45 -21.21 -10.07 -14.99
N VAL C 46 -20.70 -11.26 -15.37
CA VAL C 46 -21.48 -12.48 -15.54
C VAL C 46 -20.80 -13.60 -14.72
N HIS C 47 -21.55 -14.25 -13.82
CA HIS C 47 -20.97 -15.25 -12.93
C HIS C 47 -21.79 -16.50 -12.82
N ARG C 48 -21.13 -17.66 -12.89
CA ARG C 48 -21.84 -18.90 -12.70
C ARG C 48 -21.77 -19.21 -11.22
N CYS C 49 -22.93 -19.46 -10.61
CA CYS C 49 -23.05 -19.79 -9.20
C CYS C 49 -22.90 -21.28 -8.94
N ALA C 50 -22.60 -21.64 -7.68
CA ALA C 50 -22.42 -23.03 -7.23
C ALA C 50 -23.72 -23.83 -7.30
N ASP C 51 -24.85 -23.13 -7.42
CA ASP C 51 -26.18 -23.73 -7.55
C ASP C 51 -26.56 -24.00 -9.03
N GLY C 52 -25.65 -23.72 -9.96
CA GLY C 52 -25.88 -23.92 -11.39
C GLY C 52 -26.53 -22.74 -12.10
N GLY C 53 -27.08 -21.79 -11.34
CA GLY C 53 -27.66 -20.57 -11.90
C GLY C 53 -26.60 -19.59 -12.38
N LEU C 54 -27.05 -18.44 -12.91
CA LEU C 54 -26.15 -17.41 -13.41
C LEU C 54 -26.50 -16.06 -12.81
N TYR C 55 -25.55 -15.42 -12.09
CA TYR C 55 -25.75 -14.09 -11.51
C TYR C 55 -25.02 -13.02 -12.31
N CYS C 56 -25.74 -11.96 -12.68
CA CYS C 56 -25.23 -10.84 -13.49
C CYS C 56 -25.50 -9.49 -12.88
N LYS C 57 -24.55 -8.57 -12.98
CA LYS C 57 -24.74 -7.20 -12.46
C LYS C 57 -24.00 -6.18 -13.30
N GLU C 58 -24.67 -5.04 -13.54
CA GLU C 58 -24.15 -3.94 -14.34
C GLU C 58 -24.56 -2.59 -13.78
N TRP C 59 -23.78 -1.54 -14.13
CA TRP C 59 -24.14 -0.16 -13.83
C TRP C 59 -24.44 0.48 -15.17
N ALA C 60 -25.73 0.77 -15.42
CA ALA C 60 -26.20 1.43 -16.63
C ALA C 60 -27.22 2.50 -16.15
N PRO C 61 -26.73 3.68 -15.67
CA PRO C 61 -27.63 4.67 -15.07
C PRO C 61 -28.73 5.22 -16.00
N GLY C 62 -28.38 5.36 -17.30
CA GLY C 62 -29.25 5.88 -18.35
C GLY C 62 -29.83 4.83 -19.27
N ALA C 63 -30.18 3.64 -18.73
CA ALA C 63 -30.85 2.60 -19.50
C ALA C 63 -32.29 2.49 -19.03
N GLU C 64 -33.24 2.26 -20.00
CA GLU C 64 -34.66 2.04 -19.72
C GLU C 64 -34.81 0.58 -19.29
N GLY C 65 -34.01 -0.29 -19.94
CA GLY C 65 -33.95 -1.71 -19.64
C GLY C 65 -32.61 -2.33 -20.02
N VAL C 66 -32.20 -3.35 -19.26
CA VAL C 66 -30.96 -4.11 -19.45
C VAL C 66 -31.33 -5.61 -19.55
N PHE C 67 -30.67 -6.35 -20.47
CA PHE C 67 -30.96 -7.77 -20.74
C PHE C 67 -29.70 -8.55 -21.10
N LEU C 68 -29.76 -9.89 -20.96
CA LEU C 68 -28.67 -10.75 -21.38
C LEU C 68 -29.12 -11.65 -22.54
N THR C 69 -28.32 -11.65 -23.61
CA THR C 69 -28.57 -12.41 -24.83
C THR C 69 -27.28 -13.07 -25.27
N GLY C 70 -27.37 -14.03 -26.18
CA GLY C 70 -26.20 -14.71 -26.69
C GLY C 70 -26.54 -16.04 -27.30
N ASP C 71 -25.49 -16.81 -27.65
CA ASP C 71 -25.66 -18.14 -28.23
C ASP C 71 -26.54 -18.97 -27.31
N PHE C 72 -26.28 -18.93 -25.99
CA PHE C 72 -27.01 -19.68 -24.96
C PHE C 72 -28.55 -19.55 -25.04
N ASN C 73 -29.09 -18.42 -25.54
CA ASN C 73 -30.54 -18.27 -25.59
C ASN C 73 -31.09 -18.01 -27.02
N GLY C 74 -30.30 -18.40 -28.03
CA GLY C 74 -30.66 -18.23 -29.43
C GLY C 74 -30.86 -16.78 -29.85
N TRP C 75 -30.06 -15.88 -29.24
CA TRP C 75 -30.02 -14.44 -29.47
C TRP C 75 -31.39 -13.76 -29.35
N ASN C 76 -32.24 -14.28 -28.45
CA ASN C 76 -33.52 -13.68 -28.11
C ASN C 76 -33.12 -12.47 -27.25
N PRO C 77 -33.34 -11.23 -27.72
CA PRO C 77 -32.86 -10.07 -26.96
C PRO C 77 -33.55 -9.76 -25.64
N PHE C 78 -34.83 -10.11 -25.46
CA PHE C 78 -35.50 -9.64 -24.26
C PHE C 78 -35.98 -10.71 -23.27
N SER C 79 -35.66 -11.98 -23.51
CA SER C 79 -36.09 -13.10 -22.66
C SER C 79 -35.51 -13.05 -21.26
N TYR C 80 -34.36 -12.37 -21.08
CA TYR C 80 -33.69 -12.28 -19.77
C TYR C 80 -33.52 -10.84 -19.26
N PRO C 81 -34.61 -10.23 -18.76
CA PRO C 81 -34.52 -8.86 -18.25
C PRO C 81 -33.84 -8.80 -16.90
N TYR C 82 -32.93 -7.81 -16.75
CA TYR C 82 -32.29 -7.53 -15.48
C TYR C 82 -33.34 -6.74 -14.70
N LYS C 83 -33.29 -6.83 -13.37
CA LYS C 83 -34.17 -6.13 -12.43
C LYS C 83 -33.45 -4.84 -12.06
N LYS C 84 -34.16 -3.69 -12.10
CA LYS C 84 -33.57 -2.40 -11.74
C LYS C 84 -33.40 -2.30 -10.22
N LEU C 85 -32.22 -1.83 -9.80
CA LEU C 85 -31.88 -1.61 -8.39
C LEU C 85 -31.60 -0.12 -8.18
N ASP C 86 -31.28 0.25 -6.92
CA ASP C 86 -30.90 1.62 -6.59
C ASP C 86 -29.60 2.01 -7.32
N TYR C 87 -29.34 3.32 -7.41
CA TYR C 87 -28.11 3.91 -7.93
C TYR C 87 -27.74 3.52 -9.38
N GLY C 88 -28.75 3.30 -10.21
CA GLY C 88 -28.57 2.97 -11.62
C GLY C 88 -27.99 1.61 -11.93
N LYS C 89 -28.03 0.69 -10.96
CA LYS C 89 -27.50 -0.66 -11.10
C LYS C 89 -28.62 -1.65 -11.43
N TRP C 90 -28.26 -2.74 -12.10
CA TRP C 90 -29.19 -3.76 -12.55
C TRP C 90 -28.65 -5.15 -12.25
N GLU C 91 -29.49 -6.08 -11.77
CA GLU C 91 -29.05 -7.45 -11.52
C GLU C 91 -29.96 -8.49 -12.18
N LEU C 92 -29.38 -9.61 -12.62
CA LEU C 92 -30.12 -10.71 -13.23
C LEU C 92 -29.67 -12.04 -12.65
N TYR C 93 -30.63 -12.87 -12.25
CA TYR C 93 -30.33 -14.23 -11.84
C TYR C 93 -31.15 -15.20 -12.67
N ILE C 94 -30.48 -15.92 -13.59
CA ILE C 94 -31.13 -16.95 -14.40
C ILE C 94 -31.11 -18.24 -13.54
N PRO C 95 -32.28 -18.85 -13.24
CA PRO C 95 -32.29 -20.07 -12.42
C PRO C 95 -31.57 -21.23 -13.09
N PRO C 96 -31.05 -22.20 -12.30
CA PRO C 96 -30.35 -23.33 -12.92
C PRO C 96 -31.24 -24.19 -13.81
N LYS C 97 -30.63 -24.84 -14.84
CA LYS C 97 -31.28 -25.73 -15.81
C LYS C 97 -31.84 -26.98 -15.11
N GLN C 98 -33.06 -27.42 -15.53
CA GLN C 98 -33.75 -28.60 -15.01
C GLN C 98 -32.87 -29.85 -15.19
N ASN C 99 -32.25 -29.98 -16.38
CA ASN C 99 -31.35 -31.10 -16.70
C ASN C 99 -29.96 -31.00 -16.02
N LYS C 100 -29.75 -29.95 -15.18
CA LYS C 100 -28.51 -29.70 -14.43
C LYS C 100 -27.26 -29.53 -15.37
N SER C 101 -27.45 -28.86 -16.51
CA SER C 101 -26.34 -28.57 -17.41
C SER C 101 -26.03 -27.06 -17.34
N VAL C 102 -24.84 -26.66 -17.84
CA VAL C 102 -24.39 -25.26 -17.87
C VAL C 102 -25.36 -24.39 -18.65
N LEU C 103 -25.73 -23.23 -18.10
CA LEU C 103 -26.61 -22.25 -18.76
C LEU C 103 -25.84 -21.63 -19.93
N VAL C 104 -24.67 -21.02 -19.64
CA VAL C 104 -23.80 -20.38 -20.62
C VAL C 104 -22.52 -21.20 -20.82
N PRO C 105 -22.45 -21.97 -21.92
CA PRO C 105 -21.23 -22.76 -22.17
C PRO C 105 -19.96 -21.95 -22.39
N HIS C 106 -18.84 -22.50 -21.94
CA HIS C 106 -17.53 -21.91 -22.12
C HIS C 106 -17.24 -21.79 -23.62
N GLY C 107 -16.76 -20.63 -24.05
CA GLY C 107 -16.40 -20.36 -25.44
C GLY C 107 -17.51 -19.72 -26.26
N SER C 108 -18.73 -19.67 -25.68
CA SER C 108 -19.91 -19.13 -26.35
C SER C 108 -19.98 -17.60 -26.28
N LYS C 109 -20.64 -16.98 -27.27
CA LYS C 109 -20.83 -15.54 -27.41
C LYS C 109 -21.98 -14.98 -26.53
N LEU C 110 -21.76 -13.78 -25.97
CA LEU C 110 -22.69 -13.07 -25.09
C LEU C 110 -22.75 -11.61 -25.47
N LYS C 111 -23.83 -10.92 -25.04
CA LYS C 111 -24.04 -9.50 -25.26
C LYS C 111 -25.03 -8.97 -24.25
N VAL C 112 -24.81 -7.75 -23.76
CA VAL C 112 -25.71 -7.07 -22.84
C VAL C 112 -26.58 -6.22 -23.75
N VAL C 113 -27.90 -6.25 -23.55
CA VAL C 113 -28.82 -5.46 -24.35
C VAL C 113 -29.29 -4.29 -23.49
N ILE C 114 -29.07 -3.07 -24.03
CA ILE C 114 -29.45 -1.81 -23.39
C ILE C 114 -30.53 -1.19 -24.29
N THR C 115 -31.66 -0.83 -23.67
CA THR C 115 -32.75 -0.14 -24.36
C THR C 115 -32.77 1.28 -23.83
N SER C 116 -32.70 2.26 -24.73
CA SER C 116 -32.70 3.67 -24.35
C SER C 116 -34.14 4.18 -24.09
N LYS C 117 -34.27 5.48 -23.73
CA LYS C 117 -35.59 6.11 -23.52
C LYS C 117 -36.30 6.21 -24.87
N SER C 118 -35.52 6.56 -25.95
CA SER C 118 -35.99 6.69 -27.34
C SER C 118 -36.56 5.38 -27.90
N GLY C 119 -35.86 4.27 -27.67
CA GLY C 119 -36.26 2.94 -28.11
C GLY C 119 -35.20 2.19 -28.92
N GLU C 120 -33.94 2.69 -28.86
CA GLU C 120 -32.80 2.07 -29.54
C GLU C 120 -32.51 0.75 -28.85
N ILE C 121 -32.07 -0.24 -29.63
CA ILE C 121 -31.69 -1.52 -29.08
C ILE C 121 -30.20 -1.64 -29.28
N LEU C 122 -29.45 -1.40 -28.18
CA LEU C 122 -28.00 -1.39 -28.18
C LEU C 122 -27.42 -2.69 -27.67
N TYR C 123 -26.48 -3.25 -28.45
CA TYR C 123 -25.76 -4.49 -28.13
C TYR C 123 -24.35 -4.12 -27.66
N ARG C 124 -24.05 -4.39 -26.36
CA ARG C 124 -22.80 -4.02 -25.71
C ARG C 124 -22.04 -5.20 -25.12
N ILE C 125 -20.70 -5.05 -24.98
CA ILE C 125 -19.86 -6.03 -24.30
C ILE C 125 -19.76 -5.49 -22.86
N SER C 126 -19.94 -6.35 -21.84
CA SER C 126 -19.90 -5.89 -20.44
C SER C 126 -18.58 -5.19 -20.13
N PRO C 127 -18.61 -4.01 -19.45
CA PRO C 127 -17.37 -3.32 -19.05
C PRO C 127 -16.40 -4.26 -18.27
N TRP C 128 -17.01 -5.21 -17.53
CA TRP C 128 -16.41 -6.22 -16.67
C TRP C 128 -15.94 -7.50 -17.36
N ALA C 129 -16.16 -7.63 -18.69
CA ALA C 129 -15.79 -8.80 -19.47
C ALA C 129 -14.31 -9.21 -19.30
N LYS C 130 -14.12 -10.51 -19.00
CA LYS C 130 -12.86 -11.20 -18.77
C LYS C 130 -12.11 -11.59 -20.08
N TYR C 131 -12.86 -11.85 -21.18
CA TYR C 131 -12.29 -12.33 -22.44
C TYR C 131 -13.11 -11.89 -23.66
N VAL C 132 -12.44 -11.33 -24.69
CA VAL C 132 -13.06 -10.87 -25.93
C VAL C 132 -12.21 -11.30 -27.13
N VAL C 133 -12.85 -11.83 -28.20
CA VAL C 133 -12.12 -12.28 -29.40
C VAL C 133 -12.69 -11.69 -30.69
N ARG C 134 -11.79 -11.29 -31.63
CA ARG C 134 -12.15 -10.83 -32.97
C ARG C 134 -12.03 -12.07 -33.88
N GLU C 135 -13.19 -12.54 -34.43
CA GLU C 135 -13.27 -13.73 -35.27
C GLU C 135 -12.83 -13.44 -36.70
N GLY C 136 -11.71 -14.04 -37.10
CA GLY C 136 -11.12 -13.86 -38.41
C GLY C 136 -11.00 -12.39 -38.79
N ASP C 137 -11.74 -12.00 -39.85
CA ASP C 137 -11.70 -10.62 -40.37
C ASP C 137 -12.95 -9.80 -40.00
N ASN C 138 -13.60 -10.12 -38.86
CA ASN C 138 -14.77 -9.38 -38.38
C ASN C 138 -14.42 -7.96 -38.00
N VAL C 139 -15.39 -7.05 -38.14
CA VAL C 139 -15.17 -5.66 -37.81
C VAL C 139 -15.08 -5.45 -36.29
N ASN C 140 -15.92 -6.16 -35.51
CA ASN C 140 -15.94 -6.04 -34.06
C ASN C 140 -15.54 -7.30 -33.30
N TYR C 141 -15.23 -7.08 -32.02
CA TYR C 141 -14.87 -8.12 -31.08
C TYR C 141 -16.16 -8.73 -30.56
N ASP C 142 -16.12 -10.04 -30.31
CA ASP C 142 -17.20 -10.80 -29.74
C ASP C 142 -16.88 -10.98 -28.25
N TRP C 143 -17.91 -11.04 -27.41
CA TRP C 143 -17.69 -11.27 -25.99
C TRP C 143 -17.77 -12.79 -25.68
N ILE C 144 -16.61 -13.42 -25.47
CA ILE C 144 -16.49 -14.85 -25.20
C ILE C 144 -16.57 -15.17 -23.71
N HIS C 145 -17.57 -15.97 -23.32
CA HIS C 145 -17.75 -16.39 -21.93
C HIS C 145 -16.63 -17.34 -21.58
N TRP C 146 -15.88 -17.00 -20.51
CA TRP C 146 -14.73 -17.79 -20.08
C TRP C 146 -15.01 -18.62 -18.87
N ASP C 147 -15.17 -19.93 -19.06
CA ASP C 147 -15.44 -20.88 -17.98
C ASP C 147 -14.67 -22.16 -18.26
N PRO C 148 -13.31 -22.15 -18.27
CA PRO C 148 -12.56 -23.37 -18.61
C PRO C 148 -12.76 -24.52 -17.62
N GLU C 149 -12.47 -25.74 -18.10
CA GLU C 149 -12.57 -26.95 -17.30
C GLU C 149 -11.57 -26.82 -16.16
N HIS C 150 -10.30 -26.47 -16.48
CA HIS C 150 -9.28 -26.28 -15.45
C HIS C 150 -8.75 -24.85 -15.41
N SER C 151 -8.73 -24.29 -14.18
CA SER C 151 -8.17 -22.97 -13.89
C SER C 151 -6.66 -23.13 -13.74
N TYR C 152 -5.88 -22.04 -13.91
CA TYR C 152 -4.44 -22.14 -13.71
C TYR C 152 -4.17 -21.99 -12.20
N GLU C 153 -3.43 -22.95 -11.64
CA GLU C 153 -3.04 -22.90 -10.25
C GLU C 153 -1.62 -22.32 -10.20
N PHE C 154 -1.47 -21.16 -9.51
CA PHE C 154 -0.18 -20.51 -9.34
C PHE C 154 0.68 -21.39 -8.44
N LYS C 155 1.85 -21.77 -8.95
CA LYS C 155 2.78 -22.68 -8.31
C LYS C 155 3.93 -21.95 -7.63
N HIS C 156 4.21 -20.68 -8.01
CA HIS C 156 5.35 -19.94 -7.47
C HIS C 156 4.97 -18.68 -6.72
N SER C 157 5.76 -18.40 -5.69
CA SER C 157 5.59 -17.26 -4.83
C SER C 157 6.30 -16.03 -5.44
N ARG C 158 5.80 -14.82 -5.08
CA ARG C 158 6.35 -13.53 -5.50
C ARG C 158 7.82 -13.44 -5.10
N PRO C 159 8.72 -13.00 -5.98
CA PRO C 159 10.14 -12.91 -5.60
C PRO C 159 10.36 -11.86 -4.51
N LYS C 160 11.52 -11.92 -3.83
CA LYS C 160 11.90 -10.96 -2.80
C LYS C 160 11.95 -9.59 -3.49
N LYS C 161 11.37 -8.53 -2.87
CA LYS C 161 11.39 -7.19 -3.49
C LYS C 161 12.84 -6.81 -3.89
N PRO C 162 13.10 -6.44 -5.17
CA PRO C 162 14.48 -6.11 -5.55
C PRO C 162 14.96 -4.84 -4.88
N ARG C 163 16.27 -4.79 -4.55
CA ARG C 163 16.92 -3.62 -3.96
C ARG C 163 16.90 -2.48 -5.00
N SER C 164 17.23 -2.84 -6.27
CA SER C 164 17.30 -1.95 -7.41
C SER C 164 16.55 -2.62 -8.57
N LEU C 165 15.73 -1.85 -9.32
CA LEU C 165 14.96 -2.34 -10.47
C LEU C 165 15.77 -2.24 -11.75
N ARG C 166 15.81 -3.33 -12.52
CA ARG C 166 16.48 -3.39 -13.85
C ARG C 166 15.42 -3.93 -14.76
N ILE C 167 14.62 -3.00 -15.30
CA ILE C 167 13.42 -3.24 -16.09
C ILE C 167 13.69 -3.53 -17.57
N TYR C 168 13.03 -4.58 -18.06
CA TYR C 168 13.07 -4.97 -19.45
C TYR C 168 11.67 -4.72 -19.96
N GLU C 169 11.48 -3.57 -20.64
CA GLU C 169 10.19 -3.13 -21.20
C GLU C 169 9.87 -4.04 -22.42
N SER C 170 8.77 -4.77 -22.32
CA SER C 170 8.38 -5.80 -23.27
C SER C 170 7.00 -5.67 -23.82
N HIS C 171 6.84 -6.14 -25.04
CA HIS C 171 5.62 -6.29 -25.79
C HIS C 171 5.62 -7.76 -26.21
N VAL C 172 4.53 -8.49 -25.93
CA VAL C 172 4.44 -9.91 -26.22
C VAL C 172 4.34 -10.20 -27.73
N GLY C 173 3.49 -9.46 -28.43
CA GLY C 173 3.24 -9.66 -29.85
C GLY C 173 4.46 -9.60 -30.76
N ILE C 174 5.33 -8.62 -30.51
CA ILE C 174 6.53 -8.36 -31.30
C ILE C 174 7.74 -9.14 -30.82
N SER C 175 7.59 -10.01 -29.79
CA SER C 175 8.72 -10.72 -29.16
C SER C 175 9.30 -11.91 -29.95
N SER C 176 8.92 -12.09 -31.23
CA SER C 176 9.46 -13.15 -32.09
C SER C 176 10.07 -12.56 -33.36
N HIS C 177 10.92 -13.33 -34.05
CA HIS C 177 11.54 -12.90 -35.32
C HIS C 177 10.52 -12.97 -36.50
N GLU C 178 9.35 -13.59 -36.27
CA GLU C 178 8.28 -13.76 -37.25
C GLU C 178 7.42 -12.52 -37.30
N GLY C 179 6.91 -12.23 -38.49
CA GLY C 179 5.97 -11.15 -38.73
C GLY C 179 4.55 -11.61 -38.48
N LYS C 180 4.22 -11.78 -37.20
CA LYS C 180 2.90 -12.20 -36.71
C LYS C 180 2.76 -11.79 -35.23
N VAL C 181 1.55 -11.91 -34.65
CA VAL C 181 1.36 -11.64 -33.23
C VAL C 181 1.88 -12.86 -32.44
N ALA C 182 3.06 -12.73 -31.75
CA ALA C 182 3.64 -13.80 -30.92
C ALA C 182 2.78 -14.08 -29.70
N SER C 183 2.87 -15.27 -29.15
CA SER C 183 2.01 -15.71 -28.03
C SER C 183 2.62 -15.56 -26.65
N TYR C 184 1.74 -15.68 -25.63
CA TYR C 184 2.10 -15.68 -24.22
C TYR C 184 3.04 -16.86 -24.02
N LYS C 185 2.68 -18.04 -24.59
CA LYS C 185 3.49 -19.26 -24.54
C LYS C 185 4.89 -19.05 -25.12
N HIS C 186 5.01 -18.40 -26.31
CA HIS C 186 6.31 -18.11 -26.94
C HIS C 186 7.19 -17.26 -26.00
N PHE C 187 6.61 -16.17 -25.47
CA PHE C 187 7.27 -15.24 -24.53
C PHE C 187 7.79 -16.00 -23.31
N THR C 188 6.93 -16.85 -22.70
CA THR C 188 7.21 -17.69 -21.53
C THR C 188 8.39 -18.67 -21.75
N CYS C 189 8.45 -19.31 -22.91
CA CYS C 189 9.49 -20.30 -23.21
C CYS C 189 10.75 -19.72 -23.74
N ASN C 190 10.63 -18.76 -24.65
CA ASN C 190 11.76 -18.26 -25.39
C ASN C 190 12.31 -16.90 -24.96
N VAL C 191 11.47 -15.93 -24.54
CA VAL C 191 12.09 -14.65 -24.18
C VAL C 191 12.30 -14.55 -22.64
N LEU C 192 11.45 -15.17 -21.75
CA LEU C 192 11.78 -15.12 -20.31
C LEU C 192 13.25 -15.57 -20.03
N PRO C 193 13.76 -16.73 -20.52
CA PRO C 193 15.18 -17.08 -20.24
C PRO C 193 16.23 -16.07 -20.79
N ARG C 194 15.90 -15.34 -21.90
CA ARG C 194 16.78 -14.30 -22.47
C ARG C 194 16.89 -13.12 -21.50
N ILE C 195 15.74 -12.63 -21.00
CA ILE C 195 15.63 -11.54 -20.04
C ILE C 195 16.44 -11.89 -18.79
N LYS C 196 16.23 -13.11 -18.22
CA LYS C 196 16.97 -13.58 -17.04
C LYS C 196 18.48 -13.59 -17.28
N GLY C 197 18.89 -14.14 -18.42
CA GLY C 197 20.28 -14.24 -18.84
C GLY C 197 21.01 -12.91 -18.93
N LEU C 198 20.28 -11.83 -19.28
CA LEU C 198 20.81 -10.47 -19.41
C LEU C 198 21.05 -9.77 -18.07
N GLY C 199 20.48 -10.29 -17.00
CA GLY C 199 20.62 -9.69 -15.68
C GLY C 199 19.46 -8.79 -15.29
N TYR C 200 18.35 -8.77 -16.09
CA TYR C 200 17.18 -7.97 -15.75
C TYR C 200 16.40 -8.71 -14.69
N ASN C 201 15.86 -7.98 -13.71
CA ASN C 201 15.14 -8.57 -12.58
C ASN C 201 13.67 -8.17 -12.54
N CYS C 202 13.22 -7.44 -13.57
CA CYS C 202 11.87 -6.91 -13.70
C CYS C 202 11.48 -6.78 -15.16
N ILE C 203 10.20 -7.07 -15.47
CA ILE C 203 9.61 -6.96 -16.80
C ILE C 203 8.46 -5.97 -16.73
N GLN C 204 8.48 -4.98 -17.59
CA GLN C 204 7.37 -4.04 -17.71
C GLN C 204 6.57 -4.55 -18.93
N LEU C 205 5.43 -5.17 -18.65
CA LEU C 205 4.60 -5.76 -19.67
C LEU C 205 3.63 -4.75 -20.24
N MET C 206 3.89 -4.38 -21.50
CA MET C 206 3.13 -3.42 -22.29
C MET C 206 2.00 -4.13 -22.99
N ALA C 207 0.97 -3.35 -23.39
CA ALA C 207 -0.11 -3.80 -24.25
C ALA C 207 -0.81 -5.10 -23.82
N ILE C 208 -1.10 -5.25 -22.51
CA ILE C 208 -1.81 -6.43 -22.01
C ILE C 208 -3.29 -6.17 -21.98
N MET C 209 -3.71 -5.04 -21.42
CA MET C 209 -5.14 -4.67 -21.35
C MET C 209 -5.69 -4.64 -22.77
N GLU C 210 -6.89 -5.23 -22.97
CA GLU C 210 -7.46 -5.35 -24.31
C GLU C 210 -7.65 -4.01 -25.04
N HIS C 211 -7.05 -3.94 -26.23
CA HIS C 211 -7.09 -2.86 -27.20
C HIS C 211 -7.44 -3.49 -28.56
N ALA C 212 -8.49 -2.98 -29.23
CA ALA C 212 -8.90 -3.53 -30.54
C ALA C 212 -7.89 -3.19 -31.66
N TYR C 213 -7.29 -1.98 -31.59
CA TYR C 213 -6.32 -1.49 -32.57
C TYR C 213 -4.88 -1.81 -32.15
N TYR C 214 -4.33 -2.88 -32.74
CA TYR C 214 -2.98 -3.35 -32.44
C TYR C 214 -1.92 -2.25 -32.59
N ALA C 215 -2.04 -1.41 -33.63
CA ALA C 215 -1.11 -0.33 -33.91
C ALA C 215 -1.18 0.84 -32.90
N SER C 216 -2.07 0.75 -31.89
CA SER C 216 -2.17 1.75 -30.81
C SER C 216 -1.11 1.52 -29.71
N PHE C 217 -0.31 0.43 -29.82
CA PHE C 217 0.75 0.01 -28.88
C PHE C 217 0.20 -0.27 -27.45
N GLY C 218 -1.10 -0.52 -27.37
CA GLY C 218 -1.81 -0.86 -26.14
C GLY C 218 -2.41 0.31 -25.42
N TYR C 219 -2.43 1.50 -26.07
CA TYR C 219 -2.90 2.74 -25.47
C TYR C 219 -4.39 3.06 -25.75
N GLN C 220 -5.06 2.28 -26.64
CA GLN C 220 -6.49 2.47 -26.94
C GLN C 220 -7.30 1.30 -26.38
N ILE C 221 -7.66 1.36 -25.08
CA ILE C 221 -8.36 0.29 -24.36
C ILE C 221 -9.84 0.20 -24.69
N THR C 222 -10.28 -1.04 -25.03
CA THR C 222 -11.66 -1.40 -25.37
C THR C 222 -12.32 -2.20 -24.22
N SER C 223 -11.63 -3.23 -23.71
CA SER C 223 -12.10 -4.05 -22.58
C SER C 223 -11.04 -3.98 -21.45
N PHE C 224 -11.40 -3.29 -20.36
CA PHE C 224 -10.49 -3.00 -19.25
C PHE C 224 -10.13 -4.21 -18.37
N PHE C 225 -11.02 -5.21 -18.26
CA PHE C 225 -10.76 -6.40 -17.43
C PHE C 225 -10.26 -7.57 -18.22
N ALA C 226 -10.07 -7.37 -19.53
CA ALA C 226 -9.66 -8.43 -20.45
C ALA C 226 -8.19 -8.40 -20.85
N ALA C 227 -7.52 -9.53 -20.61
CA ALA C 227 -6.14 -9.76 -21.03
C ALA C 227 -6.24 -10.01 -22.54
N SER C 228 -5.46 -9.26 -23.33
CA SER C 228 -5.51 -9.35 -24.81
C SER C 228 -5.57 -10.80 -25.31
N SER C 229 -6.64 -11.12 -26.08
CA SER C 229 -6.88 -12.46 -26.66
C SER C 229 -5.82 -12.78 -27.70
N ARG C 230 -5.44 -11.77 -28.48
CA ARG C 230 -4.40 -11.66 -29.50
C ARG C 230 -3.20 -12.62 -29.27
N TYR C 231 -2.68 -12.70 -27.99
CA TYR C 231 -1.52 -13.48 -27.59
C TYR C 231 -1.83 -14.84 -27.00
N GLY C 232 -3.11 -15.07 -26.70
CA GLY C 232 -3.57 -16.31 -26.11
C GLY C 232 -4.66 -16.15 -25.07
N SER C 233 -4.86 -17.20 -24.26
CA SER C 233 -5.91 -17.31 -23.23
C SER C 233 -5.49 -16.67 -21.90
N PRO C 234 -6.48 -16.26 -21.04
CA PRO C 234 -6.13 -15.70 -19.71
C PRO C 234 -5.16 -16.54 -18.90
N GLU C 235 -5.31 -17.89 -18.92
CA GLU C 235 -4.46 -18.88 -18.24
C GLU C 235 -3.00 -18.86 -18.70
N GLU C 236 -2.76 -18.58 -20.00
CA GLU C 236 -1.42 -18.54 -20.59
C GLU C 236 -0.65 -17.29 -20.11
N LEU C 237 -1.38 -16.23 -19.72
CA LEU C 237 -0.81 -15.02 -19.15
C LEU C 237 -0.44 -15.30 -17.69
N GLN C 238 -1.34 -16.00 -16.97
CA GLN C 238 -1.13 -16.43 -15.60
C GLN C 238 0.14 -17.28 -15.52
N GLU C 239 0.27 -18.27 -16.44
CA GLU C 239 1.43 -19.15 -16.54
C GLU C 239 2.69 -18.31 -16.82
N LEU C 240 2.60 -17.26 -17.66
CA LEU C 240 3.71 -16.33 -17.98
C LEU C 240 4.19 -15.66 -16.70
N VAL C 241 3.26 -15.02 -15.95
CA VAL C 241 3.60 -14.31 -14.72
C VAL C 241 4.19 -15.28 -13.71
N ASP C 242 3.56 -16.46 -13.55
CA ASP C 242 4.04 -17.49 -12.62
C ASP C 242 5.44 -17.98 -12.97
N THR C 243 5.72 -18.15 -14.28
CA THR C 243 7.03 -18.58 -14.77
C THR C 243 8.10 -17.52 -14.52
N ALA C 244 7.74 -16.21 -14.68
CA ALA C 244 8.67 -15.12 -14.41
C ALA C 244 9.05 -15.16 -12.94
N HIS C 245 8.06 -15.38 -12.03
CA HIS C 245 8.25 -15.49 -10.58
C HIS C 245 9.13 -16.68 -10.23
N SER C 246 8.97 -17.81 -10.95
CA SER C 246 9.79 -19.01 -10.77
C SER C 246 11.29 -18.68 -11.00
N MET C 247 11.55 -17.67 -11.84
CA MET C 247 12.89 -17.20 -12.22
C MET C 247 13.36 -15.99 -11.39
N GLY C 248 12.56 -15.55 -10.41
CA GLY C 248 12.90 -14.42 -9.55
C GLY C 248 12.68 -13.07 -10.21
N ILE C 249 11.93 -13.06 -11.32
CA ILE C 249 11.62 -11.85 -12.05
C ILE C 249 10.23 -11.34 -11.66
N ILE C 250 10.16 -10.06 -11.28
CA ILE C 250 8.90 -9.43 -10.96
C ILE C 250 8.30 -8.87 -12.26
N VAL C 251 6.97 -8.91 -12.39
CA VAL C 251 6.27 -8.44 -13.57
C VAL C 251 5.36 -7.27 -13.19
N LEU C 252 5.55 -6.13 -13.91
CA LEU C 252 4.72 -4.94 -13.74
C LEU C 252 3.88 -4.80 -14.97
N LEU C 253 2.66 -4.28 -14.83
CA LEU C 253 1.74 -4.09 -15.94
C LEU C 253 1.57 -2.61 -16.32
N ASP C 254 1.52 -2.30 -17.63
CA ASP C 254 1.23 -0.96 -18.17
C ASP C 254 -0.28 -0.73 -18.00
N VAL C 255 -0.68 0.15 -17.08
CA VAL C 255 -2.06 0.48 -16.80
C VAL C 255 -2.45 1.77 -17.50
N VAL C 256 -3.40 1.65 -18.44
CA VAL C 256 -3.95 2.78 -19.18
C VAL C 256 -5.34 3.11 -18.59
N HIS C 257 -5.36 4.08 -17.65
CA HIS C 257 -6.56 4.54 -16.96
C HIS C 257 -6.78 6.02 -17.22
N SER C 258 -6.06 6.56 -18.25
CA SER C 258 -6.03 7.96 -18.66
C SER C 258 -7.15 8.33 -19.62
N HIS C 259 -7.58 7.37 -20.42
CA HIS C 259 -8.61 7.52 -21.44
C HIS C 259 -9.10 6.15 -21.85
N ALA C 260 -10.14 6.12 -22.71
CA ALA C 260 -10.69 4.89 -23.25
C ALA C 260 -10.94 5.07 -24.74
N SER C 261 -10.89 3.98 -25.52
CA SER C 261 -11.20 4.02 -26.94
C SER C 261 -12.63 4.46 -27.12
N LYS C 262 -12.87 5.17 -28.22
CA LYS C 262 -14.16 5.70 -28.62
C LYS C 262 -15.18 4.59 -29.04
N ASN C 263 -14.74 3.28 -29.20
CA ASN C 263 -15.55 2.11 -29.61
C ASN C 263 -16.75 1.89 -28.70
N SER C 264 -17.91 1.69 -29.31
CA SER C 264 -19.14 1.47 -28.55
C SER C 264 -19.63 0.04 -28.68
N ALA C 265 -19.42 -0.57 -29.89
CA ALA C 265 -19.85 -1.94 -30.19
C ALA C 265 -19.09 -2.96 -29.32
N ASP C 266 -17.77 -2.74 -29.22
CA ASP C 266 -16.83 -3.59 -28.50
C ASP C 266 -15.90 -2.81 -27.54
N GLY C 267 -16.38 -1.65 -27.06
CA GLY C 267 -15.66 -0.77 -26.15
C GLY C 267 -16.53 -0.25 -25.03
N LEU C 268 -15.97 0.65 -24.19
CA LEU C 268 -16.64 1.22 -23.01
C LEU C 268 -17.49 2.45 -23.31
N ASN C 269 -17.29 3.05 -24.49
CA ASN C 269 -17.98 4.25 -24.91
C ASN C 269 -19.47 4.04 -25.11
N MET C 270 -20.22 4.97 -24.50
CA MET C 270 -21.68 5.12 -24.50
C MET C 270 -22.40 3.83 -24.18
N PHE C 271 -21.88 3.14 -23.16
CA PHE C 271 -22.38 1.87 -22.64
C PHE C 271 -23.89 1.88 -22.45
N ASP C 272 -24.42 2.74 -21.56
CA ASP C 272 -25.86 2.85 -21.29
C ASP C 272 -26.63 3.67 -22.37
N GLY C 273 -25.96 4.02 -23.46
CA GLY C 273 -26.54 4.79 -24.56
C GLY C 273 -26.36 6.29 -24.44
N THR C 274 -26.05 6.77 -23.21
CA THR C 274 -25.78 8.17 -22.90
C THR C 274 -24.29 8.40 -23.11
N ASP C 275 -23.83 9.67 -23.19
CA ASP C 275 -22.41 9.97 -23.32
C ASP C 275 -21.83 10.33 -21.92
N SER C 276 -22.59 10.06 -20.85
CA SER C 276 -22.19 10.36 -19.48
C SER C 276 -22.28 9.10 -18.60
N CYS C 277 -21.55 8.05 -18.98
CA CYS C 277 -21.60 6.86 -18.13
C CYS C 277 -20.31 6.82 -17.28
N TYR C 278 -19.31 6.06 -17.74
CA TYR C 278 -17.99 5.95 -17.14
C TYR C 278 -17.19 7.23 -17.43
N PHE C 279 -17.73 8.08 -18.33
CA PHE C 279 -17.07 9.31 -18.79
C PHE C 279 -17.83 10.61 -18.50
N HIS C 280 -17.21 11.76 -18.85
CA HIS C 280 -17.82 13.08 -18.71
C HIS C 280 -18.63 13.39 -19.95
N SER C 281 -19.81 13.99 -19.73
CA SER C 281 -20.71 14.40 -20.79
C SER C 281 -20.14 15.63 -21.49
N GLY C 282 -20.23 15.62 -22.81
CA GLY C 282 -19.82 16.72 -23.67
C GLY C 282 -18.36 16.82 -24.00
N PRO C 283 -17.86 18.07 -24.22
CA PRO C 283 -16.45 18.26 -24.63
C PRO C 283 -15.43 17.87 -23.57
N ARG C 284 -15.77 18.07 -22.27
CA ARG C 284 -14.97 17.74 -21.08
C ARG C 284 -14.53 16.27 -21.08
N GLY C 285 -15.42 15.39 -21.53
CA GLY C 285 -15.18 13.95 -21.62
C GLY C 285 -14.50 13.46 -22.89
N THR C 286 -14.00 14.35 -23.75
CA THR C 286 -13.34 13.91 -24.97
C THR C 286 -11.97 14.56 -25.11
N HIS C 287 -10.95 13.71 -25.33
CA HIS C 287 -9.57 14.09 -25.57
C HIS C 287 -9.46 14.24 -27.07
N ASP C 288 -9.36 15.50 -27.54
CA ASP C 288 -9.35 15.82 -28.96
C ASP C 288 -8.14 15.27 -29.73
N LEU C 289 -6.92 15.38 -29.14
CA LEU C 289 -5.69 14.89 -29.78
C LEU C 289 -5.69 13.36 -29.96
N TRP C 290 -6.21 12.62 -28.97
CA TRP C 290 -6.27 11.15 -28.96
C TRP C 290 -7.57 10.54 -29.51
N ASP C 291 -8.63 11.37 -29.70
CA ASP C 291 -9.98 10.95 -30.14
C ASP C 291 -10.44 9.81 -29.24
N SER C 292 -10.43 10.10 -27.93
CA SER C 292 -10.72 9.15 -26.86
C SER C 292 -11.67 9.74 -25.86
N ARG C 293 -12.23 8.88 -25.03
CA ARG C 293 -13.13 9.31 -23.97
C ARG C 293 -12.35 9.51 -22.67
N LEU C 294 -12.84 10.41 -21.80
CA LEU C 294 -12.18 10.73 -20.54
C LEU C 294 -13.08 10.46 -19.34
N PHE C 295 -12.60 9.55 -18.47
CA PHE C 295 -13.28 9.08 -17.27
C PHE C 295 -13.73 10.19 -16.34
N ALA C 296 -14.87 9.98 -15.69
CA ALA C 296 -15.42 10.90 -14.73
C ALA C 296 -14.93 10.42 -13.37
N TYR C 297 -13.66 10.72 -13.05
CA TYR C 297 -12.98 10.32 -11.80
C TYR C 297 -13.68 10.73 -10.50
N SER C 298 -14.62 11.69 -10.57
CA SER C 298 -15.36 12.14 -9.40
C SER C 298 -16.51 11.17 -9.05
N SER C 299 -16.97 10.43 -10.07
CA SER C 299 -18.09 9.50 -10.02
C SER C 299 -17.71 8.19 -9.27
N TRP C 300 -18.49 7.86 -8.21
CA TRP C 300 -18.29 6.72 -7.32
C TRP C 300 -18.14 5.39 -8.04
N GLU C 301 -18.91 5.20 -9.11
CA GLU C 301 -18.88 3.97 -9.87
C GLU C 301 -17.66 3.85 -10.74
N VAL C 302 -17.09 4.99 -11.16
CA VAL C 302 -15.84 5.03 -11.94
C VAL C 302 -14.69 4.63 -11.00
N LEU C 303 -14.78 5.03 -9.70
CA LEU C 303 -13.80 4.66 -8.68
C LEU C 303 -13.89 3.17 -8.40
N ARG C 304 -15.12 2.63 -8.31
CA ARG C 304 -15.31 1.19 -8.09
C ARG C 304 -14.73 0.43 -9.27
N PHE C 305 -15.02 0.86 -10.51
CA PHE C 305 -14.55 0.24 -11.74
C PHE C 305 -13.02 0.24 -11.86
N LEU C 306 -12.42 1.44 -11.78
CA LEU C 306 -10.97 1.60 -11.88
C LEU C 306 -10.20 0.95 -10.72
N LEU C 307 -10.67 1.08 -9.45
CA LEU C 307 -10.00 0.42 -8.32
C LEU C 307 -10.14 -1.11 -8.35
N SER C 308 -11.32 -1.64 -8.81
CA SER C 308 -11.54 -3.08 -8.94
C SER C 308 -10.66 -3.61 -10.05
N ASN C 309 -10.38 -2.74 -11.06
CA ASN C 309 -9.50 -3.11 -12.15
C ASN C 309 -8.08 -3.31 -11.63
N ILE C 310 -7.57 -2.35 -10.83
CA ILE C 310 -6.23 -2.44 -10.22
C ILE C 310 -6.11 -3.76 -9.42
N ARG C 311 -7.10 -4.02 -8.54
CA ARG C 311 -7.23 -5.23 -7.73
C ARG C 311 -7.26 -6.49 -8.60
N TRP C 312 -8.05 -6.45 -9.71
CA TRP C 312 -8.19 -7.54 -10.69
C TRP C 312 -6.81 -7.99 -11.15
N TRP C 313 -5.96 -7.08 -11.65
CA TRP C 313 -4.61 -7.42 -12.13
C TRP C 313 -3.69 -7.92 -11.03
N LEU C 314 -3.92 -7.49 -9.77
CA LEU C 314 -3.11 -7.94 -8.63
C LEU C 314 -3.47 -9.34 -8.20
N GLU C 315 -4.77 -9.62 -8.11
CA GLU C 315 -5.36 -10.87 -7.66
C GLU C 315 -5.39 -11.96 -8.72
N GLU C 316 -6.03 -11.67 -9.87
CA GLU C 316 -6.19 -12.63 -10.96
C GLU C 316 -4.91 -12.98 -11.66
N TYR C 317 -4.10 -12.00 -12.03
CA TYR C 317 -2.90 -12.25 -12.80
C TYR C 317 -1.60 -12.12 -12.02
N ARG C 318 -1.69 -11.74 -10.73
CA ARG C 318 -0.59 -11.67 -9.76
C ARG C 318 0.58 -10.78 -10.20
N PHE C 319 0.26 -9.63 -10.78
CA PHE C 319 1.26 -8.64 -11.15
C PHE C 319 1.83 -8.02 -9.88
N ASP C 320 3.13 -7.68 -9.92
CA ASP C 320 3.90 -7.11 -8.82
C ASP C 320 3.77 -5.59 -8.72
N GLY C 321 2.97 -5.02 -9.61
CA GLY C 321 2.76 -3.59 -9.66
C GLY C 321 2.48 -3.07 -11.05
N PHE C 322 2.52 -1.74 -11.19
CA PHE C 322 2.08 -1.08 -12.41
C PHE C 322 2.87 0.14 -12.83
N ARG C 323 2.82 0.44 -14.14
CA ARG C 323 3.26 1.72 -14.70
C ARG C 323 1.95 2.39 -15.14
N PHE C 324 1.65 3.53 -14.55
CA PHE C 324 0.46 4.30 -14.87
C PHE C 324 0.82 5.24 -16.00
N ASP C 325 0.28 4.97 -17.21
CA ASP C 325 0.54 5.80 -18.39
C ASP C 325 -0.47 6.93 -18.47
N GLY C 326 -0.05 8.02 -19.12
CA GLY C 326 -0.86 9.22 -19.37
C GLY C 326 -1.19 10.03 -18.13
N VAL C 327 -0.30 9.97 -17.11
CA VAL C 327 -0.47 10.72 -15.84
C VAL C 327 -0.55 12.24 -16.12
N THR C 328 0.32 12.75 -17.01
CA THR C 328 0.34 14.16 -17.42
C THR C 328 -1.04 14.57 -17.97
N SER C 329 -1.67 13.70 -18.82
CA SER C 329 -2.99 13.92 -19.42
C SER C 329 -4.08 13.99 -18.34
N MET C 330 -4.06 13.00 -17.46
CA MET C 330 -5.00 12.84 -16.36
C MET C 330 -5.11 14.08 -15.48
N LEU C 331 -3.96 14.69 -15.11
CA LEU C 331 -3.92 15.84 -14.21
C LEU C 331 -4.12 17.16 -14.90
N TYR C 332 -3.84 17.23 -16.22
CA TYR C 332 -3.96 18.48 -16.99
C TYR C 332 -4.88 18.37 -18.26
N HIS C 333 -6.21 18.59 -18.06
CA HIS C 333 -7.26 18.50 -19.09
C HIS C 333 -7.00 19.38 -20.32
N LEU C 351 -1.44 25.44 -16.31
CA LEU C 351 -2.78 24.87 -16.48
C LEU C 351 -3.43 24.47 -15.14
N GLN C 352 -4.76 24.15 -15.15
CA GLN C 352 -5.55 23.72 -13.99
C GLN C 352 -5.37 22.22 -13.75
N VAL C 353 -5.18 21.80 -12.46
CA VAL C 353 -5.01 20.39 -12.06
C VAL C 353 -6.36 19.69 -11.75
N ASP C 354 -6.65 18.56 -12.44
CA ASP C 354 -7.87 17.75 -12.23
C ASP C 354 -7.79 17.05 -10.87
N GLU C 355 -8.43 17.65 -9.87
CA GLU C 355 -8.36 17.21 -8.49
C GLU C 355 -8.97 15.81 -8.25
N ASP C 356 -10.03 15.42 -9.01
CA ASP C 356 -10.64 14.08 -8.90
C ASP C 356 -9.75 12.97 -9.53
N ALA C 357 -9.02 13.30 -10.65
CA ALA C 357 -8.08 12.38 -11.30
C ALA C 357 -6.89 12.10 -10.38
N LEU C 358 -6.40 13.15 -9.68
CA LEU C 358 -5.28 13.04 -8.75
C LEU C 358 -5.65 12.23 -7.52
N THR C 359 -6.89 12.42 -6.99
CA THR C 359 -7.38 11.63 -5.85
C THR C 359 -7.51 10.16 -6.29
N TYR C 360 -7.90 9.93 -7.58
CA TYR C 360 -8.00 8.57 -8.04
C TYR C 360 -6.62 7.88 -7.94
N LEU C 361 -5.58 8.51 -8.51
CA LEU C 361 -4.21 7.96 -8.47
C LEU C 361 -3.71 7.77 -7.04
N MET C 362 -4.12 8.67 -6.10
CA MET C 362 -3.75 8.50 -4.69
C MET C 362 -4.41 7.25 -4.10
N LEU C 363 -5.70 7.06 -4.36
CA LEU C 363 -6.45 5.89 -3.91
C LEU C 363 -5.89 4.60 -4.53
N ALA C 364 -5.51 4.66 -5.84
CA ALA C 364 -4.91 3.50 -6.53
C ALA C 364 -3.61 3.09 -5.85
N ASN C 365 -2.71 4.07 -5.60
CA ASN C 365 -1.43 3.85 -4.91
C ASN C 365 -1.67 3.38 -3.46
N HIS C 366 -2.63 3.99 -2.75
CA HIS C 366 -2.98 3.57 -1.40
C HIS C 366 -3.38 2.09 -1.39
N LEU C 367 -4.29 1.69 -2.31
CA LEU C 367 -4.76 0.31 -2.48
C LEU C 367 -3.59 -0.65 -2.76
N VAL C 368 -2.82 -0.39 -3.81
CA VAL C 368 -1.67 -1.23 -4.19
C VAL C 368 -0.71 -1.49 -3.00
N HIS C 369 -0.29 -0.43 -2.32
CA HIS C 369 0.64 -0.52 -1.21
C HIS C 369 0.01 -1.02 0.11
N THR C 370 -1.31 -0.84 0.33
CA THR C 370 -1.96 -1.40 1.52
C THR C 370 -2.11 -2.93 1.38
N LEU C 371 -2.37 -3.42 0.16
CA LEU C 371 -2.52 -4.85 -0.09
C LEU C 371 -1.18 -5.55 -0.04
N CYS C 372 -0.15 -4.95 -0.66
CA CYS C 372 1.21 -5.44 -0.55
C CYS C 372 2.21 -4.31 -0.55
N PRO C 373 2.85 -4.02 0.61
CA PRO C 373 3.85 -2.93 0.66
C PRO C 373 5.04 -3.06 -0.29
N ASP C 374 5.35 -4.32 -0.68
CA ASP C 374 6.42 -4.65 -1.63
C ASP C 374 6.06 -4.31 -3.10
N SER C 375 4.75 -4.03 -3.39
CA SER C 375 4.28 -3.68 -4.71
C SER C 375 4.83 -2.34 -5.17
N ILE C 376 5.14 -2.23 -6.48
CA ILE C 376 5.77 -1.05 -7.10
C ILE C 376 4.80 -0.34 -8.05
N THR C 377 4.81 1.01 -8.03
CA THR C 377 4.04 1.83 -8.97
C THR C 377 4.98 2.88 -9.57
N ILE C 378 4.97 3.00 -10.91
CA ILE C 378 5.75 3.97 -11.73
C ILE C 378 4.77 4.94 -12.44
N ALA C 379 5.10 6.24 -12.48
CA ALA C 379 4.30 7.23 -13.20
C ALA C 379 5.01 7.69 -14.47
N GLU C 380 4.25 7.70 -15.57
CA GLU C 380 4.71 8.19 -16.87
C GLU C 380 4.29 9.67 -16.87
N ASP C 381 5.21 10.54 -16.47
CA ASP C 381 4.92 11.96 -16.41
C ASP C 381 6.05 12.81 -16.99
N VAL C 382 5.68 13.54 -18.06
CA VAL C 382 6.52 14.47 -18.81
C VAL C 382 6.58 15.82 -18.17
N SER C 383 5.48 16.24 -17.50
CA SER C 383 5.33 17.55 -16.86
C SER C 383 6.38 17.89 -15.81
N GLY C 384 6.80 16.89 -15.04
CA GLY C 384 7.76 17.11 -13.96
C GLY C 384 7.05 17.67 -12.74
N MET C 385 5.72 17.40 -12.65
CA MET C 385 4.89 17.82 -11.54
C MET C 385 5.57 17.34 -10.25
N PRO C 386 5.77 18.24 -9.28
CA PRO C 386 6.44 17.82 -8.04
C PRO C 386 5.49 16.98 -7.17
N ALA C 387 6.04 16.33 -6.13
CA ALA C 387 5.29 15.52 -5.15
C ALA C 387 4.40 14.43 -5.79
N LEU C 388 4.80 13.96 -6.98
CA LEU C 388 4.06 12.89 -7.62
C LEU C 388 4.55 11.57 -6.98
N CYS C 389 5.84 11.53 -6.54
CA CYS C 389 6.51 10.40 -5.86
C CYS C 389 6.59 10.54 -4.37
N SER C 390 6.12 11.66 -3.83
CA SER C 390 6.15 11.86 -2.39
C SER C 390 4.92 11.20 -1.74
N PRO C 391 5.05 10.79 -0.44
CA PRO C 391 3.93 10.10 0.24
C PRO C 391 2.59 10.78 0.15
N ILE C 392 1.53 9.98 0.31
CA ILE C 392 0.15 10.49 0.26
C ILE C 392 -0.10 11.41 1.46
N SER C 393 0.43 11.01 2.65
CA SER C 393 0.41 11.73 3.92
C SER C 393 1.02 13.14 3.84
N GLN C 394 1.80 13.43 2.77
CA GLN C 394 2.44 14.72 2.51
C GLN C 394 1.79 15.44 1.32
N GLY C 395 0.59 14.99 0.93
CA GLY C 395 -0.16 15.56 -0.19
C GLY C 395 0.40 15.18 -1.55
N GLY C 396 1.22 14.12 -1.58
CA GLY C 396 1.81 13.58 -2.79
C GLY C 396 0.92 12.58 -3.51
N GLY C 397 1.44 12.02 -4.59
CA GLY C 397 0.75 11.02 -5.41
C GLY C 397 0.88 9.64 -4.83
N GLY C 398 2.03 9.36 -4.23
CA GLY C 398 2.28 8.08 -3.60
C GLY C 398 2.96 7.09 -4.50
N PHE C 399 3.44 7.55 -5.66
CA PHE C 399 4.14 6.70 -6.61
C PHE C 399 5.51 6.28 -6.06
N ASP C 400 6.01 5.10 -6.41
CA ASP C 400 7.34 4.72 -5.95
C ASP C 400 8.43 5.34 -6.83
N TYR C 401 8.21 5.32 -8.18
CA TYR C 401 9.11 5.80 -9.23
C TYR C 401 8.48 6.74 -10.28
N ARG C 402 9.32 7.59 -10.92
CA ARG C 402 8.95 8.46 -12.02
C ARG C 402 9.96 8.21 -13.10
N LEU C 403 9.57 8.28 -14.36
CA LEU C 403 10.53 8.01 -15.43
C LEU C 403 11.38 9.26 -15.69
N ALA C 404 12.73 9.10 -15.73
CA ALA C 404 13.64 10.23 -16.00
C ALA C 404 13.63 10.48 -17.51
N MET C 405 12.61 11.23 -17.98
CA MET C 405 12.36 11.49 -19.40
C MET C 405 13.32 12.48 -20.09
N ALA C 406 14.07 13.26 -19.29
CA ALA C 406 15.02 14.23 -19.80
C ALA C 406 16.26 13.54 -20.38
N ILE C 407 16.64 12.36 -19.84
CA ILE C 407 17.83 11.60 -20.30
C ILE C 407 17.74 11.21 -21.80
N PRO C 408 16.68 10.53 -22.32
CA PRO C 408 16.67 10.22 -23.76
C PRO C 408 16.81 11.43 -24.68
N ASP C 409 16.20 12.58 -24.30
CA ASP C 409 16.23 13.84 -25.04
C ASP C 409 17.62 14.44 -25.13
N LYS C 410 18.42 14.36 -24.04
CA LYS C 410 19.78 14.88 -24.02
C LYS C 410 20.65 14.09 -24.97
N TRP C 411 20.47 12.74 -25.04
CA TRP C 411 21.27 11.96 -25.99
C TRP C 411 20.86 12.28 -27.41
N ILE C 412 19.55 12.50 -27.67
CA ILE C 412 19.07 12.89 -29.00
C ILE C 412 19.73 14.23 -29.40
N GLN C 413 19.63 15.27 -28.53
CA GLN C 413 20.21 16.60 -28.77
C GLN C 413 21.68 16.51 -29.19
N LEU C 414 22.49 15.85 -28.37
CA LEU C 414 23.93 15.67 -28.59
C LEU C 414 24.27 14.94 -29.88
N LEU C 415 23.51 13.90 -30.24
CA LEU C 415 23.79 13.15 -31.47
C LEU C 415 23.24 13.83 -32.70
N LYS C 416 22.13 14.57 -32.56
CA LYS C 416 21.52 15.24 -33.69
C LYS C 416 22.25 16.54 -34.03
N GLU C 417 22.43 17.41 -33.02
CA GLU C 417 22.96 18.77 -33.14
C GLU C 417 24.44 19.02 -32.79
N PHE C 418 25.18 18.07 -32.19
CA PHE C 418 26.57 18.37 -31.76
C PHE C 418 27.67 17.43 -32.23
N LYS C 419 28.81 18.04 -32.59
CA LYS C 419 30.01 17.28 -32.94
C LYS C 419 30.51 16.70 -31.60
N ASP C 420 31.19 15.55 -31.62
CA ASP C 420 31.74 14.90 -30.41
C ASP C 420 32.66 15.79 -29.59
N GLU C 421 33.38 16.69 -30.27
CA GLU C 421 34.31 17.66 -29.70
C GLU C 421 33.55 18.79 -28.98
N ASP C 422 32.25 18.96 -29.33
CA ASP C 422 31.30 19.98 -28.86
C ASP C 422 30.35 19.54 -27.69
N TRP C 423 30.54 18.29 -27.19
CA TRP C 423 29.70 17.75 -26.12
C TRP C 423 30.13 18.35 -24.78
N ASN C 424 29.17 18.94 -24.05
CA ASN C 424 29.49 19.53 -22.76
C ASN C 424 29.35 18.45 -21.69
N MET C 425 30.45 18.14 -20.98
CA MET C 425 30.51 17.13 -19.91
C MET C 425 29.64 17.53 -18.73
N GLY C 426 29.66 18.81 -18.39
CA GLY C 426 28.88 19.40 -17.30
C GLY C 426 27.40 19.29 -17.55
N ASP C 427 27.00 19.42 -18.82
CA ASP C 427 25.63 19.34 -19.30
C ASP C 427 25.09 17.91 -19.17
N ILE C 428 25.92 16.91 -19.53
CA ILE C 428 25.62 15.49 -19.43
C ILE C 428 25.41 15.18 -17.95
N VAL C 429 26.42 15.53 -17.11
CA VAL C 429 26.41 15.34 -15.67
C VAL C 429 25.20 16.01 -15.03
N TYR C 430 24.86 17.25 -15.43
CA TYR C 430 23.70 17.98 -14.91
C TYR C 430 22.39 17.26 -15.20
N THR C 431 22.14 16.91 -16.48
CA THR C 431 20.90 16.24 -16.91
C THR C 431 20.70 14.91 -16.19
N LEU C 432 21.77 14.09 -16.08
CA LEU C 432 21.68 12.79 -15.43
C LEU C 432 21.41 12.88 -13.91
N THR C 433 22.07 13.85 -13.22
CA THR C 433 22.00 14.01 -11.76
C THR C 433 20.96 15.01 -11.21
N ASN C 434 20.33 15.82 -12.07
CA ASN C 434 19.39 16.80 -11.54
C ASN C 434 18.09 16.14 -11.14
N ARG C 435 18.05 15.63 -9.88
CA ARG C 435 16.93 14.90 -9.29
C ARG C 435 16.54 15.42 -7.93
N ARG C 436 15.31 15.13 -7.48
CA ARG C 436 14.90 15.48 -6.12
C ARG C 436 15.50 14.38 -5.25
N TYR C 437 16.07 14.75 -4.08
CA TYR C 437 16.70 13.78 -3.20
C TYR C 437 15.80 12.60 -2.81
N LEU C 438 14.50 12.85 -2.57
CA LEU C 438 13.61 11.80 -2.09
C LEU C 438 12.80 11.06 -3.18
N GLU C 439 12.72 11.62 -4.39
CA GLU C 439 12.05 11.07 -5.57
C GLU C 439 12.95 9.97 -6.17
N LYS C 440 12.39 8.78 -6.46
CA LYS C 440 13.14 7.72 -7.16
C LYS C 440 12.83 7.81 -8.67
N CYS C 441 13.86 7.71 -9.52
CA CYS C 441 13.78 7.79 -10.99
C CYS C 441 14.22 6.53 -11.67
N ILE C 442 13.57 6.23 -12.79
CA ILE C 442 13.94 5.13 -13.67
C ILE C 442 14.71 5.76 -14.84
N ALA C 443 16.00 5.46 -14.95
CA ALA C 443 16.84 5.99 -16.01
C ALA C 443 16.85 5.06 -17.21
N TYR C 444 16.79 5.64 -18.40
CA TYR C 444 16.82 4.93 -19.67
C TYR C 444 17.45 5.81 -20.74
N ALA C 445 18.31 5.22 -21.57
CA ALA C 445 19.03 5.91 -22.64
C ALA C 445 18.11 6.27 -23.83
N GLU C 446 17.14 5.41 -24.12
CA GLU C 446 16.17 5.57 -25.21
C GLU C 446 14.83 4.88 -24.89
N SER C 447 13.71 5.53 -25.24
CA SER C 447 12.35 5.04 -24.99
C SER C 447 11.82 4.05 -26.03
N HIS C 448 10.63 3.50 -25.75
CA HIS C 448 9.95 2.64 -26.68
C HIS C 448 9.49 3.46 -27.93
N ASP C 449 9.16 4.75 -27.74
CA ASP C 449 8.74 5.66 -28.82
C ASP C 449 9.85 5.96 -29.84
N GLN C 450 11.10 5.95 -29.38
CA GLN C 450 12.29 6.15 -30.21
C GLN C 450 12.58 4.95 -31.12
N ALA C 451 12.04 3.77 -30.77
CA ALA C 451 12.24 2.54 -31.54
C ALA C 451 11.26 2.49 -32.73
N LEU C 452 10.22 3.34 -32.69
CA LEU C 452 9.21 3.39 -33.72
C LEU C 452 9.66 4.03 -35.03
N VAL C 453 8.86 3.77 -36.07
CA VAL C 453 8.98 4.29 -37.43
C VAL C 453 8.96 5.84 -37.37
N GLY C 454 9.75 6.47 -38.25
CA GLY C 454 9.87 7.92 -38.32
C GLY C 454 10.55 8.52 -37.11
N ASP C 455 11.51 7.76 -36.55
CA ASP C 455 12.31 8.11 -35.39
C ASP C 455 13.56 7.23 -35.43
N LYS C 456 14.62 7.64 -34.74
CA LYS C 456 15.89 6.91 -34.72
C LYS C 456 16.24 6.37 -33.33
N SER C 457 16.73 5.12 -33.30
CA SER C 457 17.26 4.44 -32.13
C SER C 457 18.66 5.03 -31.89
N LEU C 458 19.27 4.81 -30.72
CA LEU C 458 20.63 5.27 -30.47
C LEU C 458 21.61 4.66 -31.47
N ALA C 459 21.42 3.35 -31.77
CA ALA C 459 22.22 2.57 -32.72
C ALA C 459 22.18 3.18 -34.15
N PHE C 460 21.01 3.68 -34.61
CA PHE C 460 20.87 4.34 -35.93
C PHE C 460 21.40 5.80 -35.95
N TRP C 461 21.37 6.51 -34.81
CA TRP C 461 21.96 7.84 -34.69
C TRP C 461 23.50 7.70 -34.74
N LEU C 462 24.03 6.60 -34.19
CA LEU C 462 25.47 6.35 -34.07
C LEU C 462 26.14 5.74 -35.30
N MET C 463 25.42 4.84 -36.03
CA MET C 463 26.00 4.14 -37.18
C MET C 463 25.32 4.42 -38.53
N ASP C 464 24.07 4.92 -38.54
CA ASP C 464 23.33 5.25 -39.76
C ASP C 464 23.30 4.08 -40.77
N ALA C 465 23.67 4.32 -42.06
CA ALA C 465 23.72 3.32 -43.15
C ALA C 465 24.76 2.20 -42.93
N GLU C 466 25.85 2.49 -42.16
CA GLU C 466 26.92 1.54 -41.83
C GLU C 466 26.49 0.40 -40.86
N MET C 467 25.24 0.45 -40.37
CA MET C 467 24.59 -0.54 -39.52
C MET C 467 24.26 -1.75 -40.41
N TYR C 468 23.91 -1.50 -41.68
CA TYR C 468 23.51 -2.53 -42.65
C TYR C 468 24.66 -3.02 -43.53
N THR C 469 25.85 -2.39 -43.43
CA THR C 469 26.99 -2.83 -44.24
C THR C 469 28.12 -3.40 -43.39
N ASN C 470 28.45 -2.78 -42.24
CA ASN C 470 29.57 -3.21 -41.41
C ASN C 470 29.23 -3.78 -40.01
N MET C 471 28.05 -4.42 -39.86
CA MET C 471 27.74 -5.08 -38.58
C MET C 471 28.20 -6.54 -38.61
N SER C 472 28.76 -7.00 -39.75
CA SER C 472 29.32 -8.34 -39.92
C SER C 472 30.79 -8.30 -39.47
N VAL C 473 31.23 -9.32 -38.71
CA VAL C 473 32.62 -9.38 -38.24
C VAL C 473 33.58 -9.70 -39.44
N LEU C 474 33.01 -10.09 -40.61
CA LEU C 474 33.73 -10.35 -41.86
C LEU C 474 34.06 -9.03 -42.63
N THR C 475 33.35 -7.92 -42.32
CA THR C 475 33.57 -6.60 -42.94
C THR C 475 34.57 -5.76 -42.12
N PRO C 476 35.19 -4.70 -42.68
CA PRO C 476 36.17 -3.93 -41.88
C PRO C 476 35.54 -3.16 -40.71
N PHE C 477 36.25 -3.14 -39.54
CA PHE C 477 35.83 -2.43 -38.33
C PHE C 477 36.12 -0.93 -38.53
N THR C 478 35.29 -0.29 -39.38
CA THR C 478 35.36 1.12 -39.80
C THR C 478 35.37 2.07 -38.60
N PRO C 479 36.07 3.24 -38.67
CA PRO C 479 35.99 4.20 -37.56
C PRO C 479 34.56 4.61 -37.17
N VAL C 480 33.57 4.45 -38.09
CA VAL C 480 32.16 4.72 -37.79
C VAL C 480 31.62 3.63 -36.84
N ILE C 481 31.72 2.34 -37.27
CA ILE C 481 31.30 1.15 -36.51
C ILE C 481 32.04 1.09 -35.18
N ASP C 482 33.33 1.46 -35.16
CA ASP C 482 34.15 1.50 -33.95
C ASP C 482 33.55 2.52 -32.95
N ARG C 483 33.27 3.76 -33.41
CA ARG C 483 32.67 4.86 -32.65
C ARG C 483 31.25 4.52 -32.16
N GLY C 484 30.44 3.94 -33.04
CA GLY C 484 29.07 3.53 -32.72
C GLY C 484 29.03 2.54 -31.56
N ILE C 485 29.87 1.48 -31.63
CA ILE C 485 29.96 0.44 -30.61
C ILE C 485 30.40 1.02 -29.28
N GLN C 486 31.50 1.77 -29.28
CA GLN C 486 32.07 2.37 -28.09
C GLN C 486 31.11 3.33 -27.42
N LEU C 487 30.40 4.17 -28.20
CA LEU C 487 29.47 5.14 -27.61
C LEU C 487 28.16 4.53 -27.14
N HIS C 488 27.64 3.50 -27.84
CA HIS C 488 26.39 2.82 -27.45
C HIS C 488 26.54 2.28 -26.02
N LYS C 489 27.70 1.65 -25.75
CA LYS C 489 28.08 1.07 -24.45
C LYS C 489 28.21 2.14 -23.38
N MET C 490 28.95 3.22 -23.72
CA MET C 490 29.23 4.33 -22.83
C MET C 490 28.00 5.13 -22.43
N ILE C 491 27.11 5.47 -23.41
CA ILE C 491 25.82 6.16 -23.18
C ILE C 491 24.94 5.35 -22.18
N ARG C 492 24.84 4.02 -22.41
CA ARG C 492 24.08 3.12 -21.54
C ARG C 492 24.70 3.04 -20.17
N LEU C 493 26.04 2.85 -20.08
CA LEU C 493 26.72 2.75 -18.79
C LEU C 493 26.64 4.02 -17.93
N ILE C 494 26.72 5.24 -18.53
CA ILE C 494 26.65 6.48 -17.75
C ILE C 494 25.20 6.73 -17.31
N THR C 495 24.20 6.32 -18.14
CA THR C 495 22.77 6.44 -17.80
C THR C 495 22.47 5.48 -16.64
N HIS C 496 23.01 4.23 -16.73
CA HIS C 496 22.86 3.14 -15.75
C HIS C 496 23.51 3.52 -14.42
N GLY C 497 24.75 3.96 -14.47
CA GLY C 497 25.50 4.31 -13.27
C GLY C 497 25.17 5.62 -12.58
N LEU C 498 24.81 6.66 -13.33
CA LEU C 498 24.59 8.00 -12.80
C LEU C 498 23.15 8.55 -12.84
N GLY C 499 22.36 8.10 -13.83
CA GLY C 499 21.02 8.60 -14.13
C GLY C 499 19.85 8.43 -13.17
N GLY C 500 19.86 7.40 -12.34
CA GLY C 500 18.73 7.18 -11.45
C GLY C 500 18.86 6.07 -10.44
N GLU C 501 17.69 5.68 -9.90
CA GLU C 501 17.46 4.66 -8.84
C GLU C 501 16.88 3.33 -9.41
N GLY C 502 16.79 3.27 -10.72
CA GLY C 502 16.32 2.13 -11.46
C GLY C 502 16.76 2.29 -12.90
N TYR C 503 16.74 1.19 -13.67
CA TYR C 503 17.14 1.22 -15.09
C TYR C 503 16.09 0.56 -15.94
N LEU C 504 15.93 1.06 -17.16
CA LEU C 504 14.98 0.53 -18.13
C LEU C 504 15.64 0.40 -19.50
N ASN C 505 15.25 -0.67 -20.20
CA ASN C 505 15.70 -1.01 -21.54
C ASN C 505 14.50 -1.59 -22.30
N PHE C 506 14.18 -1.05 -23.50
CA PHE C 506 13.09 -1.63 -24.29
C PHE C 506 13.66 -2.85 -25.09
N MET C 507 12.84 -3.90 -25.41
CA MET C 507 13.33 -5.12 -26.10
C MET C 507 14.03 -4.86 -27.46
N GLY C 508 15.30 -5.27 -27.51
CA GLY C 508 16.18 -5.13 -28.67
C GLY C 508 17.30 -4.11 -28.52
N ASN C 509 17.03 -3.00 -27.85
CA ASN C 509 18.01 -1.94 -27.72
C ASN C 509 19.25 -2.35 -26.91
N GLU C 510 19.18 -3.44 -26.13
CA GLU C 510 20.32 -3.96 -25.35
C GLU C 510 21.49 -4.41 -26.25
N PHE C 511 21.19 -4.77 -27.50
CA PHE C 511 22.20 -5.20 -28.46
C PHE C 511 22.25 -4.25 -29.68
N GLY C 512 21.55 -3.13 -29.60
CA GLY C 512 21.51 -2.16 -30.68
C GLY C 512 20.77 -2.68 -31.90
N HIS C 513 19.53 -3.16 -31.69
CA HIS C 513 18.66 -3.74 -32.72
C HIS C 513 18.58 -2.84 -33.96
N PRO C 514 18.75 -3.41 -35.18
CA PRO C 514 18.69 -2.58 -36.39
C PRO C 514 17.27 -2.21 -36.78
N GLU C 515 17.12 -1.48 -37.88
CA GLU C 515 15.83 -1.06 -38.45
C GLU C 515 14.96 -0.32 -37.43
N TRP C 516 13.66 -0.55 -37.44
CA TRP C 516 12.73 0.11 -36.56
C TRP C 516 11.56 -0.81 -36.28
N LEU C 517 10.64 -0.31 -35.44
CA LEU C 517 9.43 -1.02 -35.07
C LEU C 517 8.24 -0.32 -35.71
N ASP C 518 7.32 -1.08 -36.29
CA ASP C 518 6.13 -0.55 -36.91
C ASP C 518 5.05 -1.61 -36.85
N PHE C 519 3.84 -1.21 -36.50
CA PHE C 519 2.72 -2.14 -36.37
C PHE C 519 1.83 -2.20 -37.61
N PRO C 520 1.17 -3.36 -37.89
CA PRO C 520 0.22 -3.40 -39.02
C PRO C 520 -0.89 -2.36 -38.88
N ARG C 521 -1.09 -1.56 -39.94
CA ARG C 521 -2.07 -0.48 -40.05
C ARG C 521 -2.33 -0.17 -41.53
N LYS C 522 -3.28 0.76 -41.82
CA LYS C 522 -3.64 1.19 -43.19
C LYS C 522 -2.38 1.61 -43.96
N GLY C 523 -1.61 2.53 -43.37
CA GLY C 523 -0.40 3.12 -43.91
C GLY C 523 0.76 2.22 -44.33
N ASN C 524 0.61 0.88 -44.17
CA ASN C 524 1.63 -0.11 -44.54
C ASN C 524 0.98 -1.40 -45.12
N ASN C 525 -0.35 -1.33 -45.42
CA ASN C 525 -1.20 -2.40 -45.96
C ASN C 525 -1.12 -3.64 -45.06
N GLU C 526 -1.26 -3.40 -43.73
CA GLU C 526 -1.23 -4.37 -42.62
C GLU C 526 0.07 -5.20 -42.59
N SER C 527 1.24 -4.54 -42.73
CA SER C 527 2.52 -5.24 -42.69
C SER C 527 3.02 -5.51 -41.26
N TYR C 528 3.45 -6.76 -41.03
CA TYR C 528 4.02 -7.21 -39.78
C TYR C 528 5.56 -7.32 -39.96
N HIS C 529 6.13 -6.83 -41.10
CA HIS C 529 7.57 -6.94 -41.36
C HIS C 529 8.44 -6.23 -40.32
N TYR C 530 7.91 -5.16 -39.71
CA TYR C 530 8.64 -4.44 -38.67
C TYR C 530 8.04 -4.65 -37.27
N ALA C 531 6.90 -5.37 -37.17
CA ALA C 531 6.22 -5.73 -35.92
C ALA C 531 6.79 -7.06 -35.37
N ARG C 532 8.13 -7.07 -35.15
CA ARG C 532 8.88 -8.24 -34.70
C ARG C 532 10.21 -7.81 -34.07
N ARG C 533 10.98 -8.80 -33.55
CA ARG C 533 12.29 -8.58 -32.95
C ARG C 533 13.25 -9.69 -33.39
N GLN C 534 14.36 -9.28 -34.00
CA GLN C 534 15.41 -10.15 -34.54
C GLN C 534 16.41 -10.56 -33.44
N PHE C 535 15.96 -11.38 -32.46
CA PHE C 535 16.79 -11.80 -31.33
C PHE C 535 17.95 -12.71 -31.70
N HIS C 536 17.87 -13.36 -32.87
CA HIS C 536 18.87 -14.30 -33.39
C HIS C 536 20.18 -13.62 -33.70
N LEU C 537 20.15 -12.28 -33.92
CA LEU C 537 21.32 -11.45 -34.25
C LEU C 537 22.43 -11.55 -33.23
N THR C 538 22.08 -11.79 -31.95
CA THR C 538 23.04 -11.93 -30.84
C THR C 538 23.66 -13.32 -30.76
N ASP C 539 22.98 -14.32 -31.35
CA ASP C 539 23.41 -15.72 -31.37
C ASP C 539 24.29 -16.01 -32.61
N ASP C 540 24.34 -15.03 -33.54
CA ASP C 540 25.12 -15.09 -34.78
C ASP C 540 26.55 -14.62 -34.49
N ASP C 541 27.47 -15.60 -34.44
CA ASP C 541 28.89 -15.38 -34.16
C ASP C 541 29.60 -14.58 -35.27
N LEU C 542 28.96 -14.49 -36.47
CA LEU C 542 29.45 -13.75 -37.65
C LEU C 542 29.06 -12.26 -37.64
N LEU C 543 28.31 -11.82 -36.60
CA LEU C 543 27.82 -10.45 -36.45
C LEU C 543 28.37 -9.77 -35.19
N ARG C 544 28.36 -8.43 -35.19
CA ARG C 544 28.90 -7.57 -34.13
C ARG C 544 27.88 -7.17 -33.02
N TYR C 545 26.58 -7.56 -33.17
CA TYR C 545 25.52 -7.34 -32.17
C TYR C 545 25.84 -8.05 -30.86
N LYS C 546 26.54 -9.21 -30.95
CA LYS C 546 26.98 -10.00 -29.80
C LYS C 546 27.78 -9.16 -28.80
N PHE C 547 28.58 -8.19 -29.30
CA PHE C 547 29.42 -7.30 -28.49
C PHE C 547 28.61 -6.36 -27.62
N LEU C 548 27.54 -5.75 -28.18
CA LEU C 548 26.65 -4.83 -27.45
C LEU C 548 25.78 -5.60 -26.42
N ASN C 549 25.47 -6.87 -26.73
CA ASN C 549 24.68 -7.76 -25.89
C ASN C 549 25.49 -8.20 -24.68
N ASN C 550 26.76 -8.58 -24.91
CA ASN C 550 27.71 -9.02 -23.87
C ASN C 550 27.93 -7.93 -22.85
N PHE C 551 28.05 -6.68 -23.35
CA PHE C 551 28.20 -5.50 -22.52
C PHE C 551 26.98 -5.30 -21.59
N ASP C 552 25.75 -5.42 -22.13
CA ASP C 552 24.52 -5.27 -21.36
C ASP C 552 24.42 -6.30 -20.24
N ARG C 553 24.63 -7.58 -20.59
CA ARG C 553 24.61 -8.67 -19.65
C ARG C 553 25.55 -8.42 -18.48
N ASP C 554 26.80 -8.00 -18.77
CA ASP C 554 27.82 -7.78 -17.74
C ASP C 554 27.61 -6.49 -16.95
N MET C 555 26.95 -5.49 -17.56
CA MET C 555 26.63 -4.23 -16.91
C MET C 555 25.57 -4.50 -15.82
N ASN C 556 24.51 -5.27 -16.17
CA ASN C 556 23.46 -5.62 -15.22
C ASN C 556 23.93 -6.58 -14.14
N ARG C 557 24.81 -7.54 -14.49
CA ARG C 557 25.36 -8.50 -13.54
C ARG C 557 26.29 -7.83 -12.52
N LEU C 558 27.01 -6.79 -12.97
CA LEU C 558 27.88 -6.03 -12.09
C LEU C 558 27.03 -5.19 -11.14
N GLU C 559 25.89 -4.63 -11.66
CA GLU C 559 24.95 -3.85 -10.88
C GLU C 559 24.39 -4.76 -9.80
N GLU C 560 23.96 -6.00 -10.15
CA GLU C 560 23.44 -6.97 -9.19
C GLU C 560 24.41 -7.16 -8.00
N ARG C 561 25.72 -7.29 -8.30
CA ARG C 561 26.79 -7.50 -7.34
C ARG C 561 27.06 -6.29 -6.44
N TYR C 562 27.08 -5.06 -7.00
CA TYR C 562 27.48 -3.85 -6.24
C TYR C 562 26.37 -2.88 -5.85
N GLY C 563 25.24 -2.95 -6.54
CA GLY C 563 24.05 -2.16 -6.24
C GLY C 563 24.18 -0.66 -6.29
N TRP C 564 24.77 -0.12 -7.39
CA TRP C 564 24.90 1.33 -7.52
C TRP C 564 23.55 2.04 -7.64
N LEU C 565 22.53 1.41 -8.30
CA LEU C 565 21.18 1.98 -8.46
C LEU C 565 20.50 2.28 -7.12
N ALA C 566 20.72 1.41 -6.10
CA ALA C 566 20.17 1.57 -4.74
C ALA C 566 21.03 2.50 -3.85
N ALA C 567 22.25 2.78 -4.30
CA ALA C 567 23.20 3.60 -3.57
C ALA C 567 22.85 5.06 -3.64
N PRO C 568 23.39 5.91 -2.71
CA PRO C 568 23.11 7.35 -2.81
C PRO C 568 23.66 7.93 -4.11
N GLN C 569 23.25 9.15 -4.44
CA GLN C 569 23.69 9.79 -5.67
C GLN C 569 25.19 9.89 -5.73
N ALA C 570 25.78 9.62 -6.91
CA ALA C 570 27.24 9.64 -7.11
C ALA C 570 27.97 10.93 -6.69
N TYR C 571 29.24 10.81 -6.30
CA TYR C 571 30.09 11.95 -6.01
C TYR C 571 30.90 12.17 -7.30
N VAL C 572 30.62 13.26 -8.04
CA VAL C 572 31.32 13.55 -9.29
C VAL C 572 32.57 14.36 -8.99
N SER C 573 33.74 13.78 -9.26
CA SER C 573 35.03 14.42 -9.00
C SER C 573 35.57 15.20 -10.23
N GLU C 574 35.19 14.78 -11.45
CA GLU C 574 35.66 15.40 -12.68
C GLU C 574 34.61 15.38 -13.79
N LYS C 575 34.44 16.54 -14.45
CA LYS C 575 33.62 16.76 -15.64
C LYS C 575 34.40 17.80 -16.45
N HIS C 576 35.58 17.34 -16.93
CA HIS C 576 36.60 18.08 -17.69
C HIS C 576 36.17 18.36 -19.12
N GLU C 577 35.98 19.63 -19.44
CA GLU C 577 35.53 20.04 -20.76
C GLU C 577 36.57 19.86 -21.86
N GLY C 578 37.85 20.09 -21.52
CA GLY C 578 38.94 19.96 -22.47
C GLY C 578 39.26 18.53 -22.83
N ASN C 579 39.55 17.72 -21.80
CA ASN C 579 39.90 16.29 -21.89
C ASN C 579 38.72 15.37 -22.25
N LYS C 580 37.47 15.81 -22.00
CA LYS C 580 36.23 15.05 -22.20
C LYS C 580 36.25 13.80 -21.27
N ILE C 581 36.48 14.07 -19.97
CA ILE C 581 36.55 13.08 -18.91
C ILE C 581 35.46 13.31 -17.86
N ILE C 582 34.67 12.26 -17.58
CA ILE C 582 33.70 12.27 -16.49
C ILE C 582 34.19 11.21 -15.49
N ALA C 583 34.39 11.59 -14.24
CA ALA C 583 34.82 10.69 -13.18
C ALA C 583 33.95 10.83 -11.94
N PHE C 584 33.44 9.70 -11.41
CA PHE C 584 32.57 9.67 -10.22
C PHE C 584 32.66 8.37 -9.45
N GLU C 585 32.15 8.38 -8.22
CA GLU C 585 32.09 7.21 -7.35
C GLU C 585 30.66 6.97 -6.93
N ARG C 586 30.19 5.73 -7.13
CA ARG C 586 28.86 5.36 -6.66
C ARG C 586 28.94 3.94 -6.11
N ALA C 587 28.44 3.75 -4.88
CA ALA C 587 28.46 2.47 -4.13
C ALA C 587 29.90 1.97 -3.88
N GLY C 588 30.83 2.92 -3.75
CA GLY C 588 32.24 2.62 -3.53
C GLY C 588 33.06 2.40 -4.80
N LEU C 589 32.40 2.11 -5.94
CA LEU C 589 33.05 1.88 -7.21
C LEU C 589 33.46 3.21 -7.81
N LEU C 590 34.53 3.20 -8.61
CA LEU C 590 35.05 4.36 -9.31
C LEU C 590 34.76 4.21 -10.79
N PHE C 591 33.97 5.14 -11.35
CA PHE C 591 33.57 5.19 -12.76
C PHE C 591 34.35 6.28 -13.48
N ILE C 592 35.07 5.92 -14.57
CA ILE C 592 35.87 6.84 -15.40
C ILE C 592 35.40 6.68 -16.83
N PHE C 593 35.04 7.81 -17.48
CA PHE C 593 34.58 7.86 -18.87
C PHE C 593 35.40 8.84 -19.67
N ASN C 594 35.99 8.37 -20.79
CA ASN C 594 36.76 9.18 -21.73
C ASN C 594 35.94 9.35 -23.03
N PHE C 595 35.17 10.43 -23.13
CA PHE C 595 34.37 10.73 -24.30
C PHE C 595 35.16 11.46 -25.39
N HIS C 596 36.48 11.66 -25.19
CA HIS C 596 37.31 12.35 -26.19
C HIS C 596 37.37 11.54 -27.48
N PRO C 597 37.03 12.16 -28.65
CA PRO C 597 37.05 11.41 -29.92
C PRO C 597 38.42 10.90 -30.40
N SER C 598 39.56 11.40 -29.86
CA SER C 598 40.87 10.96 -30.32
C SER C 598 41.93 10.74 -29.24
N LYS C 599 42.01 11.59 -28.21
CA LYS C 599 43.03 11.49 -27.16
C LYS C 599 42.85 10.37 -26.13
N SER C 600 43.98 9.72 -25.73
CA SER C 600 44.09 8.72 -24.65
C SER C 600 44.92 9.36 -23.54
N TYR C 601 44.68 9.01 -22.28
CA TYR C 601 45.40 9.65 -21.17
C TYR C 601 46.14 8.68 -20.25
N THR C 602 47.49 8.75 -20.31
CA THR C 602 48.38 7.94 -19.48
C THR C 602 48.69 8.71 -18.19
N ASP C 603 48.73 7.99 -17.06
CA ASP C 603 48.99 8.52 -15.72
C ASP C 603 48.02 9.66 -15.33
N TYR C 604 46.73 9.54 -15.76
CA TYR C 604 45.66 10.52 -15.50
C TYR C 604 45.20 10.39 -14.06
N ARG C 605 45.29 11.47 -13.26
CA ARG C 605 44.90 11.41 -11.85
C ARG C 605 43.36 11.54 -11.64
N VAL C 606 42.81 10.56 -10.91
CA VAL C 606 41.41 10.38 -10.58
C VAL C 606 41.30 10.37 -9.06
N GLY C 607 40.35 11.11 -8.51
CA GLY C 607 40.19 11.21 -7.05
C GLY C 607 39.26 10.18 -6.45
N THR C 608 39.71 9.58 -5.31
CA THR C 608 38.96 8.56 -4.55
C THR C 608 38.70 9.04 -3.12
N ALA C 609 37.67 8.47 -2.45
CA ALA C 609 37.30 8.85 -1.09
C ALA C 609 38.19 8.17 -0.06
N LEU C 610 38.67 6.96 -0.40
CA LEU C 610 39.49 6.15 0.48
C LEU C 610 40.77 5.66 -0.18
N PRO C 611 41.85 5.46 0.60
CA PRO C 611 43.08 4.94 0.00
C PRO C 611 42.99 3.44 -0.23
N GLY C 612 43.89 2.91 -1.07
CA GLY C 612 43.91 1.48 -1.29
C GLY C 612 44.17 0.96 -2.69
N LYS C 613 44.21 -0.40 -2.79
CA LYS C 613 44.42 -1.18 -3.99
C LYS C 613 43.10 -1.20 -4.74
N PHE C 614 43.13 -0.67 -5.99
CA PHE C 614 42.01 -0.54 -6.92
C PHE C 614 42.22 -1.48 -8.10
N LYS C 615 41.17 -2.26 -8.43
CA LYS C 615 41.19 -3.21 -9.54
C LYS C 615 40.03 -2.97 -10.52
N ILE C 616 40.28 -3.22 -11.83
CA ILE C 616 39.26 -3.06 -12.87
C ILE C 616 38.20 -4.15 -12.76
N VAL C 617 36.93 -3.76 -12.49
CA VAL C 617 35.79 -4.67 -12.39
C VAL C 617 34.98 -4.69 -13.69
N LEU C 618 35.09 -3.63 -14.50
CA LEU C 618 34.47 -3.50 -15.82
C LEU C 618 35.30 -2.58 -16.70
N ASP C 619 35.58 -3.03 -17.95
CA ASP C 619 36.34 -2.32 -18.95
C ASP C 619 35.61 -2.45 -20.28
N SER C 620 35.08 -1.35 -20.82
CA SER C 620 34.36 -1.37 -22.10
C SER C 620 35.29 -1.67 -23.27
N ASP C 621 36.61 -1.59 -23.00
CA ASP C 621 37.64 -1.87 -24.01
C ASP C 621 38.00 -3.36 -24.12
N ALA C 622 37.30 -4.24 -23.36
CA ALA C 622 37.51 -5.68 -23.44
C ALA C 622 37.07 -6.18 -24.84
N ALA C 623 37.74 -7.24 -25.32
CA ALA C 623 37.47 -7.80 -26.65
C ALA C 623 36.03 -8.30 -26.80
N GLU C 624 35.46 -8.91 -25.72
CA GLU C 624 34.11 -9.47 -25.68
C GLU C 624 33.02 -8.42 -25.89
N TYR C 625 33.36 -7.13 -25.74
CA TYR C 625 32.45 -5.99 -25.95
C TYR C 625 32.75 -5.24 -27.24
N GLY C 626 33.74 -5.68 -28.02
CA GLY C 626 34.09 -5.02 -29.26
C GLY C 626 35.08 -3.89 -29.06
N GLY C 627 35.95 -4.09 -28.06
CA GLY C 627 37.04 -3.20 -27.67
C GLY C 627 38.33 -3.57 -28.37
N HIS C 628 39.48 -3.06 -27.87
CA HIS C 628 40.81 -3.32 -28.43
C HIS C 628 41.80 -3.77 -27.31
N GLN C 629 41.29 -4.51 -26.30
CA GLN C 629 41.97 -5.02 -25.10
C GLN C 629 43.33 -4.34 -24.88
N ARG C 630 43.27 -3.02 -24.63
CA ARG C 630 44.43 -2.17 -24.42
C ARG C 630 44.87 -2.20 -22.94
N LEU C 631 43.99 -2.69 -22.07
CA LEU C 631 44.22 -2.69 -20.61
C LEU C 631 44.45 -4.05 -20.00
N ASP C 632 45.43 -4.12 -19.06
CA ASP C 632 45.81 -5.32 -18.30
C ASP C 632 45.15 -5.29 -16.94
N HIS C 633 44.30 -6.30 -16.68
CA HIS C 633 43.49 -6.36 -15.46
C HIS C 633 44.29 -6.77 -14.20
N SER C 634 45.52 -7.31 -14.37
CA SER C 634 46.41 -7.69 -13.26
C SER C 634 47.03 -6.47 -12.54
N THR C 635 46.93 -5.27 -13.15
CA THR C 635 47.48 -4.02 -12.64
C THR C 635 46.78 -3.58 -11.36
N ASP C 636 47.57 -3.17 -10.35
CA ASP C 636 47.05 -2.64 -9.08
C ASP C 636 47.20 -1.13 -9.10
N PHE C 637 46.07 -0.42 -8.95
CA PHE C 637 46.02 1.03 -8.97
C PHE C 637 45.94 1.50 -7.53
N PHE C 638 46.94 2.24 -7.07
CA PHE C 638 46.91 2.66 -5.68
C PHE C 638 46.50 4.11 -5.52
N SER C 639 45.49 4.32 -4.65
CA SER C 639 45.01 5.65 -4.31
C SER C 639 45.79 6.06 -3.06
N GLU C 640 46.90 6.77 -3.27
CA GLU C 640 47.78 7.26 -2.22
C GLU C 640 47.16 8.51 -1.59
N ALA C 641 47.66 8.95 -0.41
CA ALA C 641 47.17 10.16 0.22
C ALA C 641 47.72 11.41 -0.50
N PHE C 642 46.99 11.87 -1.52
CA PHE C 642 47.30 13.05 -2.34
C PHE C 642 45.99 13.70 -2.83
N GLU C 643 45.71 14.93 -2.38
CA GLU C 643 44.50 15.67 -2.76
C GLU C 643 44.43 15.91 -4.29
N HIS C 644 43.25 15.68 -4.87
CA HIS C 644 42.98 15.87 -6.29
C HIS C 644 41.48 15.99 -6.49
N ASN C 645 41.07 17.08 -7.19
CA ASN C 645 39.69 17.44 -7.54
C ASN C 645 38.69 17.32 -6.35
N GLY C 646 39.14 17.77 -5.17
CA GLY C 646 38.36 17.79 -3.93
C GLY C 646 38.25 16.47 -3.18
N ARG C 647 39.20 15.55 -3.42
CA ARG C 647 39.24 14.23 -2.79
C ARG C 647 40.53 14.01 -1.97
N PRO C 648 40.41 13.59 -0.68
CA PRO C 648 41.62 13.37 0.14
C PRO C 648 42.69 12.44 -0.47
N TYR C 649 42.25 11.42 -1.24
CA TYR C 649 43.14 10.45 -1.89
C TYR C 649 42.95 10.48 -3.41
N SER C 650 43.93 9.93 -4.14
CA SER C 650 43.89 9.86 -5.60
C SER C 650 44.91 8.87 -6.16
N LEU C 651 44.57 8.29 -7.33
CA LEU C 651 45.36 7.32 -8.10
C LEU C 651 45.51 7.78 -9.54
N LEU C 652 46.47 7.19 -10.26
CA LEU C 652 46.72 7.47 -11.68
C LEU C 652 46.19 6.27 -12.50
N VAL C 653 45.74 6.52 -13.76
CA VAL C 653 45.12 5.50 -14.63
C VAL C 653 45.38 5.73 -16.16
N TYR C 654 45.30 4.65 -16.95
CA TYR C 654 45.38 4.73 -18.40
C TYR C 654 43.97 4.55 -18.92
N ILE C 655 43.42 5.60 -19.55
CA ILE C 655 42.06 5.60 -20.08
C ILE C 655 42.07 5.96 -21.58
N PRO C 656 41.96 4.95 -22.46
CA PRO C 656 41.96 5.24 -23.91
C PRO C 656 40.70 6.00 -24.38
N SER C 657 40.75 6.59 -25.59
CA SER C 657 39.65 7.33 -26.19
C SER C 657 38.45 6.40 -26.35
N ARG C 658 37.24 6.90 -25.99
CA ARG C 658 35.95 6.20 -26.05
C ARG C 658 36.00 4.85 -25.29
N VAL C 659 36.49 4.91 -24.03
CA VAL C 659 36.61 3.79 -23.09
C VAL C 659 36.01 4.24 -21.74
N ALA C 660 35.22 3.34 -21.12
CA ALA C 660 34.62 3.50 -19.81
C ALA C 660 35.21 2.42 -18.89
N LEU C 661 35.55 2.78 -17.66
CA LEU C 661 36.13 1.87 -16.68
C LEU C 661 35.41 1.93 -15.35
N ILE C 662 35.28 0.77 -14.69
CA ILE C 662 34.72 0.69 -13.33
C ILE C 662 35.80 0.00 -12.50
N LEU C 663 36.19 0.62 -11.39
CA LEU C 663 37.24 0.16 -10.49
C LEU C 663 36.77 -0.04 -9.07
N GLN C 664 37.28 -1.10 -8.40
CA GLN C 664 36.92 -1.48 -7.03
C GLN C 664 38.08 -1.38 -5.97
N ASN C 665 37.78 -0.72 -4.81
CA ASN C 665 38.67 -0.59 -3.65
C ASN C 665 38.61 -1.92 -2.90
N VAL C 666 39.58 -2.81 -3.20
CA VAL C 666 39.67 -4.17 -2.63
C VAL C 666 40.21 -4.18 -1.14
N ASP C 667 39.88 -3.13 -0.34
CA ASP C 667 40.26 -3.06 1.08
C ASP C 667 39.05 -2.94 2.06
#